data_5J44
#
_entry.id   5J44
#
_cell.length_a   143.520
_cell.length_b   143.520
_cell.length_c   269.250
_cell.angle_alpha   90.00
_cell.angle_beta   90.00
_cell.angle_gamma   120.00
#
_symmetry.space_group_name_H-M   'P 32 2 1'
#
loop_
_entity.id
_entity.type
_entity.pdbx_description
1 polymer 'Serine protease SepA autotransporter'
2 non-polymer '4-(2-HYDROXYETHYL)-1-PIPERAZINE ETHANESULFONIC ACID'
3 water water
#
_entity_poly.entity_id   1
_entity_poly.type   'polypeptide(L)'
_entity_poly.pdbx_seq_one_letter_code
;ATVSAEIPYQIFRDFAENKGQFTPGTTNISIYDKQGNLVGKLDKAPMADFSSATITTGSLPPGDHTLYSPQYVVTAKHVS
GSDTMSFGYAKNTYTAVGTNNNSGLDIKTRRLSKLVTEVAPAEVSDIGAVSGAYQAGGRFTEFYRLGGGMQYVKDKNGNR
TQVYTNGGFLVGGTVSALNSYNNGQMITAQTGDIFNPANGPLANYLNMGDSGSPLFAYDSLQKKWVLIGVLSSGTNYGNN
WVVTTQDFLGQQPQNDFDKTIAYTSGEGVLQWKYDAANGTGTLTQGNTTWDMHGKKGNDLNAGKNLLFTGNNGEVVLQNS
VNQGAGYLQFAGDYRVSALNGQTWMGGGIITDKGTHVLWQVNGVAGDNLHKTGEGTLTVNGTGVNAGGLKVGDGTVILNQ
QADADGKVQAFSSVGIASGRPTVVLSDSQQVNPDNISWGYRGGRLELNGNNLTFTRLQAADYGAIITNNSEKKSTVTLDL
QTLKASDINVPVNTVSIFGGRGAPGDLYYDSSTKQYFILKASSYSPFFSDLNNSSVWQNVGKDRNKAIDTVKQQKIEASS
QPYMYHGQLNGNMDVNIPQLSGKDVLALDGSVNLPEGSITKKSGTLIFQGHPVIHAGTTTSSSQSDWETRQFTLEKLKLD
AATFHLSRNGKMQGDINATNGSTVILGSSRVFTDRSDGTGNAVSSVEGSATATTVGDQSDYSGNVTLENKSSLQIMERFT
GGIEAYDSTVSVTSQNAVFDRVGSFVNSSLTLGKGAKLTAQSGIFSTGAVDVKENASLTLTGMPSAQKQGYYSPVISTTE
GINLEDNASFSVKNMGYLSSDIHAGTTAATINLGDSDADAGKTDSPLFSSLMKGYNAVLRGSITGAQSTVNMINALWYSD
GKSEAGALKAKGSRIELGDGKHFATLQVKELSADNTTFLMHTNNSRADQLNVTDKLSGSNNSVLVDFLNKPASEMSVTLI
TAPKGSDEKTFTAGTQQIGFSNVTPVISTEKTDDATKWVLTGYQTTADAGASKAAKDFMASGYKSFLTEVNNL
;
_entity_poly.pdbx_strand_id   A,B
#
# COMPACT_ATOMS: atom_id res chain seq x y z
N ALA A 1 1.74 11.94 15.67
CA ALA A 1 1.83 10.78 14.79
C ALA A 1 1.98 11.22 13.33
N THR A 2 2.03 12.53 13.12
CA THR A 2 2.38 13.10 11.81
C THR A 2 3.81 13.63 11.91
N VAL A 3 4.67 13.13 11.03
CA VAL A 3 6.09 13.45 11.07
C VAL A 3 6.54 13.92 9.69
N SER A 4 7.78 14.42 9.64
CA SER A 4 8.32 14.92 8.38
C SER A 4 8.49 13.80 7.38
N ALA A 5 8.15 14.08 6.11
CA ALA A 5 8.35 13.13 5.03
C ALA A 5 9.76 13.20 4.45
N GLU A 6 10.55 14.20 4.82
CA GLU A 6 11.92 14.33 4.33
C GLU A 6 12.92 13.57 5.18
N ILE A 7 12.49 12.96 6.27
CA ILE A 7 13.36 12.16 7.14
C ILE A 7 12.96 10.70 6.99
N PRO A 8 13.92 9.77 6.90
CA PRO A 8 13.57 8.35 6.79
C PRO A 8 12.66 7.90 7.92
N TYR A 9 11.51 7.31 7.54
CA TYR A 9 10.47 7.00 8.51
C TYR A 9 10.93 6.01 9.57
N GLN A 10 11.86 5.13 9.23
CA GLN A 10 12.37 4.16 10.19
C GLN A 10 12.99 4.83 11.41
N ILE A 11 13.47 6.06 11.27
CA ILE A 11 14.06 6.77 12.39
C ILE A 11 13.01 7.02 13.47
N PHE A 12 11.82 7.45 13.08
CA PHE A 12 10.76 7.75 14.04
C PHE A 12 10.30 6.50 14.77
N ARG A 13 10.47 5.32 14.19
CA ARG A 13 10.11 4.08 14.86
C ARG A 13 11.23 3.56 15.76
N ASP A 14 12.48 3.66 15.30
CA ASP A 14 13.62 3.29 16.15
C ASP A 14 13.71 4.21 17.35
N PHE A 15 13.49 5.52 17.14
CA PHE A 15 13.40 6.46 18.26
C PHE A 15 12.33 6.02 19.25
N ALA A 16 11.22 5.50 18.74
CA ALA A 16 10.11 5.09 19.60
C ALA A 16 10.47 3.87 20.43
N GLU A 17 10.95 2.80 19.79
CA GLU A 17 11.19 1.54 20.45
C GLU A 17 12.61 1.41 20.99
N ASN A 18 13.37 2.50 21.05
CA ASN A 18 14.74 2.50 21.59
C ASN A 18 15.62 1.48 20.86
N LYS A 19 15.44 1.37 19.55
CA LYS A 19 16.21 0.46 18.72
C LYS A 19 17.11 1.25 17.77
N GLY A 20 17.95 0.52 17.04
CA GLY A 20 18.90 1.17 16.17
C GLY A 20 19.92 1.96 16.94
N GLN A 21 20.20 3.18 16.48
CA GLN A 21 21.13 4.08 17.14
C GLN A 21 20.48 4.89 18.25
N PHE A 22 19.30 4.49 18.73
CA PHE A 22 18.57 5.20 19.75
C PHE A 22 18.45 4.37 21.04
N THR A 23 19.52 3.67 21.40
CA THR A 23 19.53 2.95 22.65
C THR A 23 19.65 3.95 23.82
N PRO A 24 18.99 3.69 24.94
CA PRO A 24 18.97 4.67 26.04
C PRO A 24 20.37 5.04 26.50
N GLY A 25 20.61 6.34 26.65
CA GLY A 25 21.88 6.88 27.07
C GLY A 25 22.70 7.51 25.95
N THR A 26 22.50 7.05 24.72
CA THR A 26 23.28 7.56 23.59
C THR A 26 23.10 9.07 23.45
N THR A 27 24.21 9.75 23.19
CA THR A 27 24.24 11.20 23.12
C THR A 27 24.71 11.67 21.75
N ASN A 28 24.34 12.91 21.42
CA ASN A 28 24.75 13.59 20.19
C ASN A 28 24.45 12.74 18.96
N ILE A 29 23.17 12.41 18.80
CA ILE A 29 22.71 11.64 17.65
C ILE A 29 22.33 12.61 16.54
N SER A 30 23.02 12.51 15.41
CA SER A 30 22.70 13.35 14.26
C SER A 30 21.53 12.75 13.48
N ILE A 31 20.71 13.62 12.91
CA ILE A 31 19.52 13.23 12.18
C ILE A 31 19.63 13.76 10.76
N TYR A 32 19.41 12.88 9.79
CA TYR A 32 19.71 13.17 8.40
C TYR A 32 18.47 13.05 7.53
N ASP A 33 18.53 13.71 6.37
CA ASP A 33 17.46 13.67 5.39
C ASP A 33 17.34 12.27 4.77
N LYS A 34 16.31 12.12 3.92
CA LYS A 34 16.28 10.98 3.02
C LYS A 34 17.43 11.03 2.03
N GLN A 35 17.86 12.24 1.66
CA GLN A 35 18.98 12.42 0.73
C GLN A 35 20.33 12.38 1.42
N GLY A 36 20.38 12.61 2.73
CA GLY A 36 21.62 12.50 3.49
C GLY A 36 22.07 13.76 4.18
N ASN A 37 21.38 14.89 4.01
CA ASN A 37 21.82 16.14 4.62
C ASN A 37 21.37 16.22 6.07
N LEU A 38 22.06 17.07 6.84
CA LEU A 38 21.83 17.15 8.28
C LEU A 38 20.60 18.00 8.59
N VAL A 39 19.70 17.44 9.39
CA VAL A 39 18.51 18.16 9.84
C VAL A 39 18.72 18.78 11.21
N GLY A 40 19.26 18.01 12.15
CA GLY A 40 19.53 18.51 13.48
C GLY A 40 20.22 17.44 14.30
N LYS A 41 20.61 17.82 15.51
CA LYS A 41 21.30 16.93 16.43
C LYS A 41 20.47 16.72 17.69
N LEU A 42 20.45 15.48 18.17
CA LEU A 42 19.81 15.15 19.45
C LEU A 42 20.88 15.26 20.55
N ASP A 43 21.33 16.49 20.77
CA ASP A 43 22.41 16.77 21.70
C ASP A 43 21.99 17.45 23.00
N LYS A 44 20.75 17.96 23.08
CA LYS A 44 20.34 18.68 24.28
C LYS A 44 20.29 17.77 25.51
N ALA A 45 20.10 16.47 25.32
CA ALA A 45 20.00 15.53 26.42
C ALA A 45 20.28 14.13 25.89
N PRO A 46 20.69 13.20 26.76
CA PRO A 46 20.87 11.83 26.30
C PRO A 46 19.54 11.18 25.94
N MET A 47 19.63 10.06 25.24
CA MET A 47 18.43 9.35 24.81
C MET A 47 17.66 8.82 26.01
N ALA A 48 16.34 8.98 25.97
CA ALA A 48 15.49 8.56 27.06
C ALA A 48 15.04 7.10 26.87
N ASP A 49 14.61 6.49 27.96
CA ASP A 49 14.13 5.11 27.95
C ASP A 49 12.61 5.13 27.94
N PHE A 50 12.02 4.75 26.81
CA PHE A 50 10.59 4.77 26.61
C PHE A 50 9.91 3.47 26.99
N SER A 51 10.64 2.53 27.60
CA SER A 51 10.08 1.21 27.90
C SER A 51 8.96 1.27 28.93
N SER A 52 8.81 2.37 29.66
CA SER A 52 7.72 2.47 30.61
C SER A 52 6.36 2.61 29.93
N ALA A 53 6.35 3.00 28.65
CA ALA A 53 5.12 3.05 27.89
C ALA A 53 4.79 1.68 27.29
N THR A 54 3.50 1.43 27.11
CA THR A 54 3.05 0.12 26.66
C THR A 54 3.49 -0.14 25.22
N ILE A 55 4.03 -1.35 24.98
CA ILE A 55 4.31 -1.78 23.62
C ILE A 55 3.05 -2.28 22.94
N THR A 56 2.02 -2.62 23.70
CA THR A 56 0.78 -3.17 23.18
C THR A 56 -0.29 -3.01 24.25
N THR A 57 -1.49 -2.60 23.83
CA THR A 57 -2.60 -2.36 24.76
C THR A 57 -3.83 -3.14 24.34
N GLY A 58 -3.65 -4.32 23.75
CA GLY A 58 -4.78 -5.13 23.31
C GLY A 58 -5.55 -4.47 22.21
N SER A 59 -6.85 -4.25 22.42
CA SER A 59 -7.67 -3.57 21.43
C SER A 59 -7.31 -2.10 21.30
N LEU A 60 -6.65 -1.51 22.30
CA LEU A 60 -6.25 -0.11 22.23
C LEU A 60 -4.92 0.03 21.50
N PRO A 61 -4.64 1.20 20.92
CA PRO A 61 -3.36 1.39 20.24
C PRO A 61 -2.22 1.41 21.24
N PRO A 62 -1.01 1.08 20.81
CA PRO A 62 0.13 1.08 21.73
C PRO A 62 0.46 2.49 22.21
N GLY A 63 1.09 2.55 23.38
CA GLY A 63 1.46 3.82 23.98
C GLY A 63 0.34 4.52 24.73
N ASP A 64 -0.81 3.88 24.90
CA ASP A 64 -1.92 4.53 25.57
C ASP A 64 -1.64 4.74 27.06
N HIS A 65 -0.92 3.81 27.68
CA HIS A 65 -0.69 3.83 29.12
C HIS A 65 0.81 3.87 29.40
N THR A 66 1.16 4.39 30.57
CA THR A 66 2.54 4.56 30.95
C THR A 66 2.73 4.15 32.41
N LEU A 67 3.69 3.27 32.65
CA LEU A 67 3.96 2.79 34.00
C LEU A 67 4.73 3.85 34.77
N TYR A 68 4.18 4.28 35.92
CA TYR A 68 4.85 5.23 36.79
C TYR A 68 5.13 4.67 38.18
N SER A 69 4.44 3.61 38.57
CA SER A 69 4.68 2.86 39.79
C SER A 69 4.67 1.38 39.44
N PRO A 70 5.40 0.54 40.19
CA PRO A 70 5.51 -0.89 39.83
C PRO A 70 4.21 -1.59 39.48
N GLN A 71 3.07 -1.05 39.92
CA GLN A 71 1.78 -1.69 39.69
C GLN A 71 0.75 -0.77 39.05
N TYR A 72 1.07 0.50 38.82
CA TYR A 72 0.08 1.48 38.37
C TYR A 72 0.54 2.15 37.09
N VAL A 73 -0.42 2.44 36.21
CA VAL A 73 -0.17 3.12 34.94
C VAL A 73 -1.03 4.38 34.87
N VAL A 74 -0.64 5.28 33.97
CA VAL A 74 -1.33 6.54 33.78
C VAL A 74 -1.74 6.70 32.32
N THR A 75 -2.89 7.34 32.11
CA THR A 75 -3.43 7.58 30.78
C THR A 75 -4.46 8.70 30.87
N ALA A 76 -4.99 9.08 29.71
CA ALA A 76 -6.07 10.06 29.66
C ALA A 76 -7.38 9.41 30.10
N LYS A 77 -8.25 10.20 30.73
CA LYS A 77 -9.47 9.65 31.30
C LYS A 77 -10.39 9.10 30.23
N HIS A 78 -10.48 9.78 29.09
CA HIS A 78 -11.40 9.34 28.05
C HIS A 78 -10.93 8.09 27.32
N VAL A 79 -9.68 7.65 27.55
CA VAL A 79 -9.20 6.42 26.94
C VAL A 79 -9.84 5.23 27.65
N SER A 80 -10.42 4.32 26.88
CA SER A 80 -11.08 3.14 27.43
C SER A 80 -11.28 2.12 26.33
N GLY A 81 -11.43 0.86 26.73
CA GLY A 81 -11.73 -0.19 25.77
C GLY A 81 -10.84 -1.42 25.87
N SER A 82 -9.93 -1.44 26.83
CA SER A 82 -9.02 -2.56 26.98
C SER A 82 -8.62 -2.73 28.44
N ASP A 83 -8.63 -3.98 28.90
CA ASP A 83 -8.17 -4.31 30.24
C ASP A 83 -6.80 -4.98 30.26
N THR A 84 -6.26 -5.35 29.10
CA THR A 84 -4.96 -6.00 29.01
C THR A 84 -3.99 -5.09 28.27
N MET A 85 -2.73 -5.13 28.69
CA MET A 85 -1.69 -4.31 28.10
C MET A 85 -0.34 -4.98 28.35
N SER A 86 0.64 -4.63 27.53
CA SER A 86 1.91 -5.33 27.50
C SER A 86 3.07 -4.36 27.70
N PHE A 87 4.15 -4.86 28.29
CA PHE A 87 5.38 -4.10 28.50
C PHE A 87 6.57 -4.92 27.99
N GLY A 88 7.52 -4.23 27.36
CA GLY A 88 8.66 -4.90 26.78
C GLY A 88 8.32 -5.56 25.46
N TYR A 89 7.91 -6.81 25.51
CA TYR A 89 7.39 -7.53 24.35
C TYR A 89 5.87 -7.60 24.42
N ALA A 90 5.25 -7.81 23.26
CA ALA A 90 3.79 -7.85 23.19
C ALA A 90 3.22 -9.02 23.99
N LYS A 91 3.98 -10.10 24.15
CA LYS A 91 3.48 -11.26 24.87
C LYS A 91 3.40 -11.01 26.38
N ASN A 92 4.27 -10.16 26.91
CA ASN A 92 4.33 -9.90 28.35
C ASN A 92 3.11 -9.06 28.74
N THR A 93 1.99 -9.73 28.92
CA THR A 93 0.70 -9.08 29.12
C THR A 93 0.37 -8.92 30.59
N TYR A 94 -0.35 -7.84 30.91
CA TYR A 94 -0.82 -7.55 32.26
C TYR A 94 -2.30 -7.17 32.20
N THR A 95 -2.96 -7.28 33.34
CA THR A 95 -4.40 -7.09 33.42
C THR A 95 -4.74 -5.96 34.38
N ALA A 96 -5.56 -5.03 33.93
CA ALA A 96 -6.03 -3.94 34.78
C ALA A 96 -7.21 -4.39 35.62
N VAL A 97 -7.24 -3.95 36.88
CA VAL A 97 -8.25 -4.39 37.84
C VAL A 97 -8.93 -3.23 38.56
N GLY A 98 -8.56 -1.99 38.27
CA GLY A 98 -9.11 -0.86 39.00
C GLY A 98 -8.67 0.48 38.46
N THR A 99 -9.57 1.46 38.51
CA THR A 99 -9.34 2.76 37.90
C THR A 99 -9.66 3.88 38.90
N ASN A 100 -8.91 4.97 38.81
CA ASN A 100 -9.15 6.16 39.62
C ASN A 100 -9.20 7.37 38.69
N ASN A 101 -10.38 7.96 38.54
CA ASN A 101 -10.57 9.11 37.65
C ASN A 101 -10.35 10.41 38.39
N ASN A 102 -9.66 11.35 37.75
CA ASN A 102 -9.54 12.71 38.25
C ASN A 102 -10.86 13.45 38.01
N SER A 103 -11.45 13.97 39.08
CA SER A 103 -12.78 14.57 38.99
C SER A 103 -12.80 15.82 38.11
N GLY A 104 -11.65 16.47 37.89
CA GLY A 104 -11.66 17.74 37.20
C GLY A 104 -10.85 17.81 35.91
N LEU A 105 -9.94 16.87 35.71
CA LEU A 105 -9.08 16.87 34.54
C LEU A 105 -9.25 15.58 33.75
N ASP A 106 -8.73 15.58 32.53
CA ASP A 106 -8.85 14.44 31.62
C ASP A 106 -7.66 13.50 31.78
N ILE A 107 -7.54 12.94 32.99
CA ILE A 107 -6.43 12.05 33.32
C ILE A 107 -6.93 11.05 34.35
N LYS A 108 -6.36 9.85 34.33
CA LYS A 108 -6.72 8.81 35.29
C LYS A 108 -5.59 7.80 35.39
N THR A 109 -5.51 7.15 36.54
CA THR A 109 -4.56 6.07 36.76
C THR A 109 -5.30 4.75 36.88
N ARG A 110 -4.59 3.66 36.55
CA ARG A 110 -5.16 2.33 36.61
C ARG A 110 -4.20 1.37 37.31
N ARG A 111 -4.77 0.41 38.03
CA ARG A 111 -4.01 -0.57 38.78
C ARG A 111 -3.94 -1.88 38.00
N LEU A 112 -2.78 -2.52 38.05
CA LEU A 112 -2.57 -3.82 37.42
C LEU A 112 -2.65 -4.92 38.46
N SER A 113 -2.82 -6.16 37.98
CA SER A 113 -2.97 -7.29 38.89
C SER A 113 -1.65 -7.72 39.52
N LYS A 114 -0.54 -7.52 38.83
CA LYS A 114 0.77 -7.91 39.33
C LYS A 114 1.77 -6.81 39.04
N LEU A 115 2.93 -6.90 39.69
CA LEU A 115 4.00 -5.93 39.50
C LEU A 115 4.69 -6.17 38.17
N VAL A 116 4.88 -5.09 37.40
CA VAL A 116 5.54 -5.20 36.10
C VAL A 116 7.03 -5.40 36.32
N THR A 117 7.56 -6.51 35.80
CA THR A 117 8.95 -6.85 35.97
C THR A 117 9.81 -6.58 34.74
N GLU A 118 9.19 -6.42 33.57
CA GLU A 118 9.97 -6.34 32.33
C GLU A 118 10.61 -4.98 32.12
N VAL A 119 10.02 -3.91 32.67
CA VAL A 119 10.48 -2.55 32.45
C VAL A 119 10.50 -1.80 33.78
N ALA A 120 11.19 -0.66 33.77
CA ALA A 120 11.26 0.22 34.94
C ALA A 120 10.21 1.32 34.83
N PRO A 121 9.50 1.60 35.93
CA PRO A 121 8.49 2.66 35.90
C PRO A 121 9.13 4.02 35.65
N ALA A 122 8.38 4.89 34.98
CA ALA A 122 8.86 6.23 34.70
C ALA A 122 8.85 7.08 35.95
N GLU A 123 9.74 8.07 35.99
CA GLU A 123 9.82 9.01 37.09
C GLU A 123 8.90 10.19 36.82
N VAL A 124 8.00 10.46 37.75
CA VAL A 124 7.10 11.60 37.63
C VAL A 124 7.82 12.85 38.10
N SER A 125 7.61 13.96 37.40
CA SER A 125 8.30 15.20 37.74
C SER A 125 7.84 15.72 39.10
N ASP A 126 8.76 16.32 39.83
CA ASP A 126 8.49 16.90 41.13
C ASP A 126 7.74 18.22 41.04
N ILE A 127 7.68 18.84 39.87
CA ILE A 127 7.17 20.20 39.76
C ILE A 127 5.66 20.23 39.88
N GLY A 128 4.97 19.37 39.12
CA GLY A 128 3.52 19.41 39.12
C GLY A 128 2.99 20.55 38.26
N ALA A 129 1.80 21.05 38.64
CA ALA A 129 1.09 22.05 37.85
C ALA A 129 1.52 23.45 38.29
N VAL A 130 2.63 23.91 37.72
CA VAL A 130 3.12 25.27 37.92
C VAL A 130 2.99 26.00 36.59
N SER A 131 2.27 27.13 36.61
CA SER A 131 2.02 27.90 35.40
C SER A 131 3.33 28.37 34.78
N GLY A 132 3.62 27.89 33.57
CA GLY A 132 4.79 28.33 32.84
C GLY A 132 6.10 27.68 33.21
N ALA A 133 6.07 26.66 34.07
CA ALA A 133 7.31 25.98 34.45
C ALA A 133 7.90 25.18 33.29
N TYR A 134 7.10 24.84 32.28
CA TYR A 134 7.55 24.03 31.16
C TYR A 134 7.80 24.88 29.92
N GLN A 135 8.01 26.17 30.09
CA GLN A 135 8.27 27.07 28.96
C GLN A 135 9.73 26.97 28.54
N ALA A 136 10.02 27.54 27.37
CA ALA A 136 11.38 27.55 26.84
C ALA A 136 12.31 28.36 27.73
N GLY A 137 13.59 28.02 27.69
CA GLY A 137 14.57 28.68 28.54
C GLY A 137 14.31 28.50 30.03
N GLY A 138 13.57 27.47 30.41
CA GLY A 138 13.24 27.19 31.79
C GLY A 138 14.06 26.06 32.36
N ARG A 139 13.42 25.24 33.19
CA ARG A 139 14.11 24.13 33.82
C ARG A 139 14.35 22.98 32.85
N PHE A 140 13.41 22.74 31.94
CA PHE A 140 13.48 21.62 31.02
C PHE A 140 14.06 22.07 29.69
N THR A 141 14.97 21.25 29.14
CA THR A 141 15.71 21.62 27.94
C THR A 141 15.39 20.75 26.73
N GLU A 142 14.60 19.70 26.88
CA GLU A 142 14.27 18.83 25.77
C GLU A 142 13.00 18.06 26.09
N PHE A 143 12.18 17.82 25.06
CA PHE A 143 10.87 17.19 25.23
C PHE A 143 10.72 16.08 24.20
N TYR A 144 10.52 14.86 24.68
CA TYR A 144 10.34 13.70 23.83
C TYR A 144 8.92 13.15 23.94
N ARG A 145 8.46 12.53 22.86
CA ARG A 145 7.09 12.07 22.75
C ARG A 145 7.08 10.65 22.17
N LEU A 146 6.10 9.86 22.58
CA LEU A 146 5.93 8.50 22.09
C LEU A 146 4.44 8.20 22.01
N GLY A 147 4.03 7.46 20.99
CA GLY A 147 2.63 7.12 20.82
C GLY A 147 2.42 6.24 19.62
N GLY A 148 1.24 5.63 19.57
CA GLY A 148 0.90 4.69 18.51
C GLY A 148 -0.43 4.96 17.85
N GLY A 149 -0.80 6.22 17.70
CA GLY A 149 -2.05 6.59 17.07
C GLY A 149 -2.07 6.40 15.56
N MET A 150 -2.82 7.24 14.86
CA MET A 150 -2.93 7.14 13.41
C MET A 150 -1.75 7.87 12.78
N GLN A 151 -0.96 7.14 11.99
CA GLN A 151 0.34 7.62 11.54
C GLN A 151 0.23 8.30 10.19
N TYR A 152 0.77 9.52 10.09
CA TYR A 152 0.84 10.26 8.85
C TYR A 152 2.25 10.77 8.64
N VAL A 153 2.53 11.18 7.39
CA VAL A 153 3.74 11.92 7.06
C VAL A 153 3.32 13.15 6.27
N LYS A 154 4.19 14.17 6.29
CA LYS A 154 3.86 15.46 5.71
C LYS A 154 5.12 16.10 5.17
N ASP A 155 5.06 16.61 3.95
CA ASP A 155 6.20 17.27 3.33
C ASP A 155 6.15 18.78 3.61
N LYS A 156 7.17 19.49 3.11
CA LYS A 156 7.28 20.92 3.37
C LYS A 156 6.16 21.70 2.68
N ASN A 157 5.62 21.18 1.59
CA ASN A 157 4.51 21.85 0.89
C ASN A 157 3.20 21.74 1.65
N GLY A 158 3.11 20.88 2.67
CA GLY A 158 1.89 20.71 3.43
C GLY A 158 1.08 19.48 3.07
N ASN A 159 1.50 18.73 2.06
CA ASN A 159 0.77 17.54 1.65
C ASN A 159 0.98 16.43 2.67
N ARG A 160 -0.13 15.88 3.18
CA ARG A 160 -0.09 14.81 4.15
C ARG A 160 -0.37 13.47 3.48
N THR A 161 0.29 12.43 3.97
CA THR A 161 0.13 11.09 3.43
C THR A 161 0.03 10.11 4.59
N GLN A 162 -0.95 9.22 4.53
CA GLN A 162 -1.13 8.23 5.58
C GLN A 162 -0.10 7.12 5.43
N VAL A 163 0.25 6.49 6.55
CA VAL A 163 1.29 5.47 6.60
C VAL A 163 0.62 4.11 6.73
N TYR A 164 1.08 3.15 5.93
CA TYR A 164 0.59 1.78 5.99
C TYR A 164 1.20 1.10 7.21
N THR A 165 0.37 0.91 8.25
CA THR A 165 0.86 0.39 9.52
C THR A 165 0.68 -1.12 9.66
N ASN A 166 -0.18 -1.73 8.84
CA ASN A 166 -0.46 -3.17 8.84
C ASN A 166 -1.22 -3.57 10.10
N GLY A 167 -0.74 -3.17 11.28
CA GLY A 167 -1.43 -3.50 12.51
C GLY A 167 -1.40 -2.37 13.52
N GLY A 168 -0.45 -1.45 13.36
CA GLY A 168 -0.27 -0.34 14.28
C GLY A 168 1.04 -0.45 15.02
N PHE A 169 1.78 0.66 15.12
CA PHE A 169 3.08 0.64 15.75
C PHE A 169 3.34 1.97 16.44
N LEU A 170 4.43 2.01 17.21
CA LEU A 170 4.83 3.18 17.96
C LEU A 170 5.67 4.11 17.09
N VAL A 171 5.38 5.41 17.18
CA VAL A 171 6.17 6.45 16.53
C VAL A 171 6.41 7.56 17.54
N GLY A 172 7.64 8.08 17.56
CA GLY A 172 8.02 9.08 18.53
C GLY A 172 8.78 10.23 17.88
N GLY A 173 9.19 11.17 18.72
CA GLY A 173 9.90 12.34 18.25
C GLY A 173 9.91 13.42 19.31
N THR A 174 10.28 14.62 18.86
CA THR A 174 10.42 15.79 19.73
C THR A 174 9.23 16.74 19.56
N VAL A 175 9.02 17.57 20.58
CA VAL A 175 8.06 18.66 20.52
C VAL A 175 8.70 19.91 21.13
N SER A 176 8.07 21.05 20.90
CA SER A 176 8.57 22.31 21.41
C SER A 176 8.35 22.40 22.91
N ALA A 177 8.79 23.51 23.49
CA ALA A 177 8.44 23.84 24.86
C ALA A 177 6.94 24.08 24.97
N LEU A 178 6.46 24.20 26.20
CA LEU A 178 5.03 24.14 26.48
C LEU A 178 4.60 25.36 27.30
N ASN A 179 3.50 25.97 26.88
CA ASN A 179 2.83 27.01 27.66
C ASN A 179 1.73 26.38 28.50
N SER A 180 1.45 26.99 29.64
CA SER A 180 0.47 26.47 30.58
C SER A 180 -0.85 27.22 30.46
N TYR A 181 -1.94 26.51 30.74
CA TYR A 181 -3.26 27.11 30.84
C TYR A 181 -4.10 26.28 31.81
N ASN A 182 -5.30 26.77 32.09
CA ASN A 182 -6.19 26.16 33.10
C ASN A 182 -5.49 26.10 34.46
N ASN A 183 -5.00 27.26 34.91
CA ASN A 183 -4.29 27.37 36.19
C ASN A 183 -3.11 26.42 36.26
N GLY A 184 -2.36 26.32 35.16
CA GLY A 184 -1.17 25.49 35.10
C GLY A 184 -1.41 24.00 35.09
N GLN A 185 -2.66 23.55 35.12
CA GLN A 185 -2.95 22.13 35.16
C GLN A 185 -2.73 21.42 33.83
N MET A 186 -2.60 22.15 32.73
CA MET A 186 -2.41 21.56 31.42
C MET A 186 -1.44 22.41 30.61
N ILE A 187 -0.74 21.75 29.68
CA ILE A 187 0.30 22.38 28.88
C ILE A 187 -0.01 22.16 27.40
N THR A 188 0.43 23.11 26.57
CA THR A 188 0.15 23.08 25.14
C THR A 188 1.38 23.52 24.38
N ALA A 189 1.44 23.13 23.10
CA ALA A 189 2.53 23.49 22.22
C ALA A 189 2.05 23.45 20.78
N GLN A 190 2.52 24.40 19.97
CA GLN A 190 2.14 24.49 18.57
C GLN A 190 2.96 23.48 17.77
N THR A 191 2.50 22.23 17.81
CA THR A 191 3.18 21.14 17.15
C THR A 191 2.71 20.91 15.72
N GLY A 192 1.68 21.64 15.26
CA GLY A 192 1.20 21.46 13.91
C GLY A 192 2.22 21.85 12.85
N ASP A 193 3.10 22.79 13.17
CA ASP A 193 4.15 23.22 12.25
C ASP A 193 5.33 22.26 12.38
N ILE A 194 5.27 21.17 11.62
CA ILE A 194 6.30 20.13 11.69
C ILE A 194 7.68 20.70 11.38
N PHE A 195 7.77 21.69 10.51
CA PHE A 195 9.06 22.19 10.05
C PHE A 195 9.48 23.48 10.77
N ASN A 196 8.80 23.83 11.85
CA ASN A 196 9.29 24.87 12.74
C ASN A 196 10.43 24.31 13.59
N PRO A 197 11.64 24.87 13.51
CA PRO A 197 12.77 24.28 14.26
C PRO A 197 12.58 24.30 15.77
N ALA A 198 11.60 25.04 16.29
CA ALA A 198 11.33 25.02 17.73
C ALA A 198 10.75 23.70 18.19
N ASN A 199 10.13 22.94 17.29
CA ASN A 199 9.56 21.64 17.62
C ASN A 199 10.60 20.52 17.58
N GLY A 200 11.86 20.83 17.27
CA GLY A 200 12.91 19.85 17.26
C GLY A 200 13.10 19.19 15.91
N PRO A 201 14.20 18.45 15.75
CA PRO A 201 14.46 17.80 14.46
C PRO A 201 13.53 16.63 14.16
N LEU A 202 12.88 16.06 15.18
CA LEU A 202 11.94 14.97 14.97
C LEU A 202 10.55 15.42 15.40
N ALA A 203 10.08 16.54 14.87
CA ALA A 203 8.82 17.13 15.30
C ALA A 203 7.66 16.16 15.09
N ASN A 204 6.78 16.10 16.09
CA ASN A 204 5.61 15.23 16.06
C ASN A 204 4.35 16.06 16.23
N TYR A 205 3.35 15.79 15.40
CA TYR A 205 1.99 16.26 15.61
C TYR A 205 1.12 15.05 15.89
N LEU A 206 0.35 15.11 16.98
CA LEU A 206 -0.36 13.94 17.49
C LEU A 206 -1.80 13.95 16.98
N ASN A 207 -2.25 12.80 16.48
CA ASN A 207 -3.56 12.65 15.88
C ASN A 207 -4.42 11.73 16.74
N MET A 208 -5.61 11.40 16.23
CA MET A 208 -6.49 10.46 16.91
C MET A 208 -5.78 9.13 17.14
N GLY A 209 -5.87 8.62 18.36
CA GLY A 209 -5.20 7.40 18.78
C GLY A 209 -4.00 7.65 19.66
N ASP A 210 -3.38 8.82 19.56
CA ASP A 210 -2.29 9.21 20.45
C ASP A 210 -2.78 9.67 21.81
N SER A 211 -4.07 9.56 22.08
CA SER A 211 -4.61 10.00 23.37
C SER A 211 -3.98 9.23 24.51
N GLY A 212 -3.66 9.96 25.59
CA GLY A 212 -3.01 9.36 26.74
C GLY A 212 -1.55 9.02 26.55
N SER A 213 -0.97 9.33 25.39
CA SER A 213 0.43 9.02 25.16
C SER A 213 1.32 9.88 26.05
N PRO A 214 2.50 9.37 26.43
CA PRO A 214 3.34 10.10 27.39
C PRO A 214 4.00 11.31 26.76
N LEU A 215 4.36 12.25 27.62
CA LEU A 215 5.22 13.38 27.26
C LEU A 215 6.33 13.47 28.29
N PHE A 216 7.57 13.33 27.82
CA PHE A 216 8.74 13.37 28.70
C PHE A 216 9.51 14.65 28.49
N ALA A 217 10.14 15.13 29.56
CA ALA A 217 10.98 16.31 29.53
C ALA A 217 12.24 16.04 30.34
N TYR A 218 13.38 16.52 29.83
CA TYR A 218 14.65 16.34 30.52
C TYR A 218 14.85 17.48 31.52
N ASP A 219 14.93 17.13 32.80
CA ASP A 219 15.17 18.10 33.86
C ASP A 219 16.66 18.41 33.90
N SER A 220 17.03 19.65 33.56
CA SER A 220 18.43 20.02 33.47
C SER A 220 19.09 20.25 34.82
N LEU A 221 18.31 20.40 35.89
CA LEU A 221 18.88 20.57 37.22
C LEU A 221 19.10 19.23 37.91
N GLN A 222 18.11 18.35 37.87
CA GLN A 222 18.26 17.00 38.43
C GLN A 222 18.90 16.03 37.44
N LYS A 223 19.06 16.43 36.18
CA LYS A 223 19.78 15.64 35.17
C LYS A 223 19.17 14.25 35.00
N LYS A 224 17.86 14.22 34.71
CA LYS A 224 17.17 12.97 34.46
C LYS A 224 15.87 13.24 33.71
N TRP A 225 15.41 12.24 32.97
CA TRP A 225 14.13 12.34 32.27
C TRP A 225 12.98 12.10 33.23
N VAL A 226 11.92 12.89 33.06
CA VAL A 226 10.72 12.77 33.89
C VAL A 226 9.48 12.81 33.00
N LEU A 227 8.43 12.17 33.47
CA LEU A 227 7.13 12.21 32.80
C LEU A 227 6.37 13.45 33.26
N ILE A 228 5.92 14.25 32.29
CA ILE A 228 5.26 15.51 32.60
C ILE A 228 3.81 15.56 32.13
N GLY A 229 3.41 14.75 31.15
CA GLY A 229 2.03 14.85 30.67
C GLY A 229 1.60 13.65 29.87
N VAL A 230 0.28 13.54 29.73
CA VAL A 230 -0.37 12.58 28.84
C VAL A 230 -1.27 13.36 27.89
N LEU A 231 -1.36 12.88 26.66
CA LEU A 231 -2.11 13.62 25.64
C LEU A 231 -3.61 13.54 25.90
N SER A 232 -4.28 14.69 25.81
CA SER A 232 -5.72 14.78 26.01
C SER A 232 -6.46 15.16 24.74
N SER A 233 -6.10 16.30 24.14
CA SER A 233 -6.80 16.80 22.96
C SER A 233 -5.81 17.46 22.02
N GLY A 234 -6.29 17.83 20.83
CA GLY A 234 -5.48 18.50 19.85
C GLY A 234 -6.30 19.53 19.07
N THR A 235 -5.62 20.19 18.14
CA THR A 235 -6.24 21.18 17.27
C THR A 235 -5.43 21.27 15.99
N ASN A 236 -5.92 22.10 15.06
CA ASN A 236 -5.24 22.26 13.77
C ASN A 236 -3.82 22.79 13.91
N TYR A 237 -3.46 23.33 15.07
CA TYR A 237 -2.17 23.98 15.24
C TYR A 237 -1.27 23.31 16.27
N GLY A 238 -1.83 22.61 17.26
CA GLY A 238 -1.01 22.00 18.27
C GLY A 238 -1.76 20.94 19.06
N ASN A 239 -1.11 20.48 20.13
CA ASN A 239 -1.64 19.46 21.00
C ASN A 239 -1.72 19.97 22.43
N ASN A 240 -2.47 19.26 23.26
CA ASN A 240 -2.70 19.63 24.66
C ASN A 240 -2.50 18.41 25.54
N TRP A 241 -1.58 18.51 26.50
CA TRP A 241 -1.32 17.44 27.46
C TRP A 241 -1.83 17.84 28.84
N VAL A 242 -2.32 16.85 29.58
CA VAL A 242 -2.66 17.03 30.99
C VAL A 242 -1.39 16.82 31.81
N VAL A 243 -1.06 17.79 32.65
CA VAL A 243 0.16 17.73 33.44
C VAL A 243 0.04 16.60 34.45
N THR A 244 1.00 15.67 34.43
CA THR A 244 1.05 14.59 35.40
C THR A 244 1.70 15.10 36.68
N THR A 245 0.95 15.11 37.77
CA THR A 245 1.44 15.56 39.06
C THR A 245 1.60 14.37 40.01
N GLN A 246 2.67 14.41 40.82
CA GLN A 246 2.83 13.40 41.86
C GLN A 246 1.70 13.42 42.86
N ASP A 247 0.99 14.54 42.99
CA ASP A 247 -0.10 14.64 43.94
C ASP A 247 -1.25 13.71 43.57
N PHE A 248 -1.64 13.70 42.30
CA PHE A 248 -2.76 12.87 41.86
C PHE A 248 -2.34 11.45 41.49
N LEU A 249 -1.21 11.30 40.79
CA LEU A 249 -0.77 9.96 40.39
C LEU A 249 -0.49 9.08 41.60
N GLY A 250 -0.08 9.66 42.73
CA GLY A 250 0.12 8.93 43.95
C GLY A 250 -1.14 8.64 44.75
N GLN A 251 -2.29 9.14 44.30
CA GLN A 251 -3.52 8.98 45.08
C GLN A 251 -3.97 7.53 45.11
N GLN A 252 -4.06 6.89 43.95
CA GLN A 252 -4.53 5.51 43.87
C GLN A 252 -3.59 4.53 44.56
N PRO A 253 -2.26 4.61 44.37
CA PRO A 253 -1.38 3.70 45.13
C PRO A 253 -1.48 3.85 46.63
N GLN A 254 -1.67 5.08 47.12
CA GLN A 254 -1.76 5.28 48.57
C GLN A 254 -3.07 4.72 49.13
N ASN A 255 -4.17 4.91 48.40
CA ASN A 255 -5.46 4.41 48.86
C ASN A 255 -5.57 2.89 48.81
N ASP A 256 -4.62 2.21 48.16
CA ASP A 256 -4.59 0.76 48.11
C ASP A 256 -3.59 0.16 49.09
N PHE A 257 -3.02 0.98 49.97
CA PHE A 257 -2.13 0.50 51.03
C PHE A 257 -2.87 0.52 52.36
N ASP A 258 -2.78 -0.59 53.10
CA ASP A 258 -3.26 -0.61 54.47
C ASP A 258 -2.28 0.14 55.37
N LYS A 259 -2.68 0.30 56.63
CA LYS A 259 -1.83 0.94 57.62
C LYS A 259 -0.47 0.23 57.70
N THR A 260 0.59 1.02 57.79
CA THR A 260 1.95 0.48 57.79
C THR A 260 2.15 -0.45 58.98
N ILE A 261 2.74 -1.61 58.72
CA ILE A 261 3.00 -2.61 59.75
C ILE A 261 4.40 -2.36 60.30
N ALA A 262 4.48 -1.84 61.52
CA ALA A 262 5.74 -1.52 62.17
C ALA A 262 6.07 -2.63 63.15
N TYR A 263 7.12 -3.40 62.84
CA TYR A 263 7.55 -4.49 63.71
C TYR A 263 8.34 -3.93 64.89
N THR A 264 7.86 -4.19 66.10
CA THR A 264 8.57 -3.82 67.31
C THR A 264 9.46 -4.98 67.71
N SER A 265 10.76 -4.71 67.86
CA SER A 265 11.75 -5.78 67.98
C SER A 265 11.52 -6.62 69.22
N GLY A 266 11.18 -5.98 70.35
CA GLY A 266 11.05 -6.71 71.59
C GLY A 266 9.88 -7.68 71.62
N GLU A 267 8.78 -7.32 70.96
CA GLU A 267 7.54 -8.08 71.09
C GLU A 267 7.59 -9.37 70.27
N GLY A 268 6.53 -10.15 70.37
CA GLY A 268 6.42 -11.45 69.73
C GLY A 268 6.45 -11.43 68.21
N VAL A 269 6.43 -12.61 67.61
CA VAL A 269 6.41 -12.72 66.15
C VAL A 269 5.04 -12.28 65.63
N LEU A 270 5.04 -11.62 64.48
CA LEU A 270 3.80 -11.17 63.84
C LEU A 270 2.99 -12.38 63.40
N GLN A 271 1.86 -12.60 64.05
CA GLN A 271 0.95 -13.68 63.68
C GLN A 271 -0.04 -13.18 62.63
N TRP A 272 -0.16 -13.91 61.53
CA TRP A 272 -0.93 -13.49 60.37
C TRP A 272 -2.06 -14.49 60.14
N LYS A 273 -3.28 -14.08 60.51
CA LYS A 273 -4.48 -14.85 60.23
C LYS A 273 -5.23 -14.23 59.05
N TYR A 274 -5.99 -15.05 58.33
CA TYR A 274 -6.67 -14.59 57.13
C TYR A 274 -7.91 -15.44 56.88
N ASP A 275 -9.06 -14.78 56.78
CA ASP A 275 -10.30 -15.42 56.40
C ASP A 275 -10.42 -15.36 54.88
N ALA A 276 -10.19 -16.50 54.22
CA ALA A 276 -10.18 -16.49 52.76
C ALA A 276 -11.56 -16.11 52.23
N ALA A 277 -12.61 -16.63 52.84
CA ALA A 277 -13.97 -16.22 52.47
C ALA A 277 -14.20 -14.82 53.02
N ASN A 278 -14.61 -13.90 52.15
CA ASN A 278 -14.87 -12.48 52.39
C ASN A 278 -13.58 -11.66 52.45
N GLY A 279 -12.42 -12.28 52.22
CA GLY A 279 -11.20 -11.56 51.93
C GLY A 279 -10.67 -10.62 53.00
N THR A 280 -10.85 -10.95 54.28
CA THR A 280 -10.31 -10.13 55.36
C THR A 280 -9.38 -10.95 56.24
N GLY A 281 -8.37 -10.28 56.79
CA GLY A 281 -7.39 -10.92 57.64
C GLY A 281 -6.81 -9.93 58.63
N THR A 282 -5.84 -10.41 59.42
CA THR A 282 -5.27 -9.60 60.49
C THR A 282 -3.84 -10.04 60.76
N LEU A 283 -3.02 -9.08 61.20
CA LEU A 283 -1.66 -9.33 61.66
C LEU A 283 -1.51 -8.72 63.05
N THR A 284 -1.30 -9.56 64.05
CA THR A 284 -1.26 -9.12 65.45
C THR A 284 0.14 -9.29 66.02
N GLN A 285 0.54 -8.34 66.87
CA GLN A 285 1.81 -8.42 67.59
C GLN A 285 1.61 -7.76 68.95
N GLY A 286 1.77 -8.55 70.01
CA GLY A 286 1.52 -8.02 71.34
C GLY A 286 0.06 -7.63 71.50
N ASN A 287 -0.17 -6.35 71.75
CA ASN A 287 -1.52 -5.81 71.88
C ASN A 287 -1.86 -4.84 70.75
N THR A 288 -1.17 -4.91 69.63
CA THR A 288 -1.48 -4.12 68.45
C THR A 288 -1.96 -5.04 67.34
N THR A 289 -2.99 -4.60 66.61
CA THR A 289 -3.63 -5.41 65.59
C THR A 289 -3.70 -4.59 64.30
N TRP A 290 -3.15 -5.15 63.22
CA TRP A 290 -3.17 -4.51 61.91
C TRP A 290 -4.17 -5.22 61.01
N ASP A 291 -4.93 -4.44 60.25
CA ASP A 291 -5.89 -4.98 59.30
C ASP A 291 -5.23 -5.20 57.95
N MET A 292 -5.75 -6.20 57.23
CA MET A 292 -5.23 -6.54 55.92
C MET A 292 -6.35 -7.13 55.07
N HIS A 293 -6.36 -6.78 53.79
CA HIS A 293 -7.40 -7.20 52.88
C HIS A 293 -6.80 -7.95 51.70
N GLY A 294 -7.56 -8.92 51.19
CA GLY A 294 -7.13 -9.71 50.04
C GLY A 294 -8.20 -9.84 48.98
N LYS A 295 -8.07 -10.84 48.12
CA LYS A 295 -9.05 -11.07 47.07
C LYS A 295 -10.39 -11.48 47.67
N LYS A 296 -11.47 -10.89 47.16
CA LYS A 296 -12.82 -11.18 47.63
C LYS A 296 -13.66 -11.59 46.43
N GLY A 297 -14.01 -12.87 46.35
CA GLY A 297 -14.78 -13.38 45.24
C GLY A 297 -13.98 -13.42 43.94
N ASN A 298 -14.35 -12.58 43.00
CA ASN A 298 -13.62 -12.45 41.74
C ASN A 298 -12.93 -11.10 41.60
N ASP A 299 -12.98 -10.26 42.62
CA ASP A 299 -12.44 -8.90 42.55
C ASP A 299 -11.01 -8.93 43.07
N LEU A 300 -10.05 -8.86 42.14
CA LEU A 300 -8.65 -8.81 42.54
C LEU A 300 -8.27 -7.47 43.13
N ASN A 301 -9.04 -6.41 42.83
CA ASN A 301 -8.75 -5.08 43.36
C ASN A 301 -9.10 -4.94 44.82
N ALA A 302 -9.89 -5.86 45.38
CA ALA A 302 -10.21 -5.78 46.81
C ALA A 302 -8.96 -5.97 47.67
N GLY A 303 -7.96 -6.69 47.16
CA GLY A 303 -6.72 -6.84 47.90
C GLY A 303 -5.93 -5.55 47.92
N LYS A 304 -5.39 -5.23 49.10
CA LYS A 304 -4.67 -3.98 49.31
C LYS A 304 -3.23 -4.29 49.73
N ASN A 305 -2.33 -3.34 49.45
CA ASN A 305 -0.91 -3.54 49.63
C ASN A 305 -0.50 -3.36 51.09
N LEU A 306 0.62 -3.98 51.45
CA LEU A 306 1.16 -3.94 52.79
C LEU A 306 2.58 -3.41 52.78
N LEU A 307 2.89 -2.52 53.71
CA LEU A 307 4.23 -1.99 53.92
C LEU A 307 4.77 -2.50 55.25
N PHE A 308 5.90 -3.20 55.21
CA PHE A 308 6.54 -3.74 56.40
C PHE A 308 7.76 -2.92 56.75
N THR A 309 7.83 -2.47 58.00
CA THR A 309 8.98 -1.74 58.53
C THR A 309 9.53 -2.48 59.74
N GLY A 310 10.64 -1.97 60.27
CA GLY A 310 11.36 -2.63 61.34
C GLY A 310 12.57 -3.39 60.83
N ASN A 311 13.33 -3.92 61.77
CA ASN A 311 14.56 -4.65 61.47
C ASN A 311 14.47 -6.07 62.02
N ASN A 312 14.85 -7.04 61.19
CA ASN A 312 14.82 -8.46 61.55
C ASN A 312 13.44 -8.87 62.06
N GLY A 313 12.41 -8.47 61.31
CA GLY A 313 11.05 -8.83 61.68
C GLY A 313 10.73 -10.27 61.31
N GLU A 314 9.77 -10.84 62.03
CA GLU A 314 9.34 -12.22 61.81
C GLU A 314 7.83 -12.24 61.60
N VAL A 315 7.38 -12.97 60.59
CA VAL A 315 5.97 -13.10 60.25
C VAL A 315 5.68 -14.57 60.01
N VAL A 316 4.59 -15.07 60.59
CA VAL A 316 4.15 -16.45 60.42
C VAL A 316 2.76 -16.44 59.80
N LEU A 317 2.61 -17.16 58.69
CA LEU A 317 1.33 -17.29 58.00
C LEU A 317 0.55 -18.45 58.60
N GLN A 318 -0.54 -18.15 59.29
CA GLN A 318 -1.39 -19.17 59.86
C GLN A 318 -2.45 -19.67 58.89
N ASN A 319 -2.75 -18.90 57.84
CA ASN A 319 -3.73 -19.29 56.83
C ASN A 319 -3.16 -19.01 55.44
N SER A 320 -3.60 -19.78 54.47
CA SER A 320 -3.24 -19.50 53.08
C SER A 320 -3.88 -18.19 52.65
N VAL A 321 -3.15 -17.41 51.86
CA VAL A 321 -3.55 -16.06 51.50
C VAL A 321 -3.51 -15.90 49.99
N ASN A 322 -4.61 -15.42 49.43
CA ASN A 322 -4.67 -14.94 48.05
C ASN A 322 -4.99 -13.45 48.16
N GLN A 323 -3.95 -12.62 48.10
CA GLN A 323 -4.10 -11.18 48.31
C GLN A 323 -4.56 -10.46 47.05
N GLY A 324 -4.90 -11.18 45.99
CA GLY A 324 -5.37 -10.59 44.76
C GLY A 324 -4.32 -9.76 44.06
N ALA A 325 -4.57 -8.45 43.96
CA ALA A 325 -3.59 -7.53 43.40
C ALA A 325 -2.70 -6.89 44.45
N GLY A 326 -2.98 -7.13 45.73
CA GLY A 326 -2.16 -6.55 46.79
C GLY A 326 -0.78 -7.20 46.82
N TYR A 327 0.25 -6.36 46.92
CA TYR A 327 1.62 -6.83 46.98
C TYR A 327 2.24 -6.45 48.32
N LEU A 328 3.35 -7.09 48.65
CA LEU A 328 4.07 -6.87 49.90
C LEU A 328 5.35 -6.10 49.61
N GLN A 329 5.56 -5.01 50.34
CA GLN A 329 6.78 -4.22 50.24
C GLN A 329 7.47 -4.23 51.60
N PHE A 330 8.76 -4.55 51.60
CA PHE A 330 9.54 -4.65 52.83
C PHE A 330 10.58 -3.54 52.85
N ALA A 331 10.51 -2.68 53.86
CA ALA A 331 11.46 -1.61 54.06
C ALA A 331 12.55 -1.97 55.06
N GLY A 332 12.62 -3.25 55.45
CA GLY A 332 13.64 -3.73 56.37
C GLY A 332 13.82 -5.21 56.22
N ASP A 333 14.82 -5.73 56.91
CA ASP A 333 15.10 -7.17 56.85
C ASP A 333 13.99 -7.95 57.56
N TYR A 334 13.48 -8.98 56.89
CA TYR A 334 12.32 -9.70 57.39
C TYR A 334 12.49 -11.20 57.14
N ARG A 335 11.81 -11.99 57.97
CA ARG A 335 11.72 -13.43 57.79
C ARG A 335 10.25 -13.82 57.82
N VAL A 336 9.79 -14.52 56.78
CA VAL A 336 8.40 -14.91 56.64
C VAL A 336 8.33 -16.41 56.37
N SER A 337 7.51 -17.11 57.14
CA SER A 337 7.39 -18.56 57.02
C SER A 337 5.93 -18.97 57.16
N ALA A 338 5.64 -20.15 56.61
CA ALA A 338 4.32 -20.77 56.73
C ALA A 338 4.26 -21.66 57.97
N LEU A 339 3.03 -21.97 58.38
CA LEU A 339 2.80 -22.74 59.59
C LEU A 339 2.71 -24.24 59.32
N ASN A 340 1.86 -24.64 58.37
CA ASN A 340 1.61 -26.04 58.10
C ASN A 340 1.82 -26.43 56.64
N GLY A 341 2.06 -25.48 55.76
CA GLY A 341 2.06 -25.73 54.33
C GLY A 341 1.18 -24.73 53.63
N GLN A 342 0.94 -23.60 54.29
CA GLN A 342 0.12 -22.54 53.72
C GLN A 342 0.90 -21.82 52.63
N THR A 343 0.17 -21.32 51.64
CA THR A 343 0.75 -20.66 50.49
C THR A 343 0.35 -19.19 50.47
N TRP A 344 1.17 -18.38 49.80
CA TRP A 344 0.86 -16.97 49.58
C TRP A 344 1.01 -16.65 48.10
N MET A 345 0.05 -15.91 47.57
CA MET A 345 0.10 -15.39 46.22
C MET A 345 -0.61 -14.05 46.19
N GLY A 346 -0.15 -13.18 45.29
CA GLY A 346 -0.75 -11.86 45.18
C GLY A 346 -0.09 -10.98 44.15
N GLY A 347 -0.08 -9.67 44.38
CA GLY A 347 0.49 -8.75 43.41
C GLY A 347 1.98 -8.95 43.22
N GLY A 348 2.68 -9.32 44.27
CA GLY A 348 4.11 -9.55 44.19
C GLY A 348 4.79 -9.14 45.48
N ILE A 349 6.11 -9.02 45.40
CA ILE A 349 6.94 -8.67 46.56
C ILE A 349 7.96 -7.63 46.13
N ILE A 350 8.00 -6.50 46.83
CA ILE A 350 9.00 -5.47 46.63
C ILE A 350 9.97 -5.49 47.81
N THR A 351 11.25 -5.61 47.53
CA THR A 351 12.29 -5.54 48.54
C THR A 351 13.09 -4.25 48.32
N ASP A 352 12.95 -3.31 49.24
CA ASP A 352 13.59 -2.02 49.09
C ASP A 352 15.12 -2.16 49.12
N LYS A 353 15.80 -1.11 48.68
CA LYS A 353 17.25 -1.13 48.57
C LYS A 353 17.90 -1.39 49.93
N GLY A 354 18.90 -2.27 49.92
CA GLY A 354 19.60 -2.61 51.13
C GLY A 354 18.80 -3.38 52.16
N THR A 355 17.85 -4.19 51.71
CA THR A 355 17.07 -5.05 52.59
C THR A 355 17.19 -6.50 52.12
N HIS A 356 17.05 -7.42 53.07
CA HIS A 356 17.11 -8.85 52.79
C HIS A 356 15.89 -9.51 53.41
N VAL A 357 15.11 -10.22 52.60
CA VAL A 357 13.89 -10.89 53.04
C VAL A 357 14.08 -12.39 52.85
N LEU A 358 13.80 -13.15 53.91
CA LEU A 358 13.86 -14.61 53.88
C LEU A 358 12.45 -15.14 53.65
N TRP A 359 12.18 -15.61 52.43
CA TRP A 359 10.85 -16.05 52.04
C TRP A 359 10.79 -17.57 52.12
N GLN A 360 9.97 -18.08 53.04
CA GLN A 360 9.83 -19.52 53.24
C GLN A 360 8.41 -20.01 53.01
N VAL A 361 7.55 -19.21 52.38
CA VAL A 361 6.19 -19.59 52.06
C VAL A 361 6.13 -20.00 50.60
N ASN A 362 5.42 -21.10 50.32
CA ASN A 362 5.30 -21.60 48.96
C ASN A 362 4.23 -20.83 48.18
N GLY A 363 4.21 -21.05 46.88
CA GLY A 363 3.25 -20.43 45.99
C GLY A 363 2.13 -21.37 45.59
N VAL A 364 1.42 -20.99 44.54
CA VAL A 364 0.24 -21.71 44.08
C VAL A 364 0.43 -22.08 42.61
N ALA A 365 0.00 -23.29 42.26
CA ALA A 365 0.11 -23.75 40.87
C ALA A 365 -0.67 -22.84 39.94
N GLY A 366 -0.05 -22.47 38.81
CA GLY A 366 -0.66 -21.59 37.84
C GLY A 366 -0.38 -20.12 38.07
N ASP A 367 0.19 -19.76 39.22
CA ASP A 367 0.50 -18.38 39.55
C ASP A 367 2.01 -18.17 39.55
N ASN A 368 2.42 -16.96 39.18
CA ASN A 368 3.82 -16.56 39.20
C ASN A 368 4.04 -15.47 40.24
N LEU A 369 5.03 -15.66 41.09
CA LEU A 369 5.44 -14.63 42.04
C LEU A 369 6.26 -13.58 41.33
N HIS A 370 5.78 -12.33 41.32
CA HIS A 370 6.50 -11.23 40.70
C HIS A 370 7.34 -10.52 41.76
N LYS A 371 8.66 -10.54 41.57
CA LYS A 371 9.58 -9.92 42.51
C LYS A 371 10.24 -8.71 41.84
N THR A 372 10.23 -7.58 42.53
CA THR A 372 10.91 -6.37 42.09
C THR A 372 11.53 -5.69 43.30
N GLY A 373 12.26 -4.61 43.04
CA GLY A 373 12.97 -3.91 44.09
C GLY A 373 14.43 -4.29 44.12
N GLU A 374 15.28 -3.32 44.47
CA GLU A 374 16.72 -3.53 44.46
C GLU A 374 17.22 -4.42 45.58
N GLY A 375 16.38 -4.74 46.56
CA GLY A 375 16.80 -5.59 47.66
C GLY A 375 17.04 -7.02 47.23
N THR A 376 17.16 -7.89 48.23
CA THR A 376 17.46 -9.29 48.03
C THR A 376 16.37 -10.14 48.69
N LEU A 377 15.88 -11.13 47.95
CA LEU A 377 14.87 -12.06 48.43
C LEU A 377 15.43 -13.47 48.37
N THR A 378 15.54 -14.13 49.51
CA THR A 378 16.04 -15.50 49.59
C THR A 378 14.86 -16.45 49.76
N VAL A 379 14.62 -17.27 48.73
CA VAL A 379 13.56 -18.27 48.78
C VAL A 379 14.08 -19.48 49.55
N ASN A 380 13.41 -19.80 50.67
CA ASN A 380 13.87 -20.87 51.55
C ASN A 380 12.70 -21.72 52.02
N GLY A 381 11.77 -22.02 51.10
CA GLY A 381 10.69 -22.92 51.41
C GLY A 381 11.15 -24.37 51.49
N THR A 382 10.20 -25.24 51.80
CA THR A 382 10.47 -26.67 51.88
C THR A 382 9.51 -27.42 50.97
N GLY A 383 10.01 -28.47 50.33
CA GLY A 383 9.21 -29.24 49.40
C GLY A 383 9.24 -28.67 48.00
N VAL A 384 8.30 -29.12 47.18
CA VAL A 384 8.17 -28.62 45.82
C VAL A 384 7.22 -27.43 45.84
N ASN A 385 7.62 -26.35 45.17
CA ASN A 385 6.74 -25.22 44.95
C ASN A 385 6.16 -25.34 43.55
N ALA A 386 4.87 -25.62 43.46
CA ALA A 386 4.17 -25.64 42.18
C ALA A 386 3.77 -24.20 41.89
N GLY A 387 4.53 -23.55 41.04
CA GLY A 387 4.27 -22.15 40.76
C GLY A 387 5.48 -21.48 40.18
N GLY A 388 5.28 -20.24 39.74
CA GLY A 388 6.33 -19.56 39.01
C GLY A 388 6.99 -18.39 39.71
N LEU A 389 8.13 -17.97 39.18
CA LEU A 389 8.83 -16.77 39.65
C LEU A 389 9.06 -15.86 38.46
N LYS A 390 8.66 -14.59 38.61
CA LYS A 390 9.00 -13.55 37.64
C LYS A 390 9.77 -12.46 38.38
N VAL A 391 11.06 -12.37 38.10
CA VAL A 391 11.93 -11.41 38.76
C VAL A 391 12.30 -10.31 37.76
N GLY A 392 12.33 -9.08 38.24
CA GLY A 392 12.61 -7.94 37.37
C GLY A 392 13.61 -6.98 37.95
N ASP A 393 13.94 -7.14 39.23
CA ASP A 393 14.88 -6.24 39.89
C ASP A 393 15.48 -6.93 41.10
N GLY A 394 16.66 -6.43 41.50
CA GLY A 394 17.29 -6.91 42.72
C GLY A 394 17.93 -8.27 42.58
N THR A 395 17.94 -9.01 43.69
CA THR A 395 18.58 -10.31 43.77
C THR A 395 17.61 -11.33 44.36
N VAL A 396 17.58 -12.52 43.76
CA VAL A 396 16.76 -13.62 44.24
C VAL A 396 17.66 -14.83 44.39
N ILE A 397 17.85 -15.29 45.62
CA ILE A 397 18.66 -16.46 45.92
C ILE A 397 17.74 -17.65 46.08
N LEU A 398 17.93 -18.66 45.22
CA LEU A 398 17.11 -19.87 45.25
C LEU A 398 17.77 -20.87 46.19
N ASN A 399 17.14 -21.12 47.34
CA ASN A 399 17.66 -22.04 48.35
C ASN A 399 16.47 -22.82 48.93
N GLN A 400 15.87 -23.67 48.11
CA GLN A 400 14.71 -24.44 48.52
C GLN A 400 15.17 -25.71 49.23
N GLN A 401 14.58 -25.99 50.38
CA GLN A 401 14.98 -27.13 51.19
C GLN A 401 14.24 -28.38 50.75
N ALA A 402 14.90 -29.53 50.93
CA ALA A 402 14.33 -30.80 50.52
C ALA A 402 13.12 -31.16 51.37
N ASP A 403 12.22 -31.95 50.78
CA ASP A 403 11.05 -32.44 51.48
C ASP A 403 11.47 -33.45 52.55
N ALA A 404 10.49 -33.90 53.34
CA ALA A 404 10.71 -35.02 54.22
C ALA A 404 11.01 -36.30 53.44
N ASP A 405 10.51 -36.37 52.20
CA ASP A 405 10.73 -37.52 51.34
C ASP A 405 11.76 -37.27 50.24
N GLY A 406 12.36 -36.08 50.21
CA GLY A 406 13.44 -35.76 49.28
C GLY A 406 13.06 -34.82 48.16
N LYS A 407 11.77 -34.66 47.87
CA LYS A 407 11.34 -33.82 46.76
C LYS A 407 11.68 -32.36 47.01
N VAL A 408 12.18 -31.69 45.97
CA VAL A 408 12.57 -30.29 46.10
C VAL A 408 12.33 -29.59 44.77
N GLN A 409 11.81 -28.36 44.86
CA GLN A 409 11.65 -27.48 43.70
C GLN A 409 11.36 -26.06 44.18
N ALA A 410 12.23 -25.11 43.82
CA ALA A 410 12.03 -23.74 44.26
C ALA A 410 10.89 -23.07 43.49
N PHE A 411 10.82 -23.31 42.19
CA PHE A 411 9.77 -22.75 41.35
C PHE A 411 9.55 -23.67 40.16
N SER A 412 8.31 -23.65 39.63
CA SER A 412 8.04 -24.38 38.40
C SER A 412 8.80 -23.79 37.22
N SER A 413 8.99 -22.47 37.21
CA SER A 413 9.75 -21.81 36.18
C SER A 413 10.14 -20.43 36.69
N VAL A 414 11.20 -19.87 36.09
CA VAL A 414 11.68 -18.54 36.45
C VAL A 414 11.77 -17.69 35.18
N GLY A 415 11.51 -16.40 35.35
CA GLY A 415 11.65 -15.45 34.26
C GLY A 415 12.47 -14.25 34.68
N ILE A 416 13.51 -13.95 33.93
CA ILE A 416 14.43 -12.85 34.24
C ILE A 416 14.33 -11.83 33.12
N ALA A 417 13.98 -10.60 33.47
CA ALA A 417 13.77 -9.54 32.48
C ALA A 417 14.18 -8.21 33.08
N SER A 418 14.29 -7.22 32.19
CA SER A 418 14.62 -5.81 32.42
C SER A 418 16.12 -5.57 32.50
N GLY A 419 16.96 -6.61 32.56
CA GLY A 419 18.39 -6.44 32.70
C GLY A 419 18.87 -6.08 34.08
N ARG A 420 17.96 -5.77 35.00
CA ARG A 420 18.28 -5.38 36.37
C ARG A 420 18.62 -6.56 37.29
N PRO A 421 17.80 -7.62 37.36
CA PRO A 421 17.91 -8.57 38.46
C PRO A 421 19.01 -9.61 38.25
N THR A 422 19.24 -10.39 39.31
CA THR A 422 20.19 -11.49 39.32
C THR A 422 19.60 -12.63 40.12
N VAL A 423 19.69 -13.85 39.58
CA VAL A 423 19.17 -15.05 40.23
C VAL A 423 20.34 -15.97 40.55
N VAL A 424 20.43 -16.41 41.80
CA VAL A 424 21.54 -17.21 42.29
C VAL A 424 21.02 -18.60 42.65
N LEU A 425 21.69 -19.63 42.14
CA LEU A 425 21.35 -21.02 42.43
C LEU A 425 22.23 -21.53 43.57
N SER A 426 21.60 -21.98 44.66
CA SER A 426 22.35 -22.59 45.74
C SER A 426 22.89 -23.95 45.33
N ASP A 427 22.00 -24.87 44.99
CA ASP A 427 22.37 -26.16 44.41
C ASP A 427 21.72 -26.28 43.03
N SER A 428 21.95 -27.44 42.40
CA SER A 428 21.46 -27.68 41.04
C SER A 428 20.09 -28.35 41.01
N GLN A 429 19.40 -28.43 42.15
CA GLN A 429 18.06 -29.01 42.22
C GLN A 429 16.97 -27.95 42.35
N GLN A 430 17.31 -26.67 42.20
CA GLN A 430 16.33 -25.62 42.47
C GLN A 430 15.28 -25.55 41.36
N VAL A 431 15.70 -25.44 40.11
CA VAL A 431 14.79 -25.28 38.98
C VAL A 431 15.29 -26.16 37.84
N ASN A 432 14.36 -26.76 37.10
CA ASN A 432 14.70 -27.40 35.84
C ASN A 432 15.27 -26.33 34.90
N PRO A 433 16.53 -26.47 34.46
CA PRO A 433 17.12 -25.41 33.62
C PRO A 433 16.32 -25.11 32.36
N ASP A 434 15.55 -26.08 31.85
CA ASP A 434 14.75 -25.84 30.66
C ASP A 434 13.56 -24.92 30.92
N ASN A 435 13.22 -24.68 32.19
CA ASN A 435 12.16 -23.74 32.54
C ASN A 435 12.71 -22.38 32.97
N ILE A 436 14.01 -22.15 32.78
CA ILE A 436 14.60 -20.83 33.00
C ILE A 436 14.41 -20.00 31.74
N SER A 437 13.94 -18.76 31.90
CA SER A 437 13.60 -17.92 30.77
C SER A 437 14.18 -16.53 30.97
N TRP A 438 14.83 -16.01 29.94
CA TRP A 438 15.30 -14.63 29.88
C TRP A 438 14.39 -13.86 28.95
N GLY A 439 13.80 -12.78 29.45
CA GLY A 439 12.84 -12.00 28.71
C GLY A 439 13.40 -10.69 28.21
N TYR A 440 12.54 -9.68 28.12
CA TYR A 440 12.91 -8.35 27.64
C TYR A 440 14.08 -7.78 28.43
N ARG A 441 15.22 -7.58 27.75
CA ARG A 441 16.46 -7.06 28.29
C ARG A 441 17.17 -8.02 29.24
N GLY A 442 16.57 -9.18 29.53
CA GLY A 442 17.27 -10.27 30.19
C GLY A 442 17.70 -9.99 31.61
N GLY A 443 18.84 -10.56 31.98
CA GLY A 443 19.35 -10.45 33.33
C GLY A 443 20.42 -11.51 33.56
N ARG A 444 20.86 -11.59 34.80
CA ARG A 444 21.98 -12.46 35.18
C ARG A 444 21.47 -13.72 35.87
N LEU A 445 21.90 -14.87 35.37
CA LEU A 445 21.72 -16.16 36.04
C LEU A 445 23.05 -16.55 36.66
N GLU A 446 23.12 -16.54 37.99
CA GLU A 446 24.34 -16.84 38.72
C GLU A 446 24.33 -18.32 39.10
N LEU A 447 25.17 -19.11 38.43
CA LEU A 447 25.20 -20.54 38.68
C LEU A 447 25.77 -20.85 40.06
N ASN A 448 26.76 -20.06 40.50
CA ASN A 448 27.36 -20.20 41.82
C ASN A 448 27.92 -21.62 42.03
N GLY A 449 28.91 -21.96 41.21
CA GLY A 449 29.63 -23.21 41.35
C GLY A 449 28.86 -24.46 40.96
N ASN A 450 27.59 -24.35 40.58
CA ASN A 450 26.80 -25.52 40.24
C ASN A 450 26.93 -25.87 38.77
N ASN A 451 26.56 -27.10 38.44
CA ASN A 451 26.57 -27.60 37.07
C ASN A 451 25.14 -27.73 36.58
N LEU A 452 24.88 -27.24 35.38
CA LEU A 452 23.54 -27.27 34.79
C LEU A 452 23.62 -27.90 33.40
N THR A 453 22.47 -28.42 32.96
CA THR A 453 22.34 -29.03 31.64
C THR A 453 21.08 -28.48 30.98
N PHE A 454 21.24 -27.84 29.83
CA PHE A 454 20.13 -27.29 29.07
C PHE A 454 19.86 -28.15 27.84
N THR A 455 18.57 -28.29 27.51
CA THR A 455 18.15 -28.80 26.22
C THR A 455 17.53 -27.71 25.36
N ARG A 456 17.37 -26.51 25.90
CA ARG A 456 16.89 -25.34 25.19
C ARG A 456 17.30 -24.10 25.97
N LEU A 457 17.60 -23.03 25.25
CA LEU A 457 18.03 -21.76 25.85
C LEU A 457 16.99 -20.71 25.49
N GLN A 458 15.99 -20.54 26.36
CA GLN A 458 14.93 -19.55 26.17
C GLN A 458 15.50 -18.17 26.53
N ALA A 459 16.28 -17.62 25.61
CA ALA A 459 16.92 -16.33 25.78
C ALA A 459 16.36 -15.36 24.76
N ALA A 460 15.80 -14.24 25.24
CA ALA A 460 15.12 -13.31 24.36
C ALA A 460 16.09 -12.43 23.57
N ASP A 461 17.10 -11.89 24.24
CA ASP A 461 17.98 -10.91 23.59
C ASP A 461 19.36 -10.97 24.25
N TYR A 462 20.19 -9.96 23.94
CA TYR A 462 21.56 -9.91 24.42
C TYR A 462 21.64 -9.75 25.94
N GLY A 463 20.55 -9.32 26.59
CA GLY A 463 20.54 -9.17 28.03
C GLY A 463 20.63 -10.47 28.81
N ALA A 464 20.44 -11.61 28.14
CA ALA A 464 20.54 -12.90 28.82
C ALA A 464 21.99 -13.18 29.22
N ILE A 465 22.20 -13.45 30.49
CA ILE A 465 23.55 -13.64 31.03
C ILE A 465 23.58 -14.92 31.86
N ILE A 466 24.54 -15.78 31.58
CA ILE A 466 24.82 -16.97 32.40
C ILE A 466 26.25 -16.82 32.92
N THR A 467 26.38 -16.64 34.24
CA THR A 467 27.66 -16.37 34.86
C THR A 467 27.91 -17.32 36.03
N ASN A 468 29.17 -17.36 36.45
CA ASN A 468 29.59 -18.02 37.68
C ASN A 468 30.66 -17.15 38.30
N ASN A 469 30.35 -16.56 39.46
CA ASN A 469 31.31 -15.73 40.19
C ASN A 469 31.86 -16.45 41.41
N SER A 470 31.63 -17.75 41.53
CA SER A 470 32.21 -18.55 42.59
C SER A 470 33.58 -19.06 42.15
N GLU A 471 34.38 -19.49 43.14
CA GLU A 471 35.67 -20.06 42.84
C GLU A 471 35.59 -21.50 42.36
N LYS A 472 34.46 -22.16 42.59
CA LYS A 472 34.23 -23.49 42.04
C LYS A 472 33.78 -23.36 40.58
N LYS A 473 34.50 -24.01 39.68
CA LYS A 473 34.23 -23.87 38.26
C LYS A 473 32.93 -24.58 37.90
N SER A 474 32.03 -23.86 37.24
CA SER A 474 30.77 -24.41 36.78
C SER A 474 30.93 -25.01 35.40
N THR A 475 30.19 -26.09 35.15
CA THR A 475 30.25 -26.83 33.89
C THR A 475 28.85 -26.88 33.29
N VAL A 476 28.58 -25.99 32.34
CA VAL A 476 27.30 -25.95 31.65
C VAL A 476 27.35 -26.91 30.46
N THR A 477 26.40 -27.84 30.41
CA THR A 477 26.28 -28.77 29.31
C THR A 477 25.09 -28.35 28.45
N LEU A 478 25.35 -27.99 27.21
CA LEU A 478 24.31 -27.53 26.29
C LEU A 478 23.95 -28.68 25.36
N ASP A 479 23.19 -29.63 25.88
CA ASP A 479 22.67 -30.74 25.08
C ASP A 479 21.33 -30.31 24.48
N LEU A 480 21.42 -29.33 23.60
CA LEU A 480 20.23 -28.71 23.03
C LEU A 480 19.51 -29.71 22.13
N GLN A 481 18.19 -29.80 22.31
CA GLN A 481 17.35 -30.63 21.46
C GLN A 481 16.11 -29.82 21.07
N THR A 482 15.77 -29.85 19.79
CA THR A 482 14.57 -29.16 19.33
C THR A 482 13.31 -29.98 19.56
N LEU A 483 13.44 -31.31 19.62
CA LEU A 483 12.31 -32.19 19.86
C LEU A 483 12.83 -33.43 20.58
N LYS A 484 12.57 -33.52 21.88
CA LYS A 484 13.06 -34.66 22.65
C LYS A 484 12.26 -35.91 22.30
N ALA A 485 12.96 -37.05 22.26
CA ALA A 485 12.30 -38.30 21.92
C ALA A 485 11.29 -38.70 22.99
N SER A 486 11.55 -38.35 24.25
CA SER A 486 10.65 -38.70 25.34
C SER A 486 9.27 -38.06 25.19
N ASP A 487 9.18 -36.95 24.46
CA ASP A 487 7.93 -36.20 24.33
C ASP A 487 7.20 -36.52 23.04
N ILE A 488 7.64 -37.54 22.30
CA ILE A 488 7.01 -37.93 21.05
C ILE A 488 6.01 -39.04 21.33
N ASN A 489 4.81 -38.92 20.77
CA ASN A 489 3.76 -39.92 20.91
C ASN A 489 3.57 -40.61 19.57
N VAL A 490 3.69 -41.94 19.57
CA VAL A 490 3.55 -42.73 18.35
C VAL A 490 2.49 -43.81 18.58
N PRO A 491 1.21 -43.51 18.36
CA PRO A 491 0.19 -44.55 18.41
C PRO A 491 0.26 -45.47 17.19
N VAL A 492 -0.02 -46.76 17.42
CA VAL A 492 0.00 -47.76 16.36
C VAL A 492 -1.44 -47.89 15.87
N ASN A 493 -1.76 -47.19 14.78
CA ASN A 493 -3.08 -47.29 14.16
C ASN A 493 -3.15 -48.48 13.22
N THR A 494 -4.36 -48.73 12.71
CA THR A 494 -4.62 -49.87 11.83
C THR A 494 -5.09 -49.40 10.46
N VAL A 495 -4.66 -50.12 9.43
CA VAL A 495 -5.09 -49.86 8.05
C VAL A 495 -6.48 -50.44 7.83
N SER A 496 -7.47 -49.55 7.71
CA SER A 496 -8.84 -49.99 7.44
C SER A 496 -8.98 -50.40 5.98
N ILE A 497 -9.85 -51.39 5.74
CA ILE A 497 -10.10 -51.83 4.37
C ILE A 497 -10.70 -50.69 3.54
N PHE A 498 -11.72 -50.02 4.06
CA PHE A 498 -12.41 -48.97 3.31
C PHE A 498 -12.13 -47.59 3.92
N GLY A 499 -11.14 -46.91 3.35
CA GLY A 499 -10.91 -45.50 3.58
C GLY A 499 -10.05 -45.19 4.79
N GLY A 500 -9.47 -44.00 4.77
CA GLY A 500 -8.66 -43.52 5.88
C GLY A 500 -8.46 -42.01 5.89
N ARG A 501 -8.86 -41.36 6.99
CA ARG A 501 -8.61 -39.94 7.21
C ARG A 501 -7.57 -39.83 8.31
N GLY A 502 -6.38 -39.35 7.96
CA GLY A 502 -5.30 -39.26 8.92
C GLY A 502 -4.33 -38.14 8.57
N ALA A 503 -3.30 -38.01 9.43
CA ALA A 503 -2.21 -37.05 9.35
C ALA A 503 -0.93 -37.72 8.86
N PRO A 504 -0.07 -36.99 8.15
CA PRO A 504 1.17 -37.58 7.66
C PRO A 504 2.11 -37.94 8.81
N GLY A 505 3.05 -38.82 8.51
CA GLY A 505 3.99 -39.26 9.52
C GLY A 505 3.44 -40.19 10.58
N ASP A 506 2.20 -40.65 10.42
CA ASP A 506 1.58 -41.52 11.41
C ASP A 506 1.89 -42.98 11.12
N LEU A 507 1.92 -43.78 12.18
CA LEU A 507 2.22 -45.20 12.08
C LEU A 507 0.93 -45.98 11.82
N TYR A 508 0.99 -46.91 10.88
CA TYR A 508 -0.14 -47.76 10.54
C TYR A 508 0.31 -49.21 10.52
N TYR A 509 -0.57 -50.11 10.96
CA TYR A 509 -0.25 -51.53 11.12
C TYR A 509 -1.29 -52.33 10.36
N ASP A 510 -0.84 -53.02 9.31
CA ASP A 510 -1.72 -53.83 8.48
C ASP A 510 -1.89 -55.21 9.13
N SER A 511 -3.14 -55.57 9.44
CA SER A 511 -3.38 -56.82 10.16
C SER A 511 -3.00 -58.04 9.33
N SER A 512 -3.26 -58.01 8.03
CA SER A 512 -3.02 -59.16 7.17
C SER A 512 -1.54 -59.48 7.02
N THR A 513 -0.83 -58.68 6.22
CA THR A 513 0.59 -58.93 5.97
C THR A 513 1.45 -58.72 7.22
N LYS A 514 0.91 -58.04 8.23
CA LYS A 514 1.65 -57.69 9.45
C LYS A 514 2.98 -57.00 9.12
N GLN A 515 2.83 -55.80 8.58
CA GLN A 515 3.93 -54.92 8.25
C GLN A 515 3.64 -53.55 8.83
N TYR A 516 4.69 -52.77 9.04
CA TYR A 516 4.55 -51.40 9.55
C TYR A 516 4.83 -50.40 8.44
N PHE A 517 4.04 -49.33 8.42
CA PHE A 517 4.08 -48.34 7.36
C PHE A 517 3.97 -46.94 7.96
N ILE A 518 4.63 -45.99 7.30
CA ILE A 518 4.56 -44.57 7.66
C ILE A 518 3.75 -43.86 6.59
N LEU A 519 2.68 -43.19 7.01
CA LEU A 519 1.80 -42.51 6.07
C LEU A 519 2.47 -41.25 5.54
N LYS A 520 2.31 -41.00 4.24
CA LYS A 520 2.91 -39.84 3.58
C LYS A 520 1.90 -38.78 3.16
N ALA A 521 0.60 -39.03 3.31
CA ALA A 521 -0.42 -38.13 2.78
C ALA A 521 -1.50 -37.94 3.83
N SER A 522 -2.53 -37.17 3.46
CA SER A 522 -3.65 -36.89 4.36
C SER A 522 -4.76 -37.92 4.26
N SER A 523 -4.72 -38.81 3.27
CA SER A 523 -5.76 -39.81 3.09
C SER A 523 -5.17 -40.98 2.33
N TYR A 524 -5.80 -42.15 2.48
CA TYR A 524 -5.40 -43.34 1.74
C TYR A 524 -6.64 -44.07 1.24
N SER A 525 -6.49 -44.70 0.07
CA SER A 525 -7.63 -45.22 -0.66
C SER A 525 -8.15 -46.52 -0.03
N PRO A 526 -9.45 -46.79 -0.19
CA PRO A 526 -10.02 -48.04 0.33
C PRO A 526 -9.55 -49.26 -0.44
N PHE A 527 -9.92 -50.43 0.09
CA PHE A 527 -9.69 -51.71 -0.55
C PHE A 527 -8.22 -51.98 -0.81
N PHE A 528 -7.34 -51.38 0.00
CA PHE A 528 -5.89 -51.55 -0.13
C PHE A 528 -5.41 -51.12 -1.52
N SER A 529 -6.04 -50.07 -2.05
CA SER A 529 -5.73 -49.62 -3.41
C SER A 529 -4.40 -48.90 -3.51
N ASP A 530 -3.89 -48.35 -2.41
CA ASP A 530 -2.70 -47.51 -2.43
C ASP A 530 -1.57 -48.04 -1.56
N LEU A 531 -1.73 -49.20 -0.92
CA LEU A 531 -0.68 -49.70 -0.04
C LEU A 531 0.62 -49.94 -0.80
N ASN A 532 0.59 -50.83 -1.79
CA ASN A 532 1.77 -51.11 -2.59
C ASN A 532 2.07 -50.02 -3.61
N ASN A 533 1.48 -48.84 -3.43
CA ASN A 533 2.02 -47.61 -4.02
C ASN A 533 3.29 -47.23 -3.27
N SER A 534 4.00 -46.23 -3.80
CA SER A 534 5.24 -45.77 -3.19
C SER A 534 5.26 -44.27 -2.96
N SER A 535 4.09 -43.64 -2.86
CA SER A 535 4.03 -42.19 -2.71
C SER A 535 3.19 -41.78 -1.51
N VAL A 536 2.20 -42.60 -1.15
CA VAL A 536 1.36 -42.33 0.01
C VAL A 536 1.73 -43.21 1.20
N TRP A 537 2.67 -44.13 1.04
CA TRP A 537 3.14 -44.98 2.13
C TRP A 537 4.66 -45.07 2.06
N GLN A 538 5.28 -45.19 3.24
CA GLN A 538 6.71 -45.44 3.35
C GLN A 538 6.91 -46.68 4.22
N ASN A 539 7.50 -47.72 3.63
CA ASN A 539 7.68 -48.97 4.33
C ASN A 539 8.80 -48.88 5.37
N VAL A 540 8.58 -49.52 6.52
CA VAL A 540 9.57 -49.59 7.59
C VAL A 540 9.63 -51.04 8.07
N GLY A 541 10.70 -51.32 8.83
CA GLY A 541 10.96 -52.70 9.23
C GLY A 541 9.83 -53.31 10.03
N LYS A 542 9.85 -54.65 10.08
CA LYS A 542 8.76 -55.39 10.72
C LYS A 542 8.78 -55.25 12.23
N ASP A 543 9.96 -55.10 12.83
CA ASP A 543 10.06 -54.98 14.27
C ASP A 543 9.28 -53.78 14.77
N ARG A 544 8.46 -54.00 15.81
CA ARG A 544 7.61 -52.93 16.31
C ARG A 544 8.43 -51.80 16.91
N ASN A 545 9.49 -52.12 17.65
CA ASN A 545 10.34 -51.07 18.20
C ASN A 545 11.12 -50.36 17.11
N LYS A 546 11.54 -51.10 16.07
CA LYS A 546 12.34 -50.51 15.00
C LYS A 546 11.56 -49.43 14.25
N ALA A 547 10.29 -49.72 13.92
CA ALA A 547 9.49 -48.78 13.14
C ALA A 547 9.21 -47.50 13.93
N ILE A 548 8.88 -47.65 15.23
CA ILE A 548 8.53 -46.48 16.03
C ILE A 548 9.72 -45.54 16.15
N ASP A 549 10.93 -46.10 16.26
CA ASP A 549 12.13 -45.26 16.31
C ASP A 549 12.30 -44.46 15.02
N THR A 550 12.05 -45.10 13.87
CA THR A 550 12.15 -44.40 12.60
C THR A 550 11.15 -43.24 12.53
N VAL A 551 9.94 -43.44 13.08
CA VAL A 551 8.98 -42.36 13.15
C VAL A 551 9.50 -41.24 14.05
N LYS A 552 10.05 -41.62 15.22
CA LYS A 552 10.56 -40.61 16.14
C LYS A 552 11.76 -39.87 15.56
N GLN A 553 12.57 -40.56 14.75
CA GLN A 553 13.69 -39.88 14.10
C GLN A 553 13.21 -38.93 13.02
N GLN A 554 12.15 -39.30 12.29
CA GLN A 554 11.60 -38.42 11.27
C GLN A 554 11.02 -37.15 11.87
N LYS A 555 10.31 -37.28 13.00
CA LYS A 555 9.77 -36.09 13.66
C LYS A 555 10.87 -35.20 14.21
N ILE A 556 11.89 -35.80 14.84
CA ILE A 556 13.01 -35.02 15.35
C ILE A 556 13.74 -34.31 14.22
N GLU A 557 13.97 -35.01 13.11
CA GLU A 557 14.71 -34.43 11.99
C GLU A 557 13.91 -33.31 11.34
N ALA A 558 12.64 -33.58 11.02
CA ALA A 558 11.81 -32.57 10.37
C ALA A 558 11.64 -31.33 11.25
N SER A 559 11.38 -31.54 12.54
CA SER A 559 11.25 -30.42 13.47
C SER A 559 12.59 -29.74 13.75
N SER A 560 13.70 -30.29 13.27
CA SER A 560 15.01 -29.73 13.59
C SER A 560 15.30 -28.47 12.78
N GLN A 561 16.05 -27.57 13.42
CA GLN A 561 16.60 -26.38 12.79
C GLN A 561 17.90 -26.06 13.50
N PRO A 562 18.78 -25.26 12.89
CA PRO A 562 19.99 -24.83 13.59
C PRO A 562 19.65 -24.10 14.89
N TYR A 563 20.54 -24.22 15.86
CA TYR A 563 20.33 -23.62 17.17
C TYR A 563 21.04 -22.27 17.26
N MET A 564 20.45 -21.37 18.05
CA MET A 564 21.00 -20.03 18.23
C MET A 564 20.82 -19.58 19.67
N TYR A 565 21.84 -18.93 20.20
CA TYR A 565 21.82 -18.39 21.56
C TYR A 565 22.21 -16.92 21.52
N HIS A 566 21.28 -16.04 21.89
CA HIS A 566 21.49 -14.60 21.83
C HIS A 566 22.16 -14.02 23.06
N GLY A 567 22.29 -14.80 24.13
CA GLY A 567 22.74 -14.29 25.41
C GLY A 567 24.25 -14.29 25.55
N GLN A 568 24.69 -14.15 26.80
CA GLN A 568 26.10 -14.08 27.14
C GLN A 568 26.50 -15.29 27.99
N LEU A 569 27.73 -15.74 27.79
CA LEU A 569 28.36 -16.77 28.62
C LEU A 569 29.60 -16.15 29.25
N ASN A 570 29.50 -15.74 30.51
CA ASN A 570 30.57 -15.03 31.19
C ASN A 570 30.94 -15.76 32.47
N GLY A 571 32.09 -15.39 33.04
CA GLY A 571 32.47 -15.86 34.35
C GLY A 571 33.34 -17.10 34.34
N ASN A 572 33.34 -17.78 35.49
CA ASN A 572 34.16 -18.97 35.71
C ASN A 572 33.34 -20.20 35.32
N MET A 573 33.31 -20.49 34.02
CA MET A 573 32.47 -21.54 33.48
C MET A 573 33.20 -22.30 32.38
N ASP A 574 32.94 -23.60 32.31
CA ASP A 574 33.28 -24.42 31.15
C ASP A 574 31.98 -24.85 30.47
N VAL A 575 31.93 -24.73 29.15
CA VAL A 575 30.74 -25.04 28.37
C VAL A 575 31.05 -26.21 27.45
N ASN A 576 30.25 -27.27 27.55
CA ASN A 576 30.41 -28.46 26.74
C ASN A 576 29.21 -28.60 25.83
N ILE A 577 29.45 -28.69 24.53
CA ILE A 577 28.40 -28.85 23.54
C ILE A 577 28.61 -30.17 22.81
N PRO A 578 27.79 -31.19 23.04
CA PRO A 578 27.97 -32.46 22.34
C PRO A 578 27.40 -32.41 20.92
N GLN A 579 27.22 -33.56 20.29
CA GLN A 579 26.56 -33.60 19.00
C GLN A 579 25.07 -33.32 19.20
N LEU A 580 24.59 -32.25 18.57
CA LEU A 580 23.22 -31.81 18.78
C LEU A 580 22.25 -32.61 17.91
N SER A 581 21.05 -32.81 18.45
CA SER A 581 20.03 -33.58 17.72
C SER A 581 19.58 -32.84 16.47
N GLY A 582 19.29 -33.60 15.42
CA GLY A 582 18.84 -32.99 14.17
C GLY A 582 19.99 -32.25 13.52
N LYS A 583 19.73 -30.99 13.16
CA LYS A 583 20.76 -30.16 12.54
C LYS A 583 21.77 -29.77 13.62
N ASP A 584 22.97 -30.35 13.54
CA ASP A 584 24.00 -30.15 14.55
C ASP A 584 24.80 -28.87 14.24
N VAL A 585 24.11 -27.74 14.39
CA VAL A 585 24.71 -26.42 14.22
C VAL A 585 24.28 -25.53 15.37
N LEU A 586 25.24 -24.77 15.91
CA LEU A 586 24.97 -23.83 17.00
C LEU A 586 25.68 -22.52 16.69
N ALA A 587 24.94 -21.42 16.67
CA ALA A 587 25.47 -20.10 16.38
C ALA A 587 25.26 -19.18 17.57
N LEU A 588 26.29 -18.42 17.92
CA LEU A 588 26.25 -17.46 19.03
C LEU A 588 26.45 -16.07 18.46
N ASP A 589 25.45 -15.19 18.65
CA ASP A 589 25.55 -13.79 18.28
C ASP A 589 25.53 -12.89 19.52
N GLY A 590 25.93 -13.43 20.66
CA GLY A 590 26.05 -12.66 21.87
C GLY A 590 27.50 -12.52 22.31
N SER A 591 27.73 -12.35 23.60
CA SER A 591 29.07 -12.19 24.14
C SER A 591 29.52 -13.47 24.85
N VAL A 592 30.83 -13.64 24.92
CA VAL A 592 31.46 -14.72 25.69
C VAL A 592 32.67 -14.12 26.39
N ASN A 593 32.72 -14.24 27.72
CA ASN A 593 33.82 -13.71 28.53
C ASN A 593 34.19 -14.75 29.57
N LEU A 594 35.03 -15.71 29.18
CA LEU A 594 35.48 -16.79 30.04
C LEU A 594 37.00 -16.70 30.14
N PRO A 595 37.53 -15.94 31.09
CA PRO A 595 39.00 -15.77 31.16
C PRO A 595 39.75 -17.06 31.41
N GLU A 596 39.31 -17.87 32.37
CA GLU A 596 39.88 -19.19 32.61
C GLU A 596 38.95 -20.31 32.14
N GLY A 597 37.90 -19.97 31.38
CA GLY A 597 36.94 -20.97 30.96
C GLY A 597 37.24 -21.54 29.58
N SER A 598 36.65 -22.70 29.32
CA SER A 598 36.78 -23.38 28.04
C SER A 598 35.41 -23.65 27.45
N ILE A 599 35.36 -23.72 26.12
CA ILE A 599 34.17 -24.11 25.39
C ILE A 599 34.54 -25.28 24.48
N THR A 600 33.73 -26.34 24.52
CA THR A 600 34.01 -27.56 23.78
C THR A 600 32.84 -27.89 22.87
N LYS A 601 33.14 -28.27 21.63
CA LYS A 601 32.14 -28.70 20.67
C LYS A 601 32.52 -30.07 20.14
N LYS A 602 31.56 -31.00 20.17
CA LYS A 602 31.75 -32.36 19.67
C LYS A 602 30.92 -32.51 18.39
N SER A 603 31.62 -32.67 17.26
CA SER A 603 30.99 -32.83 15.95
C SER A 603 30.19 -31.59 15.55
N GLY A 604 29.65 -31.60 14.32
CA GLY A 604 28.76 -30.55 13.90
C GLY A 604 29.48 -29.25 13.61
N THR A 605 28.77 -28.14 13.84
CA THR A 605 29.25 -26.82 13.47
C THR A 605 29.00 -25.84 14.62
N LEU A 606 30.01 -25.05 14.95
CA LEU A 606 29.89 -23.97 15.92
C LEU A 606 30.30 -22.66 15.25
N ILE A 607 29.53 -21.60 15.52
CA ILE A 607 29.71 -20.32 14.84
C ILE A 607 29.72 -19.20 15.87
N PHE A 608 30.78 -18.40 15.86
CA PHE A 608 30.84 -17.13 16.58
C PHE A 608 30.65 -16.01 15.56
N GLN A 609 29.72 -15.10 15.84
CA GLN A 609 29.39 -14.05 14.89
C GLN A 609 28.92 -12.80 15.63
N GLY A 610 28.96 -11.68 14.92
CA GLY A 610 28.34 -10.47 15.41
C GLY A 610 26.83 -10.50 15.22
N HIS A 611 26.17 -9.54 15.86
CA HIS A 611 24.72 -9.49 15.84
C HIS A 611 24.23 -8.39 14.93
N PRO A 612 23.36 -8.69 13.95
CA PRO A 612 22.81 -7.64 13.11
C PRO A 612 21.88 -6.73 13.91
N VAL A 613 21.94 -5.44 13.62
CA VAL A 613 21.17 -4.46 14.38
C VAL A 613 19.68 -4.68 14.15
N ILE A 614 18.93 -4.71 15.24
CA ILE A 614 17.48 -4.93 15.17
C ILE A 614 16.79 -3.58 15.01
N HIS A 615 15.95 -3.47 13.98
CA HIS A 615 15.16 -2.29 13.74
C HIS A 615 13.69 -2.56 14.01
N ALA A 616 12.96 -1.50 14.35
CA ALA A 616 11.55 -1.64 14.71
C ALA A 616 10.73 -2.13 13.51
N GLY A 617 9.92 -3.15 13.73
CA GLY A 617 9.02 -3.66 12.71
C GLY A 617 9.68 -4.58 11.70
N THR A 618 10.98 -4.42 11.50
CA THR A 618 11.71 -5.21 10.52
C THR A 618 12.29 -6.47 11.15
N THR A 619 12.55 -7.47 10.31
CA THR A 619 13.24 -8.68 10.71
C THR A 619 14.67 -8.64 10.20
N THR A 620 15.61 -9.03 11.05
CA THR A 620 17.02 -8.97 10.67
C THR A 620 17.31 -9.87 9.48
N SER A 621 18.32 -9.49 8.70
CA SER A 621 18.74 -10.27 7.55
C SER A 621 20.26 -10.25 7.47
N SER A 622 20.82 -11.33 6.90
CA SER A 622 22.26 -11.39 6.71
C SER A 622 22.76 -10.35 5.73
N SER A 623 21.87 -9.76 4.93
CA SER A 623 22.23 -8.75 3.94
C SER A 623 22.40 -7.36 4.54
N GLN A 624 22.15 -7.19 5.84
CA GLN A 624 22.21 -5.87 6.45
C GLN A 624 23.61 -5.27 6.33
N SER A 625 23.67 -3.94 6.45
CA SER A 625 24.92 -3.21 6.45
C SER A 625 25.43 -2.89 7.84
N ASP A 626 24.54 -2.72 8.81
CA ASP A 626 24.90 -2.35 10.17
C ASP A 626 24.85 -3.57 11.07
N TRP A 627 25.96 -3.88 11.73
CA TRP A 627 26.04 -4.98 12.67
C TRP A 627 26.68 -4.49 13.96
N GLU A 628 26.36 -5.17 15.07
CA GLU A 628 27.02 -4.94 16.32
C GLU A 628 28.21 -5.88 16.45
N THR A 629 29.33 -5.35 16.94
CA THR A 629 30.51 -6.17 17.17
C THR A 629 30.37 -6.93 18.48
N ARG A 630 30.65 -8.22 18.45
CA ARG A 630 30.52 -9.08 19.61
C ARG A 630 31.88 -9.64 19.99
N GLN A 631 32.18 -9.68 21.29
CA GLN A 631 33.47 -10.09 21.80
C GLN A 631 33.38 -11.49 22.36
N PHE A 632 34.21 -12.40 21.86
CA PHE A 632 34.28 -13.77 22.34
C PHE A 632 35.66 -13.96 22.96
N THR A 633 35.73 -13.84 24.29
CA THR A 633 36.98 -13.97 25.03
C THR A 633 36.99 -15.32 25.73
N LEU A 634 37.89 -16.20 25.30
CA LEU A 634 38.04 -17.53 25.86
C LEU A 634 39.48 -17.75 26.29
N GLU A 635 39.69 -18.80 27.08
CA GLU A 635 41.03 -19.31 27.31
C GLU A 635 41.37 -20.39 26.30
N LYS A 636 40.40 -21.22 25.93
CA LYS A 636 40.65 -22.37 25.06
C LYS A 636 39.34 -22.85 24.48
N LEU A 637 39.27 -22.95 23.16
CA LEU A 637 38.13 -23.51 22.46
C LEU A 637 38.53 -24.87 21.90
N LYS A 638 37.91 -25.93 22.40
CA LYS A 638 38.24 -27.29 22.00
C LYS A 638 37.24 -27.77 20.95
N LEU A 639 37.77 -28.23 19.81
CA LEU A 639 36.96 -28.76 18.73
C LEU A 639 37.33 -30.21 18.50
N ASP A 640 36.32 -31.08 18.46
CA ASP A 640 36.51 -32.52 18.30
C ASP A 640 35.70 -32.96 17.08
N ALA A 641 36.38 -33.04 15.93
CA ALA A 641 35.76 -33.43 14.66
C ALA A 641 34.57 -32.54 14.32
N ALA A 642 34.76 -31.22 14.45
CA ALA A 642 33.71 -30.25 14.25
C ALA A 642 34.21 -29.16 13.29
N THR A 643 33.33 -28.21 12.99
CA THR A 643 33.65 -27.08 12.12
C THR A 643 33.34 -25.79 12.86
N PHE A 644 34.29 -24.86 12.85
CA PHE A 644 34.15 -23.60 13.58
C PHE A 644 34.25 -22.44 12.62
N HIS A 645 33.28 -21.52 12.70
CA HIS A 645 33.26 -20.31 11.90
C HIS A 645 33.38 -19.10 12.81
N LEU A 646 34.37 -18.25 12.53
CA LEU A 646 34.45 -16.91 13.11
C LEU A 646 34.01 -15.94 12.02
N SER A 647 32.75 -15.53 12.08
CA SER A 647 32.12 -14.79 10.99
C SER A 647 32.28 -13.28 11.20
N ARG A 648 31.55 -12.50 10.41
CA ARG A 648 31.73 -11.05 10.39
C ARG A 648 31.37 -10.42 11.73
N ASN A 649 32.01 -9.30 12.02
CA ASN A 649 31.76 -8.50 13.23
C ASN A 649 31.93 -9.32 14.50
N GLY A 650 32.81 -10.32 14.46
CA GLY A 650 33.14 -11.09 15.64
C GLY A 650 34.61 -11.02 15.99
N LYS A 651 34.92 -10.51 17.18
CA LYS A 651 36.28 -10.39 17.66
C LYS A 651 36.53 -11.44 18.73
N MET A 652 37.49 -12.32 18.49
CA MET A 652 37.78 -13.45 19.35
C MET A 652 39.18 -13.34 19.93
N GLN A 653 39.30 -13.63 21.22
CA GLN A 653 40.58 -13.68 21.91
C GLN A 653 40.63 -14.96 22.72
N GLY A 654 41.45 -15.91 22.28
CA GLY A 654 41.55 -17.19 22.93
C GLY A 654 42.17 -18.23 22.02
N ASP A 655 42.67 -19.29 22.64
CA ASP A 655 43.32 -20.35 21.90
C ASP A 655 42.29 -21.34 21.35
N ILE A 656 42.65 -21.97 20.23
CA ILE A 656 41.81 -22.96 19.57
C ILE A 656 42.59 -24.26 19.47
N ASN A 657 41.99 -25.35 19.93
CA ASN A 657 42.58 -26.68 19.83
C ASN A 657 41.66 -27.54 18.97
N ALA A 658 42.10 -27.85 17.75
CA ALA A 658 41.34 -28.66 16.82
C ALA A 658 41.98 -30.05 16.71
N THR A 659 41.14 -31.06 16.55
CA THR A 659 41.63 -32.44 16.48
C THR A 659 40.58 -33.30 15.79
N ASN A 660 41.04 -34.46 15.31
CA ASN A 660 40.17 -35.46 14.67
C ASN A 660 39.46 -34.90 13.45
N GLY A 661 40.21 -34.19 12.61
CA GLY A 661 39.67 -33.69 11.36
C GLY A 661 38.78 -32.48 11.49
N SER A 662 39.04 -31.62 12.47
CA SER A 662 38.24 -30.42 12.64
C SER A 662 38.61 -29.37 11.60
N THR A 663 37.65 -28.50 11.28
CA THR A 663 37.85 -27.44 10.29
C THR A 663 37.63 -26.09 10.97
N VAL A 664 38.67 -25.27 10.98
CA VAL A 664 38.63 -23.93 11.58
C VAL A 664 38.67 -22.91 10.46
N ILE A 665 37.68 -22.02 10.45
CA ILE A 665 37.55 -20.99 9.42
C ILE A 665 37.44 -19.65 10.12
N LEU A 666 38.52 -18.85 10.06
CA LEU A 666 38.55 -17.52 10.64
C LEU A 666 38.31 -16.51 9.53
N GLY A 667 37.12 -15.91 9.53
CA GLY A 667 36.71 -15.02 8.45
C GLY A 667 35.72 -15.70 7.53
N SER A 668 34.78 -16.45 8.12
CA SER A 668 33.81 -17.19 7.34
C SER A 668 32.65 -16.29 6.91
N SER A 669 32.01 -16.68 5.82
CA SER A 669 30.81 -15.99 5.35
C SER A 669 29.53 -16.55 5.94
N ARG A 670 29.56 -17.78 6.47
CA ARG A 670 28.36 -18.43 6.99
C ARG A 670 27.91 -17.75 8.28
N VAL A 671 26.70 -17.20 8.27
CA VAL A 671 26.10 -16.56 9.44
C VAL A 671 24.68 -17.07 9.59
N PHE A 672 24.07 -16.73 10.72
CA PHE A 672 22.69 -17.12 11.00
C PHE A 672 21.93 -15.94 11.58
N THR A 673 20.68 -15.79 11.14
CA THR A 673 19.78 -14.75 11.62
C THR A 673 18.56 -15.38 12.27
N ASP A 674 17.85 -14.57 13.05
CA ASP A 674 16.64 -15.00 13.75
C ASP A 674 15.46 -14.22 13.18
N ARG A 675 14.48 -14.94 12.64
CA ARG A 675 13.29 -14.29 12.10
C ARG A 675 12.50 -13.57 13.20
N SER A 676 12.52 -14.10 14.42
CA SER A 676 11.80 -13.51 15.54
C SER A 676 12.74 -12.81 16.51
N ASP A 677 13.87 -12.31 16.01
CA ASP A 677 14.80 -11.56 16.85
C ASP A 677 14.18 -10.23 17.23
N GLY A 678 14.16 -9.94 18.53
CA GLY A 678 13.57 -8.72 19.03
C GLY A 678 12.08 -8.80 19.28
N THR A 679 11.48 -9.99 19.19
CA THR A 679 10.06 -10.17 19.45
C THR A 679 9.76 -10.95 20.71
N GLY A 680 10.72 -11.70 21.24
CA GLY A 680 10.49 -12.54 22.39
C GLY A 680 9.97 -13.93 22.09
N ASN A 681 9.81 -14.27 20.81
CA ASN A 681 9.32 -15.58 20.41
C ASN A 681 10.48 -16.56 20.26
N ALA A 682 10.14 -17.82 20.03
CA ALA A 682 11.14 -18.86 19.85
C ALA A 682 12.01 -18.55 18.62
N VAL A 683 13.20 -19.15 18.61
CA VAL A 683 14.17 -18.86 17.57
C VAL A 683 13.74 -19.53 16.27
N SER A 684 13.82 -18.78 15.17
CA SER A 684 13.63 -19.29 13.81
C SER A 684 14.95 -19.13 13.08
N SER A 685 15.69 -20.24 12.95
CA SER A 685 17.04 -20.19 12.38
C SER A 685 16.98 -20.05 10.86
N VAL A 686 17.77 -19.11 10.35
CA VAL A 686 17.92 -18.91 8.91
C VAL A 686 19.41 -18.81 8.60
N GLU A 687 19.88 -19.65 7.68
CA GLU A 687 21.28 -19.64 7.29
C GLU A 687 21.48 -18.63 6.16
N GLY A 688 22.52 -17.80 6.28
CA GLY A 688 22.83 -16.82 5.28
C GLY A 688 24.33 -16.69 5.09
N SER A 689 24.70 -15.90 4.09
CA SER A 689 26.10 -15.61 3.78
C SER A 689 26.29 -14.10 3.79
N ALA A 690 27.14 -13.62 4.70
CA ALA A 690 27.39 -12.21 4.85
C ALA A 690 28.89 -11.95 4.83
N THR A 691 29.30 -10.91 4.10
CA THR A 691 30.70 -10.53 3.99
C THR A 691 30.83 -9.05 4.31
N ALA A 692 31.67 -8.74 5.30
CA ALA A 692 31.88 -7.36 5.71
C ALA A 692 32.75 -6.65 4.68
N THR A 693 32.36 -5.43 4.32
CA THR A 693 33.11 -4.68 3.32
C THR A 693 34.32 -3.99 3.94
N THR A 694 34.09 -3.16 4.96
CA THR A 694 35.15 -2.39 5.58
C THR A 694 35.81 -3.14 6.73
N VAL A 695 36.99 -2.67 7.12
CA VAL A 695 37.61 -3.24 8.30
C VAL A 695 36.86 -2.77 9.53
N GLY A 696 37.12 -3.42 10.65
CA GLY A 696 36.38 -3.19 11.85
C GLY A 696 35.07 -3.96 11.88
N ASP A 697 34.48 -4.21 10.72
CA ASP A 697 33.34 -5.12 10.60
C ASP A 697 33.79 -6.53 10.28
N GLN A 698 35.06 -6.71 9.91
CA GLN A 698 35.63 -8.01 9.63
C GLN A 698 35.98 -8.72 10.92
N SER A 699 35.99 -10.05 10.87
CA SER A 699 36.36 -10.83 12.04
C SER A 699 37.81 -10.55 12.42
N ASP A 700 38.08 -10.63 13.72
CA ASP A 700 39.41 -10.37 14.25
C ASP A 700 39.72 -11.42 15.30
N TYR A 701 40.84 -12.11 15.14
CA TYR A 701 41.21 -13.21 16.02
C TYR A 701 42.58 -12.95 16.64
N SER A 702 42.74 -13.37 17.89
CA SER A 702 44.02 -13.31 18.58
C SER A 702 44.13 -14.55 19.48
N GLY A 703 45.18 -15.32 19.29
CA GLY A 703 45.40 -16.51 20.08
C GLY A 703 46.19 -17.54 19.30
N ASN A 704 46.47 -18.66 19.97
CA ASN A 704 47.27 -19.73 19.38
C ASN A 704 46.34 -20.87 18.96
N VAL A 705 46.49 -21.29 17.70
CA VAL A 705 45.67 -22.36 17.13
C VAL A 705 46.51 -23.62 17.07
N THR A 706 45.97 -24.72 17.60
CA THR A 706 46.63 -26.01 17.60
C THR A 706 45.81 -26.98 16.76
N LEU A 707 46.46 -27.62 15.79
CA LEU A 707 45.79 -28.51 14.85
C LEU A 707 46.41 -29.89 14.93
N GLU A 708 45.56 -30.92 14.99
CA GLU A 708 46.00 -32.29 15.11
C GLU A 708 45.10 -33.19 14.27
N ASN A 709 45.71 -34.21 13.66
CA ASN A 709 45.01 -35.33 13.01
C ASN A 709 44.13 -34.84 11.85
N LYS A 710 44.82 -34.38 10.81
CA LYS A 710 44.19 -34.04 9.53
C LYS A 710 43.14 -32.92 9.69
N SER A 711 43.42 -31.97 10.58
CA SER A 711 42.55 -30.83 10.75
C SER A 711 42.88 -29.74 9.72
N SER A 712 42.00 -28.74 9.66
CA SER A 712 42.13 -27.66 8.68
C SER A 712 42.09 -26.32 9.39
N LEU A 713 42.74 -25.33 8.77
CA LEU A 713 42.69 -23.95 9.24
C LEU A 713 42.70 -23.02 8.03
N GLN A 714 41.76 -22.08 8.00
CA GLN A 714 41.67 -21.10 6.93
C GLN A 714 41.67 -19.71 7.56
N ILE A 715 42.64 -18.90 7.17
CA ILE A 715 42.80 -17.54 7.69
C ILE A 715 42.40 -16.58 6.58
N MET A 716 41.18 -16.07 6.65
CA MET A 716 40.62 -15.21 5.61
C MET A 716 40.55 -13.75 5.99
N GLU A 717 40.47 -13.43 7.28
CA GLU A 717 40.46 -12.05 7.72
C GLU A 717 41.52 -11.84 8.81
N ARG A 718 41.50 -10.67 9.47
CA ARG A 718 42.60 -10.27 10.34
C ARG A 718 42.92 -11.33 11.37
N PHE A 719 44.22 -11.61 11.52
CA PHE A 719 44.73 -12.69 12.35
C PHE A 719 45.99 -12.20 13.07
N THR A 720 46.11 -12.56 14.36
CA THR A 720 47.26 -12.14 15.16
C THR A 720 47.48 -13.20 16.25
N GLY A 721 48.21 -14.26 15.90
CA GLY A 721 48.47 -15.32 16.85
C GLY A 721 49.54 -16.31 16.45
N GLY A 722 49.37 -17.57 16.82
CA GLY A 722 50.35 -18.60 16.52
C GLY A 722 49.68 -19.88 16.04
N ILE A 723 50.51 -20.80 15.57
CA ILE A 723 50.04 -22.06 15.01
C ILE A 723 50.96 -23.18 15.49
N GLU A 724 50.36 -24.27 15.98
CA GLU A 724 51.04 -25.54 16.24
C GLU A 724 50.32 -26.60 15.44
N ALA A 725 50.80 -26.85 14.22
CA ALA A 725 50.16 -27.77 13.30
C ALA A 725 50.90 -29.10 13.29
N TYR A 726 50.16 -30.19 13.48
CA TYR A 726 50.69 -31.55 13.44
C TYR A 726 49.78 -32.37 12.53
N ASP A 727 50.31 -32.74 11.35
CA ASP A 727 49.57 -33.56 10.40
C ASP A 727 48.28 -32.88 9.95
N SER A 728 48.35 -31.57 9.71
CA SER A 728 47.15 -30.79 9.42
C SER A 728 47.44 -29.84 8.25
N THR A 729 46.46 -29.01 7.93
CA THR A 729 46.54 -28.08 6.80
C THR A 729 46.20 -26.68 7.27
N VAL A 730 46.97 -25.70 6.81
CA VAL A 730 46.73 -24.29 7.08
C VAL A 730 46.68 -23.55 5.75
N SER A 731 45.62 -22.77 5.56
CA SER A 731 45.46 -21.95 4.36
C SER A 731 45.31 -20.49 4.78
N VAL A 732 46.10 -19.62 4.15
CA VAL A 732 46.08 -18.19 4.45
C VAL A 732 45.67 -17.45 3.19
N THR A 733 44.51 -16.79 3.24
CA THR A 733 44.06 -15.92 2.16
C THR A 733 43.84 -14.49 2.63
N SER A 734 44.02 -14.22 3.91
CA SER A 734 43.86 -12.88 4.45
C SER A 734 44.95 -11.95 3.92
N GLN A 735 44.69 -10.64 4.02
CA GLN A 735 45.65 -9.64 3.58
C GLN A 735 46.40 -8.97 4.73
N ASN A 736 46.02 -9.24 5.97
CA ASN A 736 46.72 -8.72 7.14
C ASN A 736 46.87 -9.81 8.19
N ALA A 737 47.39 -10.95 7.78
CA ALA A 737 47.64 -12.06 8.70
C ALA A 737 49.03 -11.92 9.30
N VAL A 738 49.10 -11.98 10.62
CA VAL A 738 50.35 -11.79 11.37
C VAL A 738 50.50 -12.91 12.38
N PHE A 739 51.66 -13.55 12.38
CA PHE A 739 51.96 -14.59 13.36
C PHE A 739 52.57 -13.94 14.59
N ASP A 740 51.77 -13.81 15.65
CA ASP A 740 52.25 -13.19 16.88
C ASP A 740 53.23 -14.11 17.61
N ARG A 741 52.89 -15.39 17.72
CA ARG A 741 53.69 -16.37 18.42
C ARG A 741 54.46 -17.24 17.40
N VAL A 742 54.92 -18.40 17.84
CA VAL A 742 55.67 -19.30 16.98
C VAL A 742 54.72 -19.99 16.00
N GLY A 743 55.18 -20.17 14.76
CA GLY A 743 54.46 -20.97 13.80
C GLY A 743 55.14 -22.30 13.56
N SER A 744 54.55 -23.39 14.05
CA SER A 744 55.14 -24.72 13.97
C SER A 744 54.31 -25.58 13.02
N PHE A 745 55.00 -26.31 12.13
CA PHE A 745 54.34 -27.11 11.08
C PHE A 745 55.06 -28.45 10.97
N VAL A 746 54.70 -29.39 11.85
CA VAL A 746 55.24 -30.73 11.81
C VAL A 746 54.37 -31.57 10.86
N ASN A 747 54.92 -31.90 9.70
CA ASN A 747 54.21 -32.66 8.67
C ASN A 747 52.90 -31.96 8.32
N SER A 748 52.98 -30.64 8.14
CA SER A 748 51.82 -29.82 7.87
C SER A 748 52.16 -28.84 6.75
N SER A 749 51.13 -28.39 6.06
CA SER A 749 51.28 -27.54 4.88
C SER A 749 50.76 -26.14 5.19
N LEU A 750 51.65 -25.16 5.13
CA LEU A 750 51.28 -23.75 5.20
C LEU A 750 51.25 -23.20 3.78
N THR A 751 50.06 -22.77 3.34
CA THR A 751 49.86 -22.31 1.97
C THR A 751 49.26 -20.91 2.02
N LEU A 752 49.96 -19.95 1.40
CA LEU A 752 49.46 -18.59 1.26
C LEU A 752 48.70 -18.50 -0.06
N GLY A 753 47.39 -18.31 0.01
CA GLY A 753 46.57 -18.23 -1.19
C GLY A 753 46.94 -17.02 -2.04
N LYS A 754 46.33 -16.95 -3.22
CA LYS A 754 46.59 -15.84 -4.12
C LYS A 754 46.17 -14.52 -3.48
N GLY A 755 47.09 -13.54 -3.50
CA GLY A 755 46.84 -12.24 -2.93
C GLY A 755 47.01 -12.15 -1.43
N ALA A 756 47.30 -13.25 -0.75
CA ALA A 756 47.44 -13.25 0.70
C ALA A 756 48.72 -12.51 1.11
N LYS A 757 48.73 -12.04 2.35
CA LYS A 757 49.90 -11.38 2.92
C LYS A 757 50.06 -11.84 4.36
N LEU A 758 51.23 -12.39 4.67
CA LEU A 758 51.50 -12.96 5.99
C LEU A 758 52.86 -12.45 6.47
N THR A 759 52.90 -12.02 7.73
CA THR A 759 54.14 -11.56 8.36
C THR A 759 54.29 -12.29 9.69
N ALA A 760 55.33 -13.12 9.80
CA ALA A 760 55.61 -13.89 11.01
C ALA A 760 56.70 -13.18 11.79
N GLN A 761 56.35 -12.69 12.98
CA GLN A 761 57.28 -11.94 13.82
C GLN A 761 57.97 -12.81 14.86
N SER A 762 57.69 -14.11 14.91
CA SER A 762 58.28 -14.96 15.93
C SER A 762 58.77 -16.29 15.35
N GLY A 763 59.24 -16.28 14.10
CA GLY A 763 59.87 -17.45 13.52
C GLY A 763 58.91 -18.54 13.07
N ILE A 764 59.32 -19.28 12.03
CA ILE A 764 58.55 -20.39 11.49
C ILE A 764 59.40 -21.65 11.56
N PHE A 765 58.78 -22.75 11.96
CA PHE A 765 59.42 -24.07 11.94
C PHE A 765 58.50 -25.03 11.19
N SER A 766 59.04 -25.65 10.15
CA SER A 766 58.27 -26.62 9.36
C SER A 766 59.18 -27.75 8.94
N THR A 767 58.72 -28.99 9.18
CA THR A 767 59.43 -30.15 8.63
C THR A 767 59.30 -30.20 7.11
N GLY A 768 58.26 -29.62 6.56
CA GLY A 768 58.04 -29.53 5.13
C GLY A 768 58.43 -28.17 4.57
N ALA A 769 57.68 -27.74 3.56
CA ALA A 769 57.94 -26.49 2.87
C ALA A 769 56.73 -25.56 2.97
N VAL A 770 56.98 -24.29 2.67
CA VAL A 770 55.94 -23.26 2.68
C VAL A 770 55.64 -22.86 1.24
N ASP A 771 54.35 -22.74 0.92
CA ASP A 771 53.89 -22.45 -0.43
C ASP A 771 53.32 -21.03 -0.48
N VAL A 772 53.96 -20.18 -1.27
CA VAL A 772 53.51 -18.81 -1.51
C VAL A 772 52.99 -18.74 -2.94
N LYS A 773 51.69 -18.51 -3.09
CA LYS A 773 51.05 -18.56 -4.39
C LYS A 773 51.17 -17.21 -5.11
N GLU A 774 50.37 -17.03 -6.16
CA GLU A 774 50.46 -15.82 -6.98
C GLU A 774 50.09 -14.59 -6.18
N ASN A 775 50.81 -13.49 -6.44
CA ASN A 775 50.54 -12.17 -5.86
C ASN A 775 50.52 -12.20 -4.33
N ALA A 776 51.18 -13.18 -3.72
CA ALA A 776 51.19 -13.34 -2.27
C ALA A 776 52.53 -12.90 -1.71
N SER A 777 52.48 -12.27 -0.53
CA SER A 777 53.66 -11.71 0.12
C SER A 777 53.86 -12.41 1.46
N LEU A 778 55.05 -13.00 1.64
CA LEU A 778 55.45 -13.61 2.89
C LEU A 778 56.63 -12.84 3.46
N THR A 779 56.60 -12.57 4.76
CA THR A 779 57.61 -11.74 5.39
C THR A 779 57.99 -12.34 6.74
N LEU A 780 59.29 -12.47 6.98
CA LEU A 780 59.82 -12.93 8.26
C LEU A 780 60.51 -11.79 8.96
N THR A 781 60.28 -11.69 10.27
CA THR A 781 60.70 -10.51 11.04
C THR A 781 60.96 -10.92 12.47
N GLY A 782 61.94 -10.26 13.10
CA GLY A 782 62.17 -10.46 14.51
C GLY A 782 61.05 -9.89 15.35
N MET A 783 60.96 -10.40 16.59
CA MET A 783 59.89 -9.98 17.50
C MET A 783 60.00 -8.50 17.81
N PRO A 784 59.02 -7.68 17.42
CA PRO A 784 59.09 -6.24 17.71
C PRO A 784 59.11 -6.00 19.21
N SER A 785 59.95 -5.05 19.63
CA SER A 785 60.05 -4.70 21.03
C SER A 785 58.77 -4.02 21.50
N ALA A 786 58.23 -4.49 22.63
CA ALA A 786 57.06 -3.84 23.22
C ALA A 786 57.43 -2.48 23.81
N GLN A 787 58.62 -2.37 24.40
CA GLN A 787 59.03 -1.13 25.05
C GLN A 787 59.41 -0.07 24.02
N LYS A 788 60.31 -0.40 23.10
CA LYS A 788 60.83 0.57 22.14
C LYS A 788 60.16 0.38 20.77
N GLN A 789 59.61 1.47 20.25
CA GLN A 789 58.96 1.44 18.95
C GLN A 789 60.00 1.39 17.84
N GLY A 790 59.81 0.46 16.90
CA GLY A 790 60.71 0.29 15.78
C GLY A 790 61.90 -0.60 16.04
N TYR A 791 62.11 -1.03 17.28
CA TYR A 791 63.18 -1.96 17.63
C TYR A 791 62.68 -3.39 17.57
N TYR A 792 63.52 -4.28 17.06
CA TYR A 792 63.17 -5.69 16.90
C TYR A 792 64.18 -6.56 17.66
N SER A 793 63.94 -7.87 17.63
CA SER A 793 64.79 -8.85 18.31
C SER A 793 64.95 -10.08 17.43
N PRO A 794 66.19 -10.47 17.13
CA PRO A 794 66.41 -11.55 16.14
C PRO A 794 65.73 -12.85 16.52
N VAL A 795 65.22 -13.55 15.50
CA VAL A 795 64.51 -14.82 15.67
C VAL A 795 64.89 -15.74 14.51
N ILE A 796 65.22 -16.99 14.82
CA ILE A 796 65.64 -17.97 13.83
C ILE A 796 64.41 -18.70 13.30
N SER A 797 64.43 -19.02 12.01
CA SER A 797 63.35 -19.78 11.36
C SER A 797 63.97 -20.93 10.55
N THR A 798 63.44 -22.14 10.77
CA THR A 798 63.92 -23.33 10.08
C THR A 798 62.80 -23.90 9.22
N THR A 799 63.10 -24.11 7.94
CA THR A 799 62.12 -24.65 7.00
C THR A 799 62.84 -25.52 5.98
N GLU A 800 62.18 -26.59 5.55
CA GLU A 800 62.70 -27.46 4.50
C GLU A 800 62.19 -27.04 3.13
N GLY A 801 62.42 -25.78 2.81
CA GLY A 801 62.05 -25.25 1.51
C GLY A 801 61.01 -24.15 1.55
N ILE A 802 61.14 -23.18 0.65
CA ILE A 802 60.13 -22.13 0.48
C ILE A 802 59.87 -21.99 -1.02
N ASN A 803 58.62 -22.19 -1.42
CA ASN A 803 58.24 -22.23 -2.82
C ASN A 803 57.49 -20.96 -3.17
N LEU A 804 57.99 -20.24 -4.17
CA LEU A 804 57.38 -19.01 -4.65
C LEU A 804 56.82 -19.23 -6.05
N GLU A 805 55.57 -18.81 -6.25
CA GLU A 805 54.95 -18.87 -7.56
C GLU A 805 55.17 -17.53 -8.29
N ASP A 806 54.60 -17.43 -9.49
CA ASP A 806 54.73 -16.20 -10.27
C ASP A 806 54.13 -15.03 -9.53
N ASN A 807 54.87 -13.91 -9.51
CA ASN A 807 54.51 -12.65 -8.87
C ASN A 807 54.49 -12.71 -7.36
N ALA A 808 54.89 -13.83 -6.75
CA ALA A 808 54.97 -13.91 -5.31
C ALA A 808 56.17 -13.13 -4.79
N SER A 809 56.16 -12.81 -3.50
CA SER A 809 57.20 -12.02 -2.88
C SER A 809 57.48 -12.58 -1.49
N PHE A 810 58.73 -13.00 -1.26
CA PHE A 810 59.19 -13.45 0.04
C PHE A 810 60.26 -12.50 0.54
N SER A 811 60.13 -12.06 1.79
CA SER A 811 61.04 -11.07 2.35
C SER A 811 61.48 -11.47 3.74
N VAL A 812 62.75 -11.27 4.03
CA VAL A 812 63.32 -11.38 5.37
C VAL A 812 63.96 -10.05 5.70
N LYS A 813 63.56 -9.44 6.81
CA LYS A 813 64.05 -8.12 7.16
C LYS A 813 63.82 -7.87 8.63
N ASN A 814 64.59 -6.91 9.17
CA ASN A 814 64.46 -6.45 10.55
C ASN A 814 64.66 -7.60 11.53
N MET A 815 65.92 -8.03 11.61
CA MET A 815 66.37 -9.06 12.55
C MET A 815 65.71 -10.41 12.26
N GLY A 816 65.57 -10.74 10.99
CA GLY A 816 65.07 -12.04 10.56
C GLY A 816 66.23 -12.95 10.19
N TYR A 817 66.11 -14.21 10.61
CA TYR A 817 67.12 -15.22 10.32
C TYR A 817 66.39 -16.46 9.80
N LEU A 818 66.82 -16.97 8.64
CA LEU A 818 66.15 -18.09 8.02
C LEU A 818 67.16 -19.08 7.45
N SER A 819 67.03 -20.34 7.85
CA SER A 819 67.79 -21.44 7.26
C SER A 819 66.81 -22.28 6.44
N SER A 820 66.71 -21.94 5.15
CA SER A 820 65.78 -22.62 4.25
C SER A 820 66.11 -22.22 2.82
N ASP A 821 66.11 -23.20 1.93
CA ASP A 821 66.31 -22.93 0.51
C ASP A 821 65.02 -22.44 -0.12
N ILE A 822 65.15 -21.66 -1.18
CA ILE A 822 64.02 -21.02 -1.84
C ILE A 822 64.01 -21.44 -3.30
N HIS A 823 62.82 -21.75 -3.82
CA HIS A 823 62.65 -22.20 -5.19
C HIS A 823 61.55 -21.39 -5.86
N ALA A 824 61.83 -20.91 -7.07
CA ALA A 824 60.84 -20.20 -7.86
C ALA A 824 60.63 -20.77 -9.25
N GLY A 825 61.54 -21.62 -9.74
CA GLY A 825 61.40 -22.16 -11.08
C GLY A 825 61.49 -21.09 -12.14
N THR A 826 60.70 -21.25 -13.21
CA THR A 826 60.67 -20.31 -14.31
C THR A 826 59.87 -19.06 -14.01
N THR A 827 59.26 -18.97 -12.83
CA THR A 827 58.35 -17.88 -12.52
C THR A 827 59.10 -16.65 -12.04
N ALA A 828 58.40 -15.51 -12.07
CA ALA A 828 58.98 -14.22 -11.73
C ALA A 828 58.67 -13.89 -10.27
N ALA A 829 59.42 -14.52 -9.37
CA ALA A 829 59.30 -14.26 -7.95
C ALA A 829 60.17 -13.07 -7.56
N THR A 830 60.11 -12.69 -6.29
CA THR A 830 60.88 -11.56 -5.79
C THR A 830 61.30 -11.86 -4.36
N ILE A 831 62.59 -12.11 -4.16
CA ILE A 831 63.15 -12.35 -2.82
C ILE A 831 63.79 -11.04 -2.36
N ASN A 832 63.35 -10.56 -1.20
CA ASN A 832 63.87 -9.33 -0.60
C ASN A 832 64.57 -9.67 0.69
N LEU A 833 65.85 -9.29 0.79
CA LEU A 833 66.65 -9.53 1.98
C LEU A 833 67.03 -8.16 2.56
N GLY A 834 66.60 -7.90 3.79
CA GLY A 834 66.78 -6.60 4.39
C GLY A 834 65.61 -5.69 4.09
N ASP A 835 65.56 -4.58 4.82
CA ASP A 835 64.46 -3.64 4.72
C ASP A 835 64.83 -2.52 3.75
N SER A 836 63.94 -2.27 2.78
CA SER A 836 64.23 -1.24 1.78
C SER A 836 64.07 0.15 2.38
N ASP A 837 63.05 0.35 3.21
CA ASP A 837 62.78 1.66 3.76
C ASP A 837 63.95 2.15 4.61
N ALA A 838 64.21 3.45 4.56
CA ALA A 838 65.09 4.05 5.55
C ALA A 838 64.37 4.08 6.89
N ASP A 839 65.11 4.47 7.93
CA ASP A 839 64.63 4.35 9.31
C ASP A 839 64.18 2.92 9.60
N ALA A 840 64.95 1.97 9.06
CA ALA A 840 64.61 0.56 9.16
C ALA A 840 64.69 0.10 10.61
N GLY A 841 64.40 -1.18 10.82
CA GLY A 841 64.37 -1.72 12.17
C GLY A 841 65.73 -1.65 12.83
N LYS A 842 65.73 -1.28 14.11
CA LYS A 842 66.91 -1.27 14.95
C LYS A 842 66.78 -2.36 16.01
N THR A 843 67.81 -2.48 16.85
CA THR A 843 67.77 -3.45 17.93
C THR A 843 68.77 -3.07 18.99
N ASP A 844 68.50 -3.53 20.21
CA ASP A 844 69.44 -3.42 21.33
C ASP A 844 69.95 -4.78 21.79
N SER A 845 69.48 -5.86 21.18
CA SER A 845 69.91 -7.18 21.58
C SER A 845 71.38 -7.39 21.25
N PRO A 846 72.14 -8.10 22.09
CA PRO A 846 73.53 -8.42 21.74
C PRO A 846 73.66 -9.39 20.59
N LEU A 847 72.56 -9.99 20.14
CA LEU A 847 72.57 -10.89 18.99
C LEU A 847 72.81 -10.16 17.66
N PHE A 848 72.81 -8.82 17.66
CA PHE A 848 73.07 -8.07 16.44
C PHE A 848 74.45 -8.42 15.87
N SER A 849 75.48 -8.40 16.71
CA SER A 849 76.81 -8.75 16.27
C SER A 849 77.08 -10.25 16.33
N SER A 850 76.41 -10.95 17.25
CA SER A 850 76.69 -12.37 17.47
C SER A 850 75.99 -13.24 16.44
N LEU A 851 74.69 -13.04 16.25
CA LEU A 851 73.88 -13.85 15.34
C LEU A 851 73.63 -13.16 14.00
N MET A 852 73.25 -11.88 14.03
CA MET A 852 72.96 -11.16 12.80
C MET A 852 74.21 -10.74 12.04
N LYS A 853 75.37 -10.73 12.70
CA LYS A 853 76.65 -10.33 12.12
C LYS A 853 76.67 -8.85 11.72
N GLY A 854 75.76 -8.06 12.27
CA GLY A 854 75.67 -6.65 11.95
C GLY A 854 74.77 -6.31 10.78
N TYR A 855 74.08 -7.30 10.21
CA TYR A 855 73.21 -7.09 9.07
C TYR A 855 71.74 -7.11 9.50
N ASN A 856 70.88 -6.68 8.59
CA ASN A 856 69.45 -6.54 8.86
C ASN A 856 68.67 -7.83 8.63
N ALA A 857 69.27 -8.82 7.98
CA ALA A 857 68.61 -10.09 7.70
C ALA A 857 69.66 -11.10 7.25
N VAL A 858 69.37 -12.38 7.50
CA VAL A 858 70.28 -13.46 7.16
C VAL A 858 69.50 -14.58 6.49
N LEU A 859 70.08 -15.15 5.44
CA LEU A 859 69.51 -16.28 4.72
C LEU A 859 70.59 -17.33 4.52
N ARG A 860 70.29 -18.57 4.89
CA ARG A 860 71.26 -19.66 4.79
C ARG A 860 70.85 -20.71 3.75
N GLY A 861 69.81 -20.45 2.98
CA GLY A 861 69.41 -21.34 1.91
C GLY A 861 70.10 -21.02 0.60
N SER A 862 69.50 -21.50 -0.48
CA SER A 862 69.97 -21.21 -1.83
C SER A 862 68.78 -20.84 -2.69
N ILE A 863 68.97 -19.87 -3.58
CA ILE A 863 67.90 -19.34 -4.42
C ILE A 863 67.95 -20.06 -5.77
N THR A 864 66.82 -20.64 -6.17
CA THR A 864 66.69 -21.36 -7.43
C THR A 864 65.55 -20.73 -8.22
N GLY A 865 65.83 -19.58 -8.85
CA GLY A 865 64.85 -18.90 -9.64
C GLY A 865 65.48 -18.13 -10.79
N ALA A 866 65.69 -18.82 -11.92
CA ALA A 866 66.39 -18.23 -13.06
C ALA A 866 65.67 -17.00 -13.61
N GLN A 867 64.37 -16.85 -13.34
CA GLN A 867 63.60 -15.71 -13.80
C GLN A 867 63.07 -14.89 -12.63
N SER A 868 63.90 -14.74 -11.59
CA SER A 868 63.47 -14.07 -10.36
C SER A 868 64.52 -13.05 -9.94
N THR A 869 64.06 -12.01 -9.24
CA THR A 869 64.90 -10.92 -8.78
C THR A 869 65.13 -11.05 -7.29
N VAL A 870 66.38 -10.82 -6.86
CA VAL A 870 66.76 -10.88 -5.45
C VAL A 870 67.30 -9.51 -5.06
N ASN A 871 66.68 -8.89 -4.06
CA ASN A 871 67.07 -7.57 -3.58
C ASN A 871 67.68 -7.70 -2.19
N MET A 872 68.91 -7.26 -2.04
CA MET A 872 69.63 -7.31 -0.78
C MET A 872 70.01 -5.90 -0.36
N ILE A 873 69.62 -5.51 0.84
CA ILE A 873 69.91 -4.18 1.38
C ILE A 873 70.41 -4.37 2.81
N ASN A 874 71.72 -4.28 3.00
CA ASN A 874 72.35 -4.51 4.31
C ASN A 874 72.01 -5.90 4.85
N ALA A 875 72.02 -6.89 3.96
CA ALA A 875 71.63 -8.25 4.30
C ALA A 875 72.80 -9.20 4.13
N LEU A 876 72.67 -10.37 4.77
CA LEU A 876 73.68 -11.43 4.69
C LEU A 876 73.02 -12.67 4.11
N TRP A 877 73.69 -13.29 3.14
CA TRP A 877 73.14 -14.45 2.43
C TRP A 877 74.21 -15.54 2.32
N TYR A 878 74.09 -16.56 3.16
CA TYR A 878 74.89 -17.77 3.01
C TYR A 878 74.26 -18.67 1.95
N SER A 879 74.95 -18.87 0.84
CA SER A 879 74.45 -19.68 -0.27
C SER A 879 74.99 -21.10 -0.15
N ASP A 880 74.31 -21.92 0.65
CA ASP A 880 74.79 -23.27 0.93
C ASP A 880 75.10 -24.05 -0.34
N GLY A 881 74.24 -23.95 -1.36
CA GLY A 881 74.46 -24.69 -2.59
C GLY A 881 74.50 -23.82 -3.82
N LYS A 882 74.41 -24.44 -5.00
CA LYS A 882 74.39 -23.68 -6.24
C LYS A 882 73.10 -22.91 -6.36
N SER A 883 73.21 -21.62 -6.72
CA SER A 883 72.07 -20.73 -6.79
C SER A 883 71.96 -20.10 -8.18
N GLU A 884 70.72 -19.86 -8.59
CA GLU A 884 70.43 -19.20 -9.86
C GLU A 884 69.40 -18.11 -9.63
N ALA A 885 69.65 -16.94 -10.24
CA ALA A 885 68.73 -15.82 -10.12
C ALA A 885 68.75 -15.02 -11.41
N GLY A 886 67.60 -14.42 -11.74
CA GLY A 886 67.52 -13.55 -12.89
C GLY A 886 68.34 -12.29 -12.71
N ALA A 887 68.06 -11.56 -11.63
CA ALA A 887 68.81 -10.35 -11.31
C ALA A 887 69.12 -10.36 -9.82
N LEU A 888 70.16 -9.61 -9.44
CA LEU A 888 70.57 -9.47 -8.05
C LEU A 888 71.04 -8.04 -7.83
N LYS A 889 70.25 -7.25 -7.11
CA LYS A 889 70.58 -5.86 -6.78
C LYS A 889 70.87 -5.79 -5.29
N ALA A 890 72.16 -5.79 -4.93
CA ALA A 890 72.59 -5.77 -3.55
C ALA A 890 73.31 -4.46 -3.23
N LYS A 891 72.99 -3.90 -2.07
CA LYS A 891 73.61 -2.66 -1.61
C LYS A 891 74.10 -2.85 -0.18
N GLY A 892 75.40 -2.65 0.02
CA GLY A 892 75.97 -2.75 1.36
C GLY A 892 75.69 -4.08 2.03
N SER A 893 75.74 -5.17 1.27
CA SER A 893 75.38 -6.49 1.74
C SER A 893 76.60 -7.40 1.74
N ARG A 894 76.37 -8.68 2.06
CA ARG A 894 77.42 -9.68 1.99
C ARG A 894 76.83 -10.95 1.44
N ILE A 895 77.61 -11.68 0.65
CA ILE A 895 77.21 -12.96 0.08
C ILE A 895 78.39 -13.92 0.20
N GLU A 896 78.15 -15.06 0.83
CA GLU A 896 79.15 -16.12 0.97
C GLU A 896 78.71 -17.24 0.06
N LEU A 897 79.46 -17.46 -1.02
CA LEU A 897 79.05 -18.41 -2.04
C LEU A 897 79.09 -19.85 -1.54
N GLY A 898 80.23 -20.32 -1.08
CA GLY A 898 80.37 -21.75 -0.93
C GLY A 898 79.83 -22.34 0.37
N ASP A 899 79.74 -23.66 0.37
CA ASP A 899 79.52 -24.47 1.55
C ASP A 899 80.91 -24.81 2.10
N GLY A 900 81.01 -25.77 3.02
CA GLY A 900 82.30 -26.24 3.48
C GLY A 900 82.75 -27.32 2.53
N LYS A 901 84.02 -27.25 2.09
CA LYS A 901 84.63 -28.24 1.21
C LYS A 901 84.02 -28.26 -0.20
N HIS A 902 82.73 -28.54 -0.29
CA HIS A 902 82.04 -28.56 -1.57
C HIS A 902 81.90 -27.16 -2.15
N PHE A 903 82.14 -27.05 -3.46
CA PHE A 903 82.17 -25.76 -4.15
C PHE A 903 80.86 -25.54 -4.90
N ALA A 904 80.30 -24.33 -4.74
CA ALA A 904 79.01 -23.96 -5.29
C ALA A 904 79.18 -22.93 -6.40
N THR A 905 78.05 -22.45 -6.93
CA THR A 905 78.04 -21.46 -8.01
C THR A 905 76.89 -20.48 -7.77
N LEU A 906 77.08 -19.26 -8.27
CA LEU A 906 76.04 -18.23 -8.25
C LEU A 906 75.91 -17.64 -9.64
N GLN A 907 74.80 -17.95 -10.32
CA GLN A 907 74.58 -17.56 -11.70
C GLN A 907 73.47 -16.51 -11.75
N VAL A 908 73.82 -15.31 -12.18
CA VAL A 908 72.87 -14.21 -12.33
C VAL A 908 73.02 -13.61 -13.72
N LYS A 909 71.88 -13.33 -14.37
CA LYS A 909 71.94 -12.65 -15.66
C LYS A 909 72.32 -11.18 -15.49
N GLU A 910 71.80 -10.53 -14.45
CA GLU A 910 72.05 -9.12 -14.17
C GLU A 910 72.51 -8.98 -12.73
N LEU A 911 73.63 -8.29 -12.53
CA LEU A 911 74.16 -8.03 -11.20
C LEU A 911 74.41 -6.55 -11.02
N SER A 912 73.99 -6.00 -9.87
CA SER A 912 74.16 -4.58 -9.55
C SER A 912 74.50 -4.48 -8.06
N ALA A 913 75.76 -4.73 -7.74
CA ALA A 913 76.23 -4.75 -6.37
C ALA A 913 76.99 -3.47 -6.04
N ASP A 914 76.53 -2.74 -5.03
CA ASP A 914 77.18 -1.54 -4.54
C ASP A 914 77.56 -1.75 -3.08
N ASN A 915 78.86 -1.63 -2.78
CA ASN A 915 79.41 -1.79 -1.43
C ASN A 915 79.22 -3.18 -0.87
N THR A 916 78.80 -4.13 -1.69
CA THR A 916 78.57 -5.50 -1.26
C THR A 916 79.91 -6.24 -1.12
N THR A 917 79.89 -7.33 -0.37
CA THR A 917 81.07 -8.14 -0.12
C THR A 917 80.79 -9.58 -0.53
N PHE A 918 81.72 -10.18 -1.27
CA PHE A 918 81.59 -11.55 -1.72
C PHE A 918 82.71 -12.40 -1.13
N LEU A 919 82.39 -13.65 -0.82
CA LEU A 919 83.34 -14.55 -0.15
C LEU A 919 83.33 -15.91 -0.82
N MET A 920 84.52 -16.39 -1.17
CA MET A 920 84.68 -17.70 -1.78
C MET A 920 85.74 -18.49 -1.03
N HIS A 921 85.71 -19.80 -1.19
CA HIS A 921 86.75 -20.67 -0.67
C HIS A 921 87.52 -21.30 -1.83
N THR A 922 88.76 -21.69 -1.56
CA THR A 922 89.60 -22.28 -2.58
C THR A 922 90.46 -23.38 -1.98
N ASN A 923 90.65 -24.46 -2.74
CA ASN A 923 91.64 -25.48 -2.43
C ASN A 923 92.92 -25.27 -3.23
N ASN A 924 93.12 -24.06 -3.76
CA ASN A 924 94.24 -23.60 -4.58
C ASN A 924 94.11 -24.09 -6.02
N SER A 925 93.11 -24.91 -6.35
CA SER A 925 92.87 -25.37 -7.71
C SER A 925 91.45 -25.20 -8.18
N ARG A 926 90.48 -25.00 -7.29
CA ARG A 926 89.09 -24.78 -7.64
C ARG A 926 88.43 -23.97 -6.54
N ALA A 927 87.42 -23.18 -6.91
CA ALA A 927 86.82 -22.25 -5.97
C ALA A 927 85.35 -22.07 -6.30
N ASP A 928 84.63 -21.47 -5.36
CA ASP A 928 83.25 -21.05 -5.61
C ASP A 928 83.26 -19.87 -6.57
N GLN A 929 82.35 -19.89 -7.53
CA GLN A 929 82.38 -18.93 -8.62
C GLN A 929 81.12 -18.08 -8.64
N LEU A 930 81.30 -16.81 -8.96
CA LEU A 930 80.20 -15.90 -9.27
C LEU A 930 80.18 -15.68 -10.77
N ASN A 931 79.01 -15.85 -11.38
CA ASN A 931 78.90 -15.87 -12.83
C ASN A 931 77.80 -14.90 -13.27
N VAL A 932 78.20 -13.87 -14.00
CA VAL A 932 77.27 -12.89 -14.56
C VAL A 932 77.24 -13.09 -16.07
N THR A 933 76.03 -13.07 -16.64
CA THR A 933 75.82 -13.46 -18.02
C THR A 933 75.45 -12.30 -18.95
N ASP A 934 74.55 -11.42 -18.55
CA ASP A 934 74.02 -10.39 -19.44
C ASP A 934 74.49 -8.99 -19.12
N LYS A 935 74.62 -8.62 -17.85
CA LYS A 935 74.93 -7.24 -17.51
C LYS A 935 75.43 -7.17 -16.07
N LEU A 936 76.44 -6.33 -15.86
CA LEU A 936 77.02 -6.12 -14.54
C LEU A 936 77.15 -4.62 -14.29
N SER A 937 76.95 -4.22 -13.03
CA SER A 937 77.01 -2.82 -12.64
C SER A 937 77.45 -2.75 -11.19
N GLY A 938 77.56 -1.52 -10.67
CA GLY A 938 77.95 -1.28 -9.31
C GLY A 938 79.44 -0.99 -9.16
N SER A 939 79.81 -0.52 -7.99
CA SER A 939 81.20 -0.21 -7.70
C SER A 939 81.47 -0.40 -6.22
N ASN A 940 82.76 -0.49 -5.88
CA ASN A 940 83.25 -0.55 -4.51
C ASN A 940 82.84 -1.85 -3.81
N ASN A 941 82.95 -2.97 -4.53
CA ASN A 941 82.67 -4.28 -3.97
C ASN A 941 83.98 -4.95 -3.55
N SER A 942 83.94 -5.63 -2.40
CA SER A 942 85.10 -6.31 -1.85
C SER A 942 84.92 -7.82 -1.98
N VAL A 943 86.04 -8.52 -2.19
CA VAL A 943 86.04 -9.97 -2.37
C VAL A 943 87.02 -10.58 -1.38
N LEU A 944 86.54 -11.57 -0.63
CA LEU A 944 87.34 -12.28 0.37
C LEU A 944 87.49 -13.74 -0.02
N VAL A 945 88.65 -14.32 0.28
CA VAL A 945 88.95 -15.71 -0.02
C VAL A 945 89.28 -16.44 1.27
N ASP A 946 88.77 -17.66 1.40
CA ASP A 946 89.05 -18.53 2.54
C ASP A 946 89.79 -19.76 2.03
N PHE A 947 91.08 -19.85 2.34
CA PHE A 947 91.94 -20.92 1.85
C PHE A 947 91.82 -22.13 2.78
N LEU A 948 91.23 -23.21 2.29
CA LEU A 948 91.16 -24.45 3.06
C LEU A 948 92.56 -25.00 3.31
N ASN A 949 93.30 -25.26 2.25
CA ASN A 949 94.71 -25.57 2.36
C ASN A 949 95.52 -24.29 2.52
N LYS A 950 96.82 -24.44 2.78
CA LYS A 950 97.66 -23.26 2.90
C LYS A 950 97.80 -22.60 1.53
N PRO A 951 97.79 -21.26 1.48
CA PRO A 951 97.76 -20.58 0.17
C PRO A 951 99.05 -20.77 -0.61
N ALA A 952 98.91 -21.14 -1.88
CA ALA A 952 100.05 -21.30 -2.76
C ALA A 952 100.58 -19.95 -3.22
N SER A 953 101.86 -19.92 -3.59
CA SER A 953 102.48 -18.69 -4.08
C SER A 953 101.87 -18.27 -5.42
N GLU A 954 101.58 -19.22 -6.29
CA GLU A 954 101.04 -18.94 -7.61
C GLU A 954 99.88 -19.88 -7.90
N MET A 955 98.75 -19.31 -8.32
CA MET A 955 97.57 -20.09 -8.70
C MET A 955 96.87 -19.39 -9.86
N SER A 956 95.90 -20.10 -10.46
CA SER A 956 95.08 -19.56 -11.53
C SER A 956 93.67 -20.15 -11.39
N VAL A 957 92.90 -19.61 -10.46
CA VAL A 957 91.53 -20.03 -10.21
C VAL A 957 90.60 -18.87 -10.52
N THR A 958 89.59 -19.12 -11.35
CA THR A 958 88.64 -18.09 -11.75
C THR A 958 87.57 -17.93 -10.68
N LEU A 959 87.52 -16.75 -10.06
CA LEU A 959 86.54 -16.48 -9.02
C LEU A 959 85.25 -15.89 -9.58
N ILE A 960 85.36 -14.89 -10.44
CA ILE A 960 84.20 -14.17 -10.98
C ILE A 960 84.35 -14.05 -12.49
N THR A 961 83.24 -14.17 -13.20
CA THR A 961 83.17 -13.91 -14.63
C THR A 961 82.04 -12.92 -14.89
N ALA A 962 82.32 -11.88 -15.65
CA ALA A 962 81.39 -10.82 -15.94
C ALA A 962 81.29 -10.62 -17.44
N PRO A 963 80.24 -9.95 -17.93
CA PRO A 963 80.13 -9.71 -19.36
C PRO A 963 81.33 -8.95 -19.91
N LYS A 964 81.58 -9.15 -21.20
CA LYS A 964 82.75 -8.56 -21.85
C LYS A 964 82.68 -7.03 -21.79
N GLY A 965 83.76 -6.42 -21.32
CA GLY A 965 83.87 -4.99 -21.21
C GLY A 965 83.40 -4.39 -19.90
N SER A 966 83.19 -5.21 -18.87
CA SER A 966 82.79 -4.70 -17.57
C SER A 966 83.97 -4.05 -16.87
N ASP A 967 83.67 -3.08 -16.00
CA ASP A 967 84.70 -2.42 -15.22
C ASP A 967 85.46 -3.44 -14.39
N GLU A 968 86.80 -3.32 -14.39
CA GLU A 968 87.65 -4.24 -13.66
C GLU A 968 87.82 -3.83 -12.20
N LYS A 969 87.33 -2.66 -11.81
CA LYS A 969 87.42 -2.19 -10.43
C LYS A 969 86.12 -2.41 -9.66
N THR A 970 85.18 -3.16 -10.23
CA THR A 970 83.97 -3.49 -9.50
C THR A 970 84.30 -4.30 -8.25
N PHE A 971 85.21 -5.28 -8.37
CA PHE A 971 85.59 -6.14 -7.28
C PHE A 971 87.05 -5.89 -6.91
N THR A 972 87.30 -5.76 -5.60
CA THR A 972 88.65 -5.54 -5.08
C THR A 972 88.89 -6.51 -3.94
N ALA A 973 90.13 -7.02 -3.86
CA ALA A 973 90.48 -7.97 -2.81
C ALA A 973 90.34 -7.33 -1.43
N GLY A 974 90.06 -8.15 -0.44
CA GLY A 974 89.87 -7.68 0.92
C GLY A 974 90.71 -8.47 1.91
N THR A 975 91.27 -7.75 2.87
CA THR A 975 92.13 -8.38 3.87
C THR A 975 91.29 -9.16 4.89
N GLN A 976 91.78 -10.35 5.26
CA GLN A 976 91.15 -11.17 6.28
C GLN A 976 92.20 -11.60 7.29
N GLN A 977 91.91 -11.42 8.57
CA GLN A 977 92.86 -11.71 9.63
C GLN A 977 92.92 -13.22 9.87
N ILE A 978 94.11 -13.80 9.67
CA ILE A 978 94.31 -15.24 9.79
C ILE A 978 95.58 -15.49 10.58
N GLY A 979 95.45 -16.18 11.72
CA GLY A 979 96.59 -16.65 12.48
C GLY A 979 97.49 -15.57 13.04
N PHE A 980 96.91 -14.63 13.80
CA PHE A 980 97.64 -13.51 14.40
C PHE A 980 98.34 -12.65 13.35
N SER A 981 97.97 -12.82 12.09
CA SER A 981 98.55 -12.06 10.98
C SER A 981 97.43 -11.74 9.99
N ASN A 982 97.75 -10.87 9.04
CA ASN A 982 96.79 -10.43 8.03
C ASN A 982 97.15 -11.10 6.70
N VAL A 983 96.22 -11.89 6.18
CA VAL A 983 96.36 -12.53 4.88
C VAL A 983 95.42 -11.82 3.92
N THR A 984 95.87 -11.63 2.69
CA THR A 984 95.08 -10.91 1.71
C THR A 984 95.28 -11.52 0.33
N PRO A 985 94.21 -12.02 -0.29
CA PRO A 985 94.35 -12.54 -1.65
C PRO A 985 94.68 -11.43 -2.64
N VAL A 986 95.26 -11.82 -3.76
CA VAL A 986 95.51 -10.90 -4.87
C VAL A 986 94.75 -11.43 -6.07
N ILE A 987 93.92 -10.57 -6.66
CA ILE A 987 93.08 -10.93 -7.79
C ILE A 987 93.56 -10.16 -9.01
N SER A 988 93.99 -10.89 -10.02
CA SER A 988 94.32 -10.31 -11.32
C SER A 988 93.11 -10.45 -12.24
N THR A 989 92.94 -9.48 -13.13
CA THR A 989 91.79 -9.42 -14.00
C THR A 989 92.26 -9.63 -15.44
N GLU A 990 91.57 -10.53 -16.15
CA GLU A 990 91.91 -10.86 -17.52
C GLU A 990 90.72 -10.55 -18.42
N LYS A 991 90.89 -9.59 -19.32
CA LYS A 991 89.88 -9.33 -20.33
C LYS A 991 90.01 -10.35 -21.45
N THR A 992 88.88 -10.84 -21.93
CA THR A 992 88.87 -11.88 -22.95
C THR A 992 87.84 -11.49 -24.01
N ASP A 993 87.86 -12.22 -25.12
CA ASP A 993 86.93 -11.97 -26.21
C ASP A 993 85.54 -12.48 -25.90
N ASP A 994 85.36 -13.16 -24.77
CA ASP A 994 84.08 -13.70 -24.33
C ASP A 994 83.57 -13.04 -23.07
N ALA A 995 84.39 -12.96 -22.01
CA ALA A 995 83.93 -12.45 -20.73
C ALA A 995 85.11 -11.89 -19.94
N THR A 996 84.83 -10.86 -19.16
CA THR A 996 85.81 -10.32 -18.23
C THR A 996 85.85 -11.18 -16.98
N LYS A 997 87.05 -11.42 -16.45
CA LYS A 997 87.24 -12.37 -15.36
C LYS A 997 88.11 -11.79 -14.26
N TRP A 998 87.83 -12.22 -13.04
CA TRP A 998 88.68 -11.99 -11.88
C TRP A 998 89.32 -13.31 -11.48
N VAL A 999 90.64 -13.33 -11.38
CA VAL A 999 91.39 -14.57 -11.16
C VAL A 999 92.29 -14.41 -9.94
N LEU A 1000 92.22 -15.38 -9.03
CA LEU A 1000 93.11 -15.41 -7.88
C LEU A 1000 94.46 -15.98 -8.28
N THR A 1001 95.53 -15.31 -7.86
CA THR A 1001 96.88 -15.69 -8.28
C THR A 1001 97.86 -15.88 -7.13
N GLY A 1002 97.60 -15.34 -5.94
CA GLY A 1002 98.52 -15.45 -4.83
C GLY A 1002 97.96 -14.84 -3.57
N TYR A 1003 98.79 -14.16 -2.77
CA TYR A 1003 98.33 -13.57 -1.53
C TYR A 1003 99.36 -12.55 -1.05
N GLN A 1004 99.07 -11.96 0.11
CA GLN A 1004 99.96 -11.06 0.82
C GLN A 1004 99.94 -11.45 2.30
N THR A 1005 100.91 -10.93 3.06
CA THR A 1005 100.99 -11.28 4.47
C THR A 1005 101.72 -10.17 5.21
N THR A 1006 101.39 -10.03 6.50
CA THR A 1006 102.00 -9.03 7.38
C THR A 1006 101.44 -9.18 8.79
N ALA B 1 -14.79 -0.49 10.62
CA ALA B 1 -13.92 -0.31 9.47
C ALA B 1 -13.23 -1.61 9.09
N THR B 2 -13.55 -2.69 9.81
CA THR B 2 -13.15 -4.03 9.44
C THR B 2 -14.37 -4.76 8.87
N VAL B 3 -14.25 -5.24 7.63
CA VAL B 3 -15.36 -5.83 6.91
C VAL B 3 -14.92 -7.19 6.35
N SER B 4 -15.90 -7.92 5.84
CA SER B 4 -15.64 -9.24 5.29
C SER B 4 -14.77 -9.14 4.04
N ALA B 5 -13.81 -10.06 3.92
CA ALA B 5 -12.98 -10.14 2.73
C ALA B 5 -13.64 -10.94 1.61
N GLU B 6 -14.75 -11.63 1.88
CA GLU B 6 -15.44 -12.42 0.89
C GLU B 6 -16.45 -11.61 0.08
N ILE B 7 -16.63 -10.34 0.41
CA ILE B 7 -17.53 -9.45 -0.33
C ILE B 7 -16.67 -8.44 -1.07
N PRO B 8 -16.99 -8.13 -2.34
CA PRO B 8 -16.18 -7.13 -3.07
C PRO B 8 -16.11 -5.82 -2.31
N TYR B 9 -14.88 -5.35 -2.08
CA TYR B 9 -14.68 -4.21 -1.19
C TYR B 9 -15.35 -2.95 -1.70
N GLN B 10 -15.50 -2.82 -3.02
CA GLN B 10 -16.17 -1.64 -3.58
C GLN B 10 -17.60 -1.48 -3.08
N ILE B 11 -18.23 -2.58 -2.65
CA ILE B 11 -19.60 -2.51 -2.15
C ILE B 11 -19.66 -1.66 -0.88
N PHE B 12 -18.71 -1.88 0.04
CA PHE B 12 -18.70 -1.14 1.30
C PHE B 12 -18.45 0.36 1.09
N ARG B 13 -17.81 0.75 -0.01
CA ARG B 13 -17.59 2.16 -0.29
C ARG B 13 -18.78 2.80 -1.01
N ASP B 14 -19.38 2.09 -1.97
CA ASP B 14 -20.59 2.60 -2.62
C ASP B 14 -21.73 2.70 -1.61
N PHE B 15 -21.87 1.71 -0.74
CA PHE B 15 -22.82 1.81 0.37
C PHE B 15 -22.57 3.05 1.21
N ALA B 16 -21.29 3.39 1.42
CA ALA B 16 -20.95 4.53 2.26
C ALA B 16 -21.33 5.84 1.60
N GLU B 17 -20.91 6.06 0.35
CA GLU B 17 -21.11 7.31 -0.34
C GLU B 17 -22.40 7.35 -1.16
N ASN B 18 -23.30 6.39 -0.95
CA ASN B 18 -24.59 6.34 -1.63
C ASN B 18 -24.43 6.34 -3.15
N LYS B 19 -23.42 5.62 -3.63
CA LYS B 19 -23.15 5.51 -5.05
C LYS B 19 -23.41 4.09 -5.53
N GLY B 20 -23.31 3.88 -6.84
CA GLY B 20 -23.61 2.58 -7.41
C GLY B 20 -25.07 2.24 -7.24
N GLN B 21 -25.34 1.00 -6.84
CA GLN B 21 -26.71 0.54 -6.60
C GLN B 21 -27.21 0.89 -5.21
N PHE B 22 -26.54 1.81 -4.51
CA PHE B 22 -26.91 2.20 -3.16
C PHE B 22 -27.41 3.65 -3.11
N THR B 23 -28.15 4.06 -4.12
CA THR B 23 -28.77 5.38 -4.09
C THR B 23 -29.93 5.38 -3.09
N PRO B 24 -30.16 6.48 -2.39
CA PRO B 24 -31.17 6.49 -1.32
C PRO B 24 -32.55 6.11 -1.85
N GLY B 25 -33.22 5.21 -1.12
CA GLY B 25 -34.55 4.75 -1.45
C GLY B 25 -34.58 3.34 -2.02
N THR B 26 -33.51 2.90 -2.66
CA THR B 26 -33.48 1.58 -3.30
C THR B 26 -33.77 0.49 -2.27
N THR B 27 -34.60 -0.47 -2.67
CA THR B 27 -35.06 -1.54 -1.79
C THR B 27 -34.66 -2.89 -2.36
N ASN B 28 -34.60 -3.89 -1.47
CA ASN B 28 -34.28 -5.27 -1.81
C ASN B 28 -33.02 -5.37 -2.65
N ILE B 29 -31.93 -4.87 -2.08
CA ILE B 29 -30.62 -4.91 -2.73
C ILE B 29 -29.92 -6.20 -2.31
N SER B 30 -29.63 -7.05 -3.28
CA SER B 30 -28.92 -8.29 -3.01
C SER B 30 -27.42 -8.03 -2.91
N ILE B 31 -26.76 -8.77 -2.02
CA ILE B 31 -25.32 -8.65 -1.77
C ILE B 31 -24.68 -10.00 -2.03
N TYR B 32 -23.63 -10.01 -2.84
CA TYR B 32 -23.05 -11.24 -3.35
C TYR B 32 -21.59 -11.38 -2.94
N ASP B 33 -21.11 -12.63 -2.98
CA ASP B 33 -19.73 -12.92 -2.69
C ASP B 33 -18.81 -12.38 -3.77
N LYS B 34 -17.50 -12.52 -3.55
CA LYS B 34 -16.54 -12.33 -4.63
C LYS B 34 -16.74 -13.38 -5.72
N GLN B 35 -17.17 -14.59 -5.34
CA GLN B 35 -17.40 -15.66 -6.31
C GLN B 35 -18.79 -15.60 -6.94
N GLY B 36 -19.75 -14.91 -6.31
CA GLY B 36 -21.06 -14.72 -6.89
C GLY B 36 -22.23 -15.27 -6.09
N ASN B 37 -22.01 -15.94 -4.96
CA ASN B 37 -23.13 -16.49 -4.20
C ASN B 37 -23.77 -15.42 -3.34
N LEU B 38 -25.02 -15.66 -2.96
CA LEU B 38 -25.80 -14.67 -2.23
C LEU B 38 -25.44 -14.68 -0.75
N VAL B 39 -25.13 -13.51 -0.21
CA VAL B 39 -24.83 -13.35 1.21
C VAL B 39 -26.06 -12.92 1.98
N GLY B 40 -26.78 -11.93 1.46
CA GLY B 40 -27.99 -11.46 2.11
C GLY B 40 -28.63 -10.38 1.26
N LYS B 41 -29.79 -9.94 1.70
CA LYS B 41 -30.55 -8.89 1.01
C LYS B 41 -30.69 -7.68 1.92
N LEU B 42 -30.55 -6.49 1.33
CA LEU B 42 -30.74 -5.24 2.05
C LEU B 42 -32.20 -4.81 1.99
N ASP B 43 -33.03 -5.58 2.69
CA ASP B 43 -34.46 -5.30 2.76
C ASP B 43 -34.75 -4.73 4.13
N LYS B 44 -35.88 -5.09 4.73
CA LYS B 44 -36.29 -4.58 6.04
C LYS B 44 -36.54 -3.08 6.02
N ALA B 45 -35.81 -2.34 5.18
CA ALA B 45 -35.94 -0.90 5.08
C ALA B 45 -35.32 -0.44 3.78
N PRO B 46 -35.73 0.72 3.26
CA PRO B 46 -35.08 1.28 2.07
C PRO B 46 -33.69 1.79 2.41
N MET B 47 -32.92 2.06 1.35
CA MET B 47 -31.57 2.57 1.53
C MET B 47 -31.60 3.96 2.13
N ALA B 48 -30.71 4.21 3.09
CA ALA B 48 -30.67 5.47 3.79
C ALA B 48 -29.75 6.46 3.08
N ASP B 49 -29.93 7.74 3.40
CA ASP B 49 -29.15 8.83 2.84
C ASP B 49 -28.09 9.23 3.87
N PHE B 50 -26.83 8.92 3.59
CA PHE B 50 -25.73 9.18 4.50
C PHE B 50 -25.07 10.53 4.27
N SER B 51 -25.65 11.39 3.43
CA SER B 51 -25.03 12.67 3.10
C SER B 51 -24.96 13.62 4.28
N SER B 52 -25.69 13.35 5.37
CA SER B 52 -25.61 14.20 6.54
C SER B 52 -24.29 14.05 7.28
N ALA B 53 -23.56 12.97 7.02
CA ALA B 53 -22.23 12.79 7.60
C ALA B 53 -21.18 13.47 6.73
N THR B 54 -20.11 13.91 7.37
CA THR B 54 -19.08 14.68 6.67
C THR B 54 -18.35 13.80 5.66
N ILE B 55 -18.17 14.33 4.45
CA ILE B 55 -17.34 13.67 3.44
C ILE B 55 -15.86 13.91 3.71
N THR B 56 -15.53 14.94 4.49
CA THR B 56 -14.14 15.31 4.75
C THR B 56 -14.13 16.17 6.01
N THR B 57 -13.14 15.92 6.88
CA THR B 57 -13.02 16.65 8.14
C THR B 57 -11.63 17.25 8.28
N GLY B 58 -11.04 17.68 7.18
CA GLY B 58 -9.70 18.26 7.23
C GLY B 58 -8.67 17.24 7.67
N SER B 59 -7.96 17.56 8.75
CA SER B 59 -6.97 16.64 9.29
C SER B 59 -7.60 15.41 9.93
N LEU B 60 -8.87 15.48 10.29
CA LEU B 60 -9.57 14.34 10.87
C LEU B 60 -10.08 13.42 9.78
N PRO B 61 -10.31 12.15 10.11
CA PRO B 61 -10.84 11.20 9.13
C PRO B 61 -12.27 11.55 8.75
N PRO B 62 -12.71 11.15 7.55
CA PRO B 62 -14.09 11.44 7.15
C PRO B 62 -15.11 10.69 8.00
N GLY B 63 -16.31 11.25 8.06
CA GLY B 63 -17.38 10.65 8.83
C GLY B 63 -17.34 10.93 10.31
N ASP B 64 -16.44 11.81 10.77
CA ASP B 64 -16.33 12.09 12.20
C ASP B 64 -17.55 12.83 12.73
N HIS B 65 -18.15 13.70 11.93
CA HIS B 65 -19.24 14.56 12.36
C HIS B 65 -20.49 14.32 11.51
N THR B 66 -21.64 14.63 12.08
CA THR B 66 -22.92 14.41 11.44
C THR B 66 -23.82 15.62 11.65
N LEU B 67 -24.35 16.15 10.55
CA LEU B 67 -25.23 17.31 10.62
C LEU B 67 -26.62 16.88 11.10
N TYR B 68 -27.09 17.48 12.19
CA TYR B 68 -28.43 17.22 12.70
C TYR B 68 -29.32 18.45 12.72
N SER B 69 -28.75 19.64 12.64
CA SER B 69 -29.42 20.92 12.49
C SER B 69 -28.70 21.70 11.41
N PRO B 70 -29.41 22.59 10.68
CA PRO B 70 -28.78 23.30 9.57
C PRO B 70 -27.42 23.91 9.86
N GLN B 71 -27.08 24.13 11.13
CA GLN B 71 -25.82 24.77 11.49
C GLN B 71 -25.00 24.00 12.51
N TYR B 72 -25.51 22.87 13.02
CA TYR B 72 -24.86 22.15 14.11
C TYR B 72 -24.57 20.70 13.73
N VAL B 73 -23.44 20.19 14.22
CA VAL B 73 -23.03 18.81 13.99
C VAL B 73 -22.83 18.13 15.33
N VAL B 74 -22.82 16.80 15.30
CA VAL B 74 -22.66 15.99 16.51
C VAL B 74 -21.50 15.02 16.29
N THR B 75 -20.78 14.74 17.37
CA THR B 75 -19.63 13.84 17.34
C THR B 75 -19.33 13.40 18.76
N ALA B 76 -18.34 12.51 18.89
CA ALA B 76 -17.86 12.11 20.20
C ALA B 76 -17.00 13.20 20.81
N LYS B 77 -17.05 13.32 22.13
CA LYS B 77 -16.37 14.43 22.81
C LYS B 77 -14.85 14.36 22.63
N HIS B 78 -14.28 13.16 22.68
CA HIS B 78 -12.83 13.04 22.61
C HIS B 78 -12.28 13.28 21.21
N VAL B 79 -13.14 13.39 20.20
CA VAL B 79 -12.67 13.72 18.85
C VAL B 79 -12.29 15.20 18.81
N SER B 80 -11.09 15.47 18.30
CA SER B 80 -10.60 16.85 18.21
C SER B 80 -9.43 16.88 17.24
N GLY B 81 -9.16 18.08 16.72
CA GLY B 81 -8.01 18.28 15.86
C GLY B 81 -8.30 18.96 14.54
N SER B 82 -9.55 19.37 14.32
CA SER B 82 -9.91 20.01 13.06
C SER B 82 -11.07 20.97 13.28
N ASP B 83 -10.96 22.15 12.66
CA ASP B 83 -12.03 23.14 12.68
C ASP B 83 -12.79 23.23 11.37
N THR B 84 -12.31 22.57 10.31
CA THR B 84 -12.95 22.61 9.00
C THR B 84 -13.46 21.22 8.64
N MET B 85 -14.60 21.19 7.94
CA MET B 85 -15.21 19.93 7.53
C MET B 85 -16.10 20.21 6.31
N SER B 86 -16.37 19.16 5.56
CA SER B 86 -17.01 19.29 4.26
C SER B 86 -18.26 18.43 4.19
N PHE B 87 -19.21 18.88 3.36
CA PHE B 87 -20.46 18.16 3.11
C PHE B 87 -20.67 18.06 1.61
N GLY B 88 -21.17 16.91 1.16
CA GLY B 88 -21.35 16.67 -0.25
C GLY B 88 -20.05 16.36 -0.96
N TYR B 89 -19.39 17.40 -1.46
CA TYR B 89 -18.05 17.28 -2.03
C TYR B 89 -17.02 17.80 -1.04
N ALA B 90 -15.78 17.35 -1.23
CA ALA B 90 -14.70 17.73 -0.30
C ALA B 90 -14.43 19.23 -0.34
N LYS B 91 -14.69 19.89 -1.47
CA LYS B 91 -14.40 21.31 -1.58
C LYS B 91 -15.39 22.15 -0.78
N ASN B 92 -16.64 21.68 -0.65
CA ASN B 92 -17.69 22.43 0.04
C ASN B 92 -17.41 22.41 1.54
N THR B 93 -16.51 23.29 1.97
CA THR B 93 -15.97 23.28 3.32
C THR B 93 -16.73 24.24 4.22
N TYR B 94 -16.81 23.89 5.51
CA TYR B 94 -17.43 24.70 6.54
C TYR B 94 -16.51 24.76 7.75
N THR B 95 -16.70 25.78 8.57
CA THR B 95 -15.81 26.06 9.69
C THR B 95 -16.58 26.04 11.00
N ALA B 96 -16.06 25.29 11.98
CA ALA B 96 -16.65 25.25 13.31
C ALA B 96 -16.17 26.44 14.13
N VAL B 97 -17.09 26.99 14.94
CA VAL B 97 -16.81 28.20 15.70
C VAL B 97 -17.16 28.09 17.17
N GLY B 98 -17.65 26.93 17.62
CA GLY B 98 -18.08 26.80 19.00
C GLY B 98 -18.49 25.39 19.36
N THR B 99 -18.22 24.98 20.60
CA THR B 99 -18.44 23.62 21.04
C THR B 99 -19.24 23.60 22.34
N ASN B 100 -20.07 22.57 22.49
CA ASN B 100 -20.84 22.33 23.70
C ASN B 100 -20.63 20.87 24.10
N ASN B 101 -19.90 20.65 25.19
CA ASN B 101 -19.59 19.30 25.66
C ASN B 101 -20.62 18.82 26.66
N ASN B 102 -21.01 17.56 26.54
CA ASN B 102 -21.84 16.90 27.55
C ASN B 102 -20.97 16.58 28.76
N SER B 103 -21.36 17.09 29.93
CA SER B 103 -20.53 16.96 31.12
C SER B 103 -20.38 15.51 31.58
N GLY B 104 -21.28 14.61 31.17
CA GLY B 104 -21.28 13.27 31.71
C GLY B 104 -21.04 12.15 30.72
N LEU B 105 -21.24 12.42 29.43
CA LEU B 105 -21.08 11.41 28.39
C LEU B 105 -20.04 11.87 27.38
N ASP B 106 -19.60 10.92 26.55
CA ASP B 106 -18.57 11.18 25.54
C ASP B 106 -19.21 11.62 24.22
N ILE B 107 -19.91 12.75 24.28
CA ILE B 107 -20.59 13.29 23.12
C ILE B 107 -20.60 14.82 23.23
N LYS B 108 -20.59 15.48 22.09
CA LYS B 108 -20.60 16.93 22.06
C LYS B 108 -21.12 17.40 20.71
N THR B 109 -21.69 18.60 20.70
CA THR B 109 -22.15 19.24 19.48
C THR B 109 -21.27 20.45 19.18
N ARG B 110 -21.19 20.81 17.90
CA ARG B 110 -20.39 21.94 17.46
C ARG B 110 -21.19 22.79 16.49
N ARG B 111 -20.96 24.10 16.55
CA ARG B 111 -21.66 25.07 15.71
C ARG B 111 -20.79 25.46 14.54
N LEU B 112 -21.41 25.60 13.37
CA LEU B 112 -20.72 26.04 12.16
C LEU B 112 -20.97 27.52 11.92
N SER B 113 -20.14 28.09 11.05
CA SER B 113 -20.22 29.53 10.78
C SER B 113 -21.39 29.88 9.88
N LYS B 114 -21.80 28.98 9.00
CA LYS B 114 -22.89 29.23 8.08
C LYS B 114 -23.79 28.00 7.99
N LEU B 115 -24.97 28.20 7.40
CA LEU B 115 -25.91 27.10 7.23
C LEU B 115 -25.46 26.20 6.09
N VAL B 116 -25.47 24.89 6.35
CA VAL B 116 -25.04 23.92 5.34
C VAL B 116 -26.13 23.81 4.28
N THR B 117 -25.78 24.10 3.03
CA THR B 117 -26.73 24.08 1.93
C THR B 117 -26.62 22.83 1.05
N GLU B 118 -25.50 22.11 1.11
CA GLU B 118 -25.27 21.02 0.17
C GLU B 118 -26.02 19.75 0.55
N VAL B 119 -26.32 19.55 1.83
CA VAL B 119 -26.97 18.33 2.30
C VAL B 119 -28.07 18.71 3.29
N ALA B 120 -28.94 17.72 3.57
CA ALA B 120 -30.03 17.83 4.53
C ALA B 120 -29.61 17.27 5.89
N PRO B 121 -29.91 17.97 6.97
CA PRO B 121 -29.54 17.47 8.30
C PRO B 121 -30.27 16.17 8.62
N ALA B 122 -29.60 15.33 9.40
CA ALA B 122 -30.19 14.06 9.81
C ALA B 122 -31.26 14.27 10.87
N GLU B 123 -32.21 13.34 10.93
CA GLU B 123 -33.27 13.36 11.92
C GLU B 123 -32.83 12.60 13.17
N VAL B 124 -32.90 13.26 14.32
CA VAL B 124 -32.58 12.63 15.59
C VAL B 124 -33.79 11.86 16.09
N SER B 125 -33.55 10.68 16.67
CA SER B 125 -34.63 9.82 17.12
C SER B 125 -35.41 10.45 18.27
N ASP B 126 -36.72 10.21 18.29
CA ASP B 126 -37.56 10.74 19.37
C ASP B 126 -37.39 9.98 20.68
N ILE B 127 -36.79 8.80 20.65
CA ILE B 127 -36.80 7.91 21.81
C ILE B 127 -35.87 8.41 22.91
N GLY B 128 -34.63 8.74 22.55
CA GLY B 128 -33.65 9.11 23.55
C GLY B 128 -33.09 7.89 24.27
N ALA B 129 -32.68 8.10 25.51
CA ALA B 129 -31.98 7.07 26.29
C ALA B 129 -33.02 6.24 27.06
N VAL B 130 -33.57 5.24 26.36
CA VAL B 130 -34.48 4.27 26.96
C VAL B 130 -33.77 2.92 26.98
N SER B 131 -33.64 2.35 28.17
CA SER B 131 -32.94 1.07 28.33
C SER B 131 -33.61 -0.02 27.52
N GLY B 132 -32.89 -0.55 26.53
CA GLY B 132 -33.37 -1.66 25.74
C GLY B 132 -34.29 -1.30 24.60
N ALA B 133 -34.47 -0.01 24.31
CA ALA B 133 -35.33 0.39 23.20
C ALA B 133 -34.73 0.03 21.85
N TYR B 134 -33.42 -0.19 21.77
CA TYR B 134 -32.75 -0.51 20.53
C TYR B 134 -32.41 -2.00 20.40
N GLN B 135 -33.11 -2.84 21.15
CA GLN B 135 -32.87 -4.28 21.10
C GLN B 135 -33.58 -4.89 19.87
N ALA B 136 -33.23 -6.14 19.59
CA ALA B 136 -33.83 -6.85 18.48
C ALA B 136 -35.31 -7.09 18.74
N GLY B 137 -36.07 -7.23 17.65
CA GLY B 137 -37.52 -7.37 17.78
C GLY B 137 -38.21 -6.21 18.43
N GLY B 138 -37.60 -5.03 18.43
CA GLY B 138 -38.16 -3.85 19.03
C GLY B 138 -38.73 -2.90 18.00
N ARG B 139 -38.55 -1.61 18.25
CA ARG B 139 -39.09 -0.60 17.35
C ARG B 139 -38.27 -0.48 16.06
N PHE B 140 -36.96 -0.63 16.16
CA PHE B 140 -36.05 -0.47 15.03
C PHE B 140 -35.75 -1.82 14.40
N THR B 141 -35.76 -1.88 13.07
CA THR B 141 -35.64 -3.12 12.34
C THR B 141 -34.36 -3.23 11.52
N GLU B 142 -33.55 -2.18 11.44
CA GLU B 142 -32.32 -2.23 10.67
C GLU B 142 -31.40 -1.12 11.16
N PHE B 143 -30.10 -1.41 11.14
CA PHE B 143 -29.09 -0.51 11.68
C PHE B 143 -27.96 -0.36 10.68
N TYR B 144 -27.73 0.87 10.22
CA TYR B 144 -26.69 1.17 9.26
C TYR B 144 -25.61 2.04 9.91
N ARG B 145 -24.39 1.90 9.42
CA ARG B 145 -23.22 2.55 10.00
C ARG B 145 -22.38 3.13 8.88
N LEU B 146 -21.71 4.24 9.19
CA LEU B 146 -20.84 4.92 8.24
C LEU B 146 -19.66 5.52 9.00
N GLY B 147 -18.48 5.48 8.40
CA GLY B 147 -17.29 6.02 9.04
C GLY B 147 -16.09 5.91 8.13
N GLY B 148 -15.05 6.65 8.49
CA GLY B 148 -13.85 6.72 7.68
C GLY B 148 -12.55 6.50 8.43
N GLY B 149 -12.55 5.62 9.44
CA GLY B 149 -11.35 5.34 10.19
C GLY B 149 -10.34 4.50 9.44
N MET B 150 -9.56 3.70 10.16
CA MET B 150 -8.55 2.84 9.54
C MET B 150 -9.20 1.55 9.06
N GLN B 151 -9.08 1.28 7.76
CA GLN B 151 -9.86 0.23 7.11
C GLN B 151 -9.10 -1.09 7.08
N TYR B 152 -9.76 -2.16 7.50
CA TYR B 152 -9.23 -3.51 7.44
C TYR B 152 -10.24 -4.43 6.77
N VAL B 153 -9.76 -5.60 6.36
CA VAL B 153 -10.60 -6.70 5.90
C VAL B 153 -10.19 -7.96 6.66
N LYS B 154 -11.14 -8.89 6.75
CA LYS B 154 -10.93 -10.09 7.57
C LYS B 154 -11.69 -11.25 6.96
N ASP B 155 -11.01 -12.40 6.84
CA ASP B 155 -11.63 -13.59 6.31
C ASP B 155 -12.19 -14.44 7.44
N LYS B 156 -12.83 -15.56 7.08
CA LYS B 156 -13.46 -16.41 8.09
C LYS B 156 -12.43 -17.07 9.00
N ASN B 157 -11.20 -17.28 8.51
CA ASN B 157 -10.16 -17.88 9.34
C ASN B 157 -9.64 -16.91 10.39
N GLY B 158 -9.96 -15.63 10.30
CA GLY B 158 -9.52 -14.64 11.27
C GLY B 158 -8.36 -13.78 10.83
N ASN B 159 -7.79 -14.04 9.66
CA ASN B 159 -6.65 -13.25 9.18
C ASN B 159 -7.12 -11.86 8.75
N ARG B 160 -6.52 -10.83 9.32
CA ARG B 160 -6.86 -9.45 9.00
C ARG B 160 -5.77 -8.83 8.12
N THR B 161 -6.21 -7.95 7.22
CA THR B 161 -5.30 -7.26 6.31
C THR B 161 -5.73 -5.80 6.19
N GLN B 162 -4.77 -4.88 6.33
CA GLN B 162 -5.04 -3.47 6.22
C GLN B 162 -5.20 -3.05 4.75
N VAL B 163 -5.97 -1.99 4.55
CA VAL B 163 -6.27 -1.47 3.21
C VAL B 163 -5.45 -0.21 2.98
N TYR B 164 -4.85 -0.11 1.80
CA TYR B 164 -4.13 1.10 1.38
C TYR B 164 -5.15 2.21 1.12
N THR B 165 -5.26 3.17 2.04
CA THR B 165 -6.27 4.21 1.92
C THR B 165 -5.74 5.51 1.31
N ASN B 166 -4.43 5.72 1.31
CA ASN B 166 -3.79 6.91 0.75
C ASN B 166 -4.10 8.16 1.56
N GLY B 167 -5.38 8.41 1.82
CA GLY B 167 -5.78 9.57 2.59
C GLY B 167 -6.92 9.32 3.55
N GLY B 168 -7.71 8.28 3.28
CA GLY B 168 -8.86 7.97 4.11
C GLY B 168 -10.15 8.16 3.32
N PHE B 169 -11.06 7.20 3.46
CA PHE B 169 -12.32 7.23 2.74
C PHE B 169 -13.41 6.64 3.61
N LEU B 170 -14.65 6.78 3.15
CA LEU B 170 -15.82 6.31 3.89
C LEU B 170 -16.10 4.84 3.59
N VAL B 171 -16.38 4.09 4.65
CA VAL B 171 -16.81 2.70 4.55
C VAL B 171 -18.00 2.51 5.47
N GLY B 172 -19.01 1.78 5.00
CA GLY B 172 -20.23 1.58 5.76
C GLY B 172 -20.67 0.14 5.75
N GLY B 173 -21.80 -0.11 6.40
CA GLY B 173 -22.35 -1.44 6.49
C GLY B 173 -23.39 -1.52 7.59
N THR B 174 -23.73 -2.75 7.94
CA THR B 174 -24.75 -3.03 8.93
C THR B 174 -24.12 -3.45 10.25
N VAL B 175 -24.90 -3.31 11.33
CA VAL B 175 -24.54 -3.81 12.65
C VAL B 175 -25.77 -4.48 13.25
N SER B 176 -25.54 -5.25 14.31
CA SER B 176 -26.62 -5.95 14.98
C SER B 176 -27.48 -4.97 15.78
N ALA B 177 -28.52 -5.50 16.41
CA ALA B 177 -29.28 -4.73 17.38
C ALA B 177 -28.38 -4.39 18.58
N LEU B 178 -28.90 -3.54 19.45
CA LEU B 178 -28.07 -2.92 20.48
C LEU B 178 -28.70 -3.12 21.86
N ASN B 179 -27.87 -3.52 22.82
CA ASN B 179 -28.25 -3.54 24.22
C ASN B 179 -27.83 -2.23 24.87
N SER B 180 -28.58 -1.82 25.88
CA SER B 180 -28.33 -0.56 26.56
C SER B 180 -27.56 -0.78 27.86
N TYR B 181 -26.74 0.20 28.22
CA TYR B 181 -26.06 0.21 29.51
C TYR B 181 -25.82 1.66 29.91
N ASN B 182 -25.27 1.83 31.11
CA ASN B 182 -25.08 3.17 31.70
C ASN B 182 -26.42 3.90 31.79
N ASN B 183 -27.39 3.23 32.41
CA ASN B 183 -28.74 3.77 32.59
C ASN B 183 -29.37 4.14 31.25
N GLY B 184 -29.17 3.28 30.25
CA GLY B 184 -29.72 3.48 28.92
C GLY B 184 -29.11 4.58 28.10
N GLN B 185 -28.11 5.31 28.63
CA GLN B 185 -27.51 6.42 27.92
C GLN B 185 -26.56 5.99 26.81
N MET B 186 -26.16 4.72 26.77
CA MET B 186 -25.24 4.23 25.76
C MET B 186 -25.64 2.83 25.33
N ILE B 187 -25.32 2.50 24.08
CA ILE B 187 -25.71 1.23 23.47
C ILE B 187 -24.48 0.52 22.94
N THR B 188 -24.54 -0.82 22.93
CA THR B 188 -23.42 -1.64 22.52
C THR B 188 -23.92 -2.80 21.67
N ALA B 189 -23.00 -3.36 20.88
CA ALA B 189 -23.31 -4.50 20.04
C ALA B 189 -22.03 -5.28 19.78
N GLN B 190 -22.14 -6.61 19.75
CA GLN B 190 -20.99 -7.49 19.54
C GLN B 190 -20.71 -7.55 18.04
N THR B 191 -20.01 -6.52 17.54
CA THR B 191 -19.69 -6.41 16.13
C THR B 191 -18.37 -7.07 15.76
N GLY B 192 -17.62 -7.58 16.73
CA GLY B 192 -16.34 -8.22 16.42
C GLY B 192 -16.50 -9.46 15.57
N ASP B 193 -17.63 -10.16 15.71
CA ASP B 193 -17.90 -11.35 14.90
C ASP B 193 -18.50 -10.88 13.58
N ILE B 194 -17.63 -10.57 12.63
CA ILE B 194 -18.06 -10.07 11.33
C ILE B 194 -18.98 -11.06 10.64
N PHE B 195 -18.77 -12.37 10.85
CA PHE B 195 -19.51 -13.39 10.13
C PHE B 195 -20.67 -13.95 10.94
N ASN B 196 -21.03 -13.30 12.05
CA ASN B 196 -22.27 -13.62 12.74
C ASN B 196 -23.43 -13.00 11.98
N PRO B 197 -24.39 -13.79 11.49
CA PRO B 197 -25.48 -13.21 10.68
C PRO B 197 -26.34 -12.19 11.40
N ALA B 198 -26.24 -12.08 12.73
CA ALA B 198 -26.99 -11.07 13.45
C ALA B 198 -26.48 -9.66 13.17
N ASN B 199 -25.23 -9.52 12.73
CA ASN B 199 -24.64 -8.23 12.40
C ASN B 199 -25.00 -7.77 10.99
N GLY B 200 -25.78 -8.53 10.25
CA GLY B 200 -26.21 -8.13 8.92
C GLY B 200 -25.28 -8.60 7.83
N PRO B 201 -25.73 -8.46 6.57
CA PRO B 201 -24.88 -8.92 5.44
C PRO B 201 -23.66 -8.05 5.20
N LEU B 202 -23.64 -6.81 5.68
CA LEU B 202 -22.47 -5.95 5.54
C LEU B 202 -21.91 -5.60 6.92
N ALA B 203 -21.63 -6.63 7.72
CA ALA B 203 -21.22 -6.40 9.10
C ALA B 203 -19.96 -5.54 9.16
N ASN B 204 -19.96 -4.59 10.08
CA ASN B 204 -18.85 -3.67 10.28
C ASN B 204 -18.35 -3.77 11.71
N TYR B 205 -17.04 -3.84 11.88
CA TYR B 205 -16.39 -3.65 13.16
C TYR B 205 -15.59 -2.35 13.09
N LEU B 206 -15.78 -1.48 14.06
CA LEU B 206 -15.26 -0.12 14.01
C LEU B 206 -13.93 -0.06 14.73
N ASN B 207 -12.93 0.53 14.09
CA ASN B 207 -11.57 0.57 14.60
C ASN B 207 -11.19 2.00 14.96
N MET B 208 -9.92 2.20 15.33
CA MET B 208 -9.40 3.53 15.61
C MET B 208 -9.60 4.45 14.41
N GLY B 209 -10.14 5.64 14.67
CA GLY B 209 -10.47 6.60 13.64
C GLY B 209 -11.95 6.72 13.35
N ASP B 210 -12.70 5.66 13.61
CA ASP B 210 -14.16 5.68 13.46
C ASP B 210 -14.87 6.35 14.62
N SER B 211 -14.13 6.94 15.57
CA SER B 211 -14.75 7.58 16.72
C SER B 211 -15.67 8.71 16.28
N GLY B 212 -16.83 8.78 16.92
CA GLY B 212 -17.83 9.78 16.57
C GLY B 212 -18.59 9.52 15.29
N SER B 213 -18.35 8.41 14.62
CA SER B 213 -19.06 8.10 13.39
C SER B 213 -20.53 7.83 13.67
N PRO B 214 -21.42 8.12 12.72
CA PRO B 214 -22.85 8.02 12.99
C PRO B 214 -23.31 6.57 13.09
N LEU B 215 -24.44 6.40 13.78
CA LEU B 215 -25.18 5.14 13.81
C LEU B 215 -26.64 5.45 13.52
N PHE B 216 -27.15 4.92 12.42
CA PHE B 216 -28.53 5.15 12.01
C PHE B 216 -29.36 3.89 12.20
N ALA B 217 -30.63 4.08 12.52
CA ALA B 217 -31.58 2.98 12.67
C ALA B 217 -32.88 3.35 12.01
N TYR B 218 -33.51 2.38 11.35
CA TYR B 218 -34.78 2.62 10.67
C TYR B 218 -35.92 2.43 11.66
N ASP B 219 -36.68 3.50 11.88
CA ASP B 219 -37.84 3.46 12.76
C ASP B 219 -39.01 2.83 12.01
N SER B 220 -39.42 1.63 12.42
CA SER B 220 -40.45 0.90 11.70
C SER B 220 -41.85 1.40 11.97
N LEU B 221 -42.05 2.22 13.00
CA LEU B 221 -43.38 2.78 13.28
C LEU B 221 -43.58 4.10 12.54
N GLN B 222 -42.58 4.99 12.60
CA GLN B 222 -42.65 6.25 11.86
C GLN B 222 -42.16 6.11 10.42
N LYS B 223 -41.60 4.96 10.06
CA LYS B 223 -41.19 4.66 8.68
C LYS B 223 -40.20 5.68 8.14
N LYS B 224 -39.12 5.89 8.88
CA LYS B 224 -38.06 6.79 8.45
C LYS B 224 -36.78 6.48 9.21
N TRP B 225 -35.65 6.81 8.60
CA TRP B 225 -34.35 6.63 9.23
C TRP B 225 -34.09 7.74 10.24
N VAL B 226 -33.50 7.38 11.37
CA VAL B 226 -33.16 8.32 12.43
C VAL B 226 -31.75 8.07 12.90
N LEU B 227 -31.10 9.13 13.38
CA LEU B 227 -29.78 9.03 13.99
C LEU B 227 -29.93 8.68 15.46
N ILE B 228 -29.26 7.60 15.89
CA ILE B 228 -29.40 7.11 17.25
C ILE B 228 -28.11 7.19 18.05
N GLY B 229 -26.94 7.21 17.43
CA GLY B 229 -25.71 7.20 18.20
C GLY B 229 -24.50 7.63 17.41
N VAL B 230 -23.46 7.99 18.14
CA VAL B 230 -22.13 8.24 17.60
C VAL B 230 -21.15 7.33 18.32
N LEU B 231 -20.13 6.87 17.61
CA LEU B 231 -19.20 5.90 18.17
C LEU B 231 -18.32 6.55 19.23
N SER B 232 -18.18 5.87 20.37
CA SER B 232 -17.36 6.36 21.47
C SER B 232 -16.15 5.47 21.70
N SER B 233 -16.35 4.17 21.93
CA SER B 233 -15.26 3.26 22.25
C SER B 233 -15.54 1.91 21.62
N GLY B 234 -14.55 1.02 21.70
CA GLY B 234 -14.67 -0.33 21.20
C GLY B 234 -13.91 -1.30 22.09
N THR B 235 -14.00 -2.57 21.72
CA THR B 235 -13.31 -3.63 22.45
C THR B 235 -13.07 -4.79 21.48
N ASN B 236 -12.40 -5.83 21.97
CA ASN B 236 -12.09 -6.99 21.14
C ASN B 236 -13.34 -7.68 20.61
N TYR B 237 -14.52 -7.40 21.18
CA TYR B 237 -15.74 -8.10 20.82
C TYR B 237 -16.82 -7.21 20.22
N GLY B 238 -16.83 -5.91 20.52
CA GLY B 238 -17.86 -5.06 19.98
C GLY B 238 -17.51 -3.60 20.09
N ASN B 239 -18.51 -2.76 19.79
CA ASN B 239 -18.37 -1.31 19.84
C ASN B 239 -19.42 -0.71 20.77
N ASN B 240 -19.21 0.56 21.14
CA ASN B 240 -20.07 1.26 22.07
C ASN B 240 -20.40 2.64 21.51
N TRP B 241 -21.70 2.92 21.36
CA TRP B 241 -22.17 4.21 20.88
C TRP B 241 -22.82 4.99 22.02
N VAL B 242 -22.66 6.31 21.98
CA VAL B 242 -23.37 7.22 22.87
C VAL B 242 -24.72 7.56 22.22
N VAL B 243 -25.80 7.35 22.96
CA VAL B 243 -27.14 7.58 22.42
C VAL B 243 -27.33 9.07 22.17
N THR B 244 -27.67 9.43 20.93
CA THR B 244 -27.97 10.81 20.59
C THR B 244 -29.41 11.12 20.98
N THR B 245 -29.58 12.06 21.90
CA THR B 245 -30.90 12.47 22.37
C THR B 245 -31.22 13.87 21.86
N GLN B 246 -32.49 14.09 21.51
CA GLN B 246 -32.94 15.43 21.16
C GLN B 246 -32.78 16.40 22.32
N ASP B 247 -32.74 15.90 23.55
CA ASP B 247 -32.59 16.76 24.72
C ASP B 247 -31.24 17.47 24.72
N PHE B 248 -30.17 16.72 24.48
CA PHE B 248 -28.83 17.30 24.51
C PHE B 248 -28.43 17.93 23.18
N LEU B 249 -28.73 17.27 22.04
CA LEU B 249 -28.35 17.83 20.76
C LEU B 249 -29.05 19.16 20.49
N GLY B 250 -30.25 19.35 21.03
CA GLY B 250 -30.94 20.61 20.92
C GLY B 250 -30.51 21.67 21.90
N GLN B 251 -29.59 21.36 22.82
CA GLN B 251 -29.20 22.31 23.85
C GLN B 251 -28.43 23.49 23.27
N GLN B 252 -27.40 23.21 22.47
CA GLN B 252 -26.57 24.27 21.91
C GLN B 252 -27.34 25.17 20.94
N PRO B 253 -28.16 24.64 20.02
CA PRO B 253 -28.93 25.54 19.15
C PRO B 253 -29.89 26.44 19.92
N GLN B 254 -30.47 25.93 21.01
CA GLN B 254 -31.43 26.74 21.76
C GLN B 254 -30.74 27.87 22.50
N ASN B 255 -29.57 27.61 23.09
CA ASN B 255 -28.84 28.65 23.81
C ASN B 255 -28.21 29.68 22.89
N ASP B 256 -28.21 29.45 21.58
CA ASP B 256 -27.68 30.40 20.62
C ASP B 256 -28.79 31.21 19.94
N PHE B 257 -30.03 31.07 20.42
CA PHE B 257 -31.14 31.88 19.94
C PHE B 257 -31.47 32.96 20.97
N ASP B 258 -31.63 34.18 20.52
CA ASP B 258 -32.15 35.22 21.40
C ASP B 258 -33.65 35.02 21.60
N LYS B 259 -34.23 35.84 22.48
CA LYS B 259 -35.67 35.76 22.72
C LYS B 259 -36.43 35.93 21.41
N THR B 260 -37.47 35.12 21.24
CA THR B 260 -38.22 35.12 20.00
C THR B 260 -38.85 36.49 19.76
N ILE B 261 -38.70 37.00 18.54
CA ILE B 261 -39.22 38.30 18.16
C ILE B 261 -40.62 38.10 17.59
N ALA B 262 -41.63 38.49 18.35
CA ALA B 262 -43.03 38.35 17.96
C ALA B 262 -43.52 39.68 17.43
N TYR B 263 -43.79 39.75 16.13
CA TYR B 263 -44.29 40.97 15.51
C TYR B 263 -45.76 41.13 15.81
N THR B 264 -46.11 42.25 16.44
CA THR B 264 -47.51 42.58 16.71
C THR B 264 -48.05 43.35 15.51
N SER B 265 -49.13 42.85 14.93
CA SER B 265 -49.57 43.34 13.62
C SER B 265 -49.95 44.82 13.64
N GLY B 266 -50.68 45.24 14.68
CA GLY B 266 -51.15 46.61 14.73
C GLY B 266 -50.05 47.65 14.92
N GLU B 267 -49.01 47.29 15.68
CA GLU B 267 -48.03 48.26 16.15
C GLU B 267 -47.05 48.61 15.03
N GLY B 268 -46.12 49.51 15.34
CA GLY B 268 -45.18 50.05 14.37
C GLY B 268 -44.21 49.07 13.76
N VAL B 269 -43.42 49.55 12.79
CA VAL B 269 -42.43 48.70 12.14
C VAL B 269 -41.27 48.42 13.10
N LEU B 270 -40.73 47.19 13.02
CA LEU B 270 -39.60 46.80 13.83
C LEU B 270 -38.35 47.59 13.41
N GLN B 271 -37.89 48.48 14.27
CA GLN B 271 -36.67 49.24 14.02
C GLN B 271 -35.48 48.48 14.58
N TRP B 272 -34.46 48.29 13.74
CA TRP B 272 -33.31 47.44 14.07
C TRP B 272 -32.05 48.30 14.09
N LYS B 273 -31.57 48.61 15.29
CA LYS B 273 -30.30 49.30 15.49
C LYS B 273 -29.24 48.30 15.95
N TYR B 274 -27.98 48.61 15.66
CA TYR B 274 -26.90 47.68 15.95
C TYR B 274 -25.60 48.44 16.16
N ASP B 275 -24.96 48.23 17.32
CA ASP B 275 -23.65 48.79 17.62
C ASP B 275 -22.59 47.77 17.16
N ALA B 276 -21.94 48.07 16.04
CA ALA B 276 -20.98 47.14 15.44
C ALA B 276 -19.75 46.91 16.30
N ALA B 277 -19.31 47.93 17.05
CA ALA B 277 -18.05 47.82 17.79
C ALA B 277 -18.08 46.74 18.85
N ASN B 278 -19.15 46.68 19.65
CA ASN B 278 -19.24 45.68 20.71
C ASN B 278 -20.27 44.59 20.39
N GLY B 279 -20.77 44.56 19.16
CA GLY B 279 -21.57 43.43 18.70
C GLY B 279 -22.88 43.27 19.42
N THR B 280 -23.50 44.36 19.84
CA THR B 280 -24.82 44.35 20.46
C THR B 280 -25.76 45.23 19.66
N GLY B 281 -27.04 44.85 19.63
CA GLY B 281 -28.03 45.59 18.89
C GLY B 281 -29.40 45.43 19.52
N THR B 282 -30.40 46.00 18.86
CA THR B 282 -31.75 46.02 19.40
C THR B 282 -32.76 46.08 18.27
N LEU B 283 -33.93 45.47 18.50
CA LEU B 283 -35.08 45.57 17.61
C LEU B 283 -36.27 46.02 18.44
N THR B 284 -36.76 47.22 18.17
CA THR B 284 -37.82 47.84 18.96
C THR B 284 -39.10 47.95 18.14
N GLN B 285 -40.23 47.74 18.81
CA GLN B 285 -41.55 47.93 18.20
C GLN B 285 -42.50 48.43 19.27
N GLY B 286 -43.02 49.64 19.08
CA GLY B 286 -43.88 50.22 20.09
C GLY B 286 -43.11 50.46 21.38
N ASN B 287 -43.52 49.80 22.46
CA ASN B 287 -42.86 49.90 23.74
C ASN B 287 -42.20 48.60 24.17
N THR B 288 -41.91 47.71 23.22
CA THR B 288 -41.18 46.47 23.48
C THR B 288 -39.82 46.53 22.79
N THR B 289 -38.81 46.02 23.48
CA THR B 289 -37.43 46.07 23.01
C THR B 289 -36.83 44.67 23.07
N TRP B 290 -36.34 44.18 21.93
CA TRP B 290 -35.71 42.87 21.84
C TRP B 290 -34.20 43.02 21.70
N ASP B 291 -33.46 42.17 22.38
CA ASP B 291 -32.01 42.16 22.31
C ASP B 291 -31.54 41.25 21.18
N MET B 292 -30.39 41.59 20.61
CA MET B 292 -29.81 40.82 19.52
C MET B 292 -28.29 40.98 19.59
N HIS B 293 -27.58 39.89 19.31
CA HIS B 293 -26.14 39.86 19.38
C HIS B 293 -25.55 39.44 18.05
N GLY B 294 -24.37 39.98 17.75
CA GLY B 294 -23.68 39.67 16.52
C GLY B 294 -22.21 39.37 16.72
N LYS B 295 -21.42 39.47 15.67
CA LYS B 295 -19.98 39.22 15.77
C LYS B 295 -19.31 40.28 16.62
N LYS B 296 -18.44 39.85 17.52
CA LYS B 296 -17.71 40.72 18.42
C LYS B 296 -16.22 40.45 18.25
N GLY B 297 -15.51 41.39 17.63
CA GLY B 297 -14.09 41.23 17.38
C GLY B 297 -13.82 40.20 16.31
N ASN B 298 -13.24 39.06 16.70
CA ASN B 298 -12.98 37.95 15.80
C ASN B 298 -13.81 36.73 16.13
N ASP B 299 -14.72 36.81 17.11
CA ASP B 299 -15.48 35.66 17.57
C ASP B 299 -16.80 35.59 16.79
N LEU B 300 -16.87 34.67 15.84
CA LEU B 300 -18.10 34.48 15.08
C LEU B 300 -19.18 33.81 15.91
N ASN B 301 -18.82 33.10 16.97
CA ASN B 301 -19.80 32.43 17.82
C ASN B 301 -20.56 33.40 18.73
N ALA B 302 -20.07 34.62 18.88
CA ALA B 302 -20.79 35.61 19.69
C ALA B 302 -22.13 35.97 19.08
N GLY B 303 -22.26 35.87 17.76
CA GLY B 303 -23.53 36.14 17.13
C GLY B 303 -24.54 35.04 17.42
N LYS B 304 -25.77 35.46 17.73
CA LYS B 304 -26.83 34.53 18.11
C LYS B 304 -28.00 34.64 17.14
N ASN B 305 -28.75 33.54 17.04
CA ASN B 305 -29.79 33.42 16.03
C ASN B 305 -31.07 34.14 16.47
N LEU B 306 -31.87 34.52 15.47
CA LEU B 306 -33.13 35.20 15.70
C LEU B 306 -34.26 34.41 15.05
N LEU B 307 -35.37 34.28 15.79
CA LEU B 307 -36.58 33.65 15.29
C LEU B 307 -37.65 34.73 15.15
N PHE B 308 -38.19 34.88 13.94
CA PHE B 308 -39.21 35.87 13.65
C PHE B 308 -40.56 35.18 13.52
N THR B 309 -41.55 35.67 14.26
CA THR B 309 -42.92 35.19 14.18
C THR B 309 -43.83 36.37 13.82
N GLY B 310 -45.11 36.06 13.62
CA GLY B 310 -46.07 37.04 13.14
C GLY B 310 -46.32 36.92 11.65
N ASN B 311 -47.27 37.72 11.17
CA ASN B 311 -47.67 37.70 9.77
C ASN B 311 -47.49 39.07 9.17
N ASN B 312 -46.90 39.12 7.97
CA ASN B 312 -46.65 40.36 7.25
C ASN B 312 -45.88 41.37 8.11
N GLY B 313 -44.82 40.89 8.74
CA GLY B 313 -43.99 41.75 9.55
C GLY B 313 -43.07 42.62 8.70
N GLU B 314 -42.69 43.77 9.27
CA GLU B 314 -41.81 44.72 8.60
C GLU B 314 -40.63 45.01 9.50
N VAL B 315 -39.42 44.99 8.92
CA VAL B 315 -38.19 45.26 9.64
C VAL B 315 -37.35 46.21 8.81
N VAL B 316 -36.81 47.25 9.44
CA VAL B 316 -35.95 48.22 8.79
C VAL B 316 -34.60 48.20 9.48
N LEU B 317 -33.53 48.02 8.69
CA LEU B 317 -32.17 47.99 9.21
C LEU B 317 -31.62 49.41 9.22
N GLN B 318 -31.42 49.96 10.43
CA GLN B 318 -30.84 51.28 10.57
C GLN B 318 -29.32 51.26 10.61
N ASN B 319 -28.71 50.11 10.87
CA ASN B 319 -27.26 49.97 10.90
C ASN B 319 -26.86 48.70 10.16
N SER B 320 -25.66 48.71 9.59
CA SER B 320 -25.12 47.51 8.99
C SER B 320 -24.84 46.47 10.08
N VAL B 321 -25.09 45.20 9.75
CA VAL B 321 -25.03 44.13 10.73
C VAL B 321 -24.14 43.01 10.21
N ASN B 322 -23.17 42.60 11.01
CA ASN B 322 -22.41 41.37 10.79
C ASN B 322 -22.73 40.48 11.99
N GLN B 323 -23.68 39.57 11.82
CA GLN B 323 -24.14 38.71 12.91
C GLN B 323 -23.24 37.50 13.13
N GLY B 324 -22.12 37.41 12.43
CA GLY B 324 -21.20 36.30 12.62
C GLY B 324 -21.78 34.97 12.18
N ALA B 325 -21.98 34.07 13.14
CA ALA B 325 -22.62 32.79 12.87
C ALA B 325 -24.12 32.81 13.12
N GLY B 326 -24.65 33.91 13.65
CA GLY B 326 -26.09 34.00 13.87
C GLY B 326 -26.84 34.09 12.56
N TYR B 327 -27.90 33.29 12.44
CA TYR B 327 -28.73 33.28 11.25
C TYR B 327 -30.14 33.73 11.61
N LEU B 328 -30.91 34.08 10.58
CA LEU B 328 -32.27 34.56 10.74
C LEU B 328 -33.24 33.47 10.28
N GLN B 329 -34.20 33.14 11.13
CA GLN B 329 -35.25 32.19 10.81
C GLN B 329 -36.60 32.89 10.88
N PHE B 330 -37.40 32.75 9.82
CA PHE B 330 -38.70 33.40 9.71
C PHE B 330 -39.79 32.33 9.75
N ALA B 331 -40.67 32.42 10.74
CA ALA B 331 -41.81 31.52 10.85
C ALA B 331 -43.09 32.12 10.29
N GLY B 332 -42.98 33.24 9.59
CA GLY B 332 -44.13 33.89 8.97
C GLY B 332 -43.66 34.79 7.86
N ASP B 333 -44.63 35.34 7.13
CA ASP B 333 -44.31 36.23 6.03
C ASP B 333 -43.75 37.54 6.58
N TYR B 334 -42.63 37.99 6.01
CA TYR B 334 -41.89 39.13 6.53
C TYR B 334 -41.39 39.99 5.38
N ARG B 335 -41.18 41.27 5.69
CA ARG B 335 -40.57 42.24 4.78
C ARG B 335 -39.41 42.90 5.50
N VAL B 336 -38.22 42.83 4.91
CA VAL B 336 -37.01 43.38 5.52
C VAL B 336 -36.33 44.25 4.48
N SER B 337 -36.00 45.49 4.87
CA SER B 337 -35.38 46.44 3.98
C SER B 337 -34.31 47.23 4.73
N ALA B 338 -33.38 47.78 3.97
CA ALA B 338 -32.35 48.66 4.53
C ALA B 338 -32.83 50.10 4.50
N LEU B 339 -32.20 50.94 5.33
CA LEU B 339 -32.61 52.33 5.47
C LEU B 339 -31.84 53.26 4.54
N ASN B 340 -30.51 53.17 4.56
CA ASN B 340 -29.66 54.10 3.82
C ASN B 340 -28.70 53.41 2.85
N GLY B 341 -28.61 52.09 2.89
CA GLY B 341 -27.60 51.36 2.14
C GLY B 341 -26.84 50.43 3.04
N GLN B 342 -27.45 50.09 4.18
CA GLN B 342 -26.85 49.17 5.12
C GLN B 342 -26.94 47.74 4.61
N THR B 343 -25.95 46.93 4.98
CA THR B 343 -25.85 45.56 4.52
C THR B 343 -26.02 44.61 5.70
N TRP B 344 -26.43 43.38 5.39
CA TRP B 344 -26.52 42.32 6.40
C TRP B 344 -25.80 41.08 5.90
N MET B 345 -25.02 40.47 6.80
CA MET B 345 -24.36 39.20 6.53
C MET B 345 -24.30 38.42 7.84
N GLY B 346 -24.33 37.10 7.74
CA GLY B 346 -24.29 36.26 8.92
C GLY B 346 -24.37 34.78 8.65
N GLY B 347 -24.96 34.03 9.57
CA GLY B 347 -25.06 32.60 9.42
C GLY B 347 -25.90 32.17 8.23
N GLY B 348 -26.94 32.92 7.92
CA GLY B 348 -27.79 32.62 6.79
C GLY B 348 -29.23 33.01 7.08
N ILE B 349 -30.12 32.50 6.26
CA ILE B 349 -31.55 32.78 6.35
C ILE B 349 -32.33 31.49 6.17
N ILE B 350 -33.19 31.18 7.14
CA ILE B 350 -34.11 30.05 7.05
C ILE B 350 -35.52 30.58 6.83
N THR B 351 -36.18 30.10 5.79
CA THR B 351 -37.58 30.43 5.51
C THR B 351 -38.40 29.16 5.72
N ASP B 352 -39.22 29.15 6.76
CA ASP B 352 -40.00 27.97 7.09
C ASP B 352 -41.01 27.66 5.98
N LYS B 353 -41.54 26.44 6.03
CA LYS B 353 -42.46 25.98 5.00
C LYS B 353 -43.67 26.89 4.88
N GLY B 354 -44.03 27.24 3.65
CA GLY B 354 -45.18 28.09 3.41
C GLY B 354 -45.02 29.50 3.91
N THR B 355 -43.80 30.03 3.92
CA THR B 355 -43.54 31.41 4.31
C THR B 355 -42.82 32.14 3.18
N HIS B 356 -43.00 33.46 3.14
CA HIS B 356 -42.36 34.29 2.13
C HIS B 356 -41.67 35.47 2.80
N VAL B 357 -40.39 35.63 2.52
CA VAL B 357 -39.59 36.73 3.06
C VAL B 357 -39.18 37.62 1.90
N LEU B 358 -39.45 38.92 2.01
CA LEU B 358 -39.06 39.90 1.02
C LEU B 358 -37.76 40.54 1.49
N TRP B 359 -36.65 40.14 0.87
CA TRP B 359 -35.32 40.55 1.31
C TRP B 359 -34.85 41.70 0.42
N GLN B 360 -34.71 42.88 1.01
CA GLN B 360 -34.30 44.07 0.28
C GLN B 360 -33.00 44.66 0.82
N VAL B 361 -32.26 43.90 1.63
CA VAL B 361 -30.97 44.32 2.17
C VAL B 361 -29.86 43.68 1.34
N ASN B 362 -28.84 44.46 1.03
CA ASN B 362 -27.72 43.96 0.24
C ASN B 362 -26.74 43.18 1.12
N GLY B 363 -25.80 42.50 0.47
CA GLY B 363 -24.78 41.73 1.14
C GLY B 363 -23.45 42.43 1.16
N VAL B 364 -22.40 41.66 1.45
CA VAL B 364 -21.05 42.17 1.63
C VAL B 364 -20.11 41.42 0.69
N ALA B 365 -19.16 42.14 0.11
CA ALA B 365 -18.19 41.53 -0.79
C ALA B 365 -17.37 40.48 -0.05
N GLY B 366 -17.20 39.32 -0.68
CA GLY B 366 -16.47 38.22 -0.08
C GLY B 366 -17.31 37.27 0.73
N ASP B 367 -18.56 37.60 1.01
CA ASP B 367 -19.46 36.78 1.80
C ASP B 367 -20.55 36.20 0.92
N ASN B 368 -21.02 35.01 1.26
CA ASN B 368 -22.11 34.34 0.57
C ASN B 368 -23.30 34.22 1.52
N LEU B 369 -24.47 34.64 1.05
CA LEU B 369 -25.70 34.44 1.81
C LEU B 369 -26.15 32.99 1.64
N HIS B 370 -26.21 32.26 2.75
CA HIS B 370 -26.65 30.88 2.74
C HIS B 370 -28.15 30.83 3.05
N LYS B 371 -28.93 30.34 2.10
CA LYS B 371 -30.37 30.26 2.23
C LYS B 371 -30.78 28.79 2.30
N THR B 372 -31.60 28.46 3.30
CA THR B 372 -32.18 27.13 3.43
C THR B 372 -33.62 27.28 3.91
N GLY B 373 -34.30 26.15 4.02
CA GLY B 373 -35.71 26.17 4.39
C GLY B 373 -36.61 26.03 3.18
N GLU B 374 -37.75 25.36 3.38
CA GLU B 374 -38.66 25.09 2.28
C GLU B 374 -39.43 26.32 1.82
N GLY B 375 -39.36 27.42 2.55
CA GLY B 375 -40.06 28.63 2.19
C GLY B 375 -39.49 29.28 0.94
N THR B 376 -39.93 30.52 0.73
CA THR B 376 -39.55 31.30 -0.45
C THR B 376 -38.90 32.60 -0.01
N LEU B 377 -37.78 32.94 -0.63
CA LEU B 377 -37.06 34.18 -0.36
C LEU B 377 -36.96 34.98 -1.64
N THR B 378 -37.54 36.18 -1.64
CA THR B 378 -37.51 37.07 -2.80
C THR B 378 -36.48 38.15 -2.54
N VAL B 379 -35.39 38.13 -3.31
CA VAL B 379 -34.36 39.15 -3.22
C VAL B 379 -34.82 40.37 -4.00
N ASN B 380 -34.97 41.51 -3.31
CA ASN B 380 -35.53 42.71 -3.92
C ASN B 380 -34.74 43.94 -3.51
N GLY B 381 -33.42 43.82 -3.44
CA GLY B 381 -32.57 44.96 -3.19
C GLY B 381 -32.49 45.88 -4.39
N THR B 382 -31.75 46.98 -4.22
CA THR B 382 -31.52 47.94 -5.27
C THR B 382 -30.02 48.14 -5.44
N GLY B 383 -29.59 48.29 -6.69
CA GLY B 383 -28.18 48.44 -6.98
C GLY B 383 -27.49 47.11 -7.15
N VAL B 384 -26.16 47.15 -7.08
CA VAL B 384 -25.35 45.94 -7.19
C VAL B 384 -25.13 45.34 -5.81
N ASN B 385 -25.32 44.03 -5.71
CA ASN B 385 -24.96 43.27 -4.52
C ASN B 385 -23.61 42.63 -4.81
N ALA B 386 -22.58 43.04 -4.08
CA ALA B 386 -21.24 42.49 -4.25
C ALA B 386 -21.04 41.18 -3.51
N GLY B 387 -22.13 40.56 -3.03
CA GLY B 387 -22.06 39.34 -2.27
C GLY B 387 -22.58 38.16 -3.07
N GLY B 388 -22.43 36.97 -2.48
CA GLY B 388 -22.76 35.73 -3.13
C GLY B 388 -24.00 35.09 -2.51
N LEU B 389 -24.55 34.11 -3.24
CA LEU B 389 -25.68 33.35 -2.77
C LEU B 389 -25.37 31.86 -2.82
N LYS B 390 -25.63 31.17 -1.70
CA LYS B 390 -25.59 29.71 -1.64
C LYS B 390 -26.97 29.26 -1.16
N VAL B 391 -27.74 28.65 -2.07
CA VAL B 391 -29.09 28.19 -1.78
C VAL B 391 -29.08 26.68 -1.69
N GLY B 392 -29.83 26.14 -0.74
CA GLY B 392 -29.86 24.71 -0.53
C GLY B 392 -31.25 24.13 -0.36
N ASP B 393 -32.25 24.98 -0.19
CA ASP B 393 -33.61 24.50 0.00
C ASP B 393 -34.59 25.61 -0.38
N GLY B 394 -35.82 25.19 -0.70
CA GLY B 394 -36.89 26.15 -0.96
C GLY B 394 -36.77 26.82 -2.32
N THR B 395 -37.25 28.06 -2.36
CA THR B 395 -37.29 28.85 -3.59
C THR B 395 -36.68 30.22 -3.34
N VAL B 396 -35.86 30.68 -4.28
CA VAL B 396 -35.24 31.99 -4.21
C VAL B 396 -35.54 32.71 -5.52
N ILE B 397 -36.31 33.79 -5.43
CA ILE B 397 -36.68 34.59 -6.60
C ILE B 397 -35.75 35.79 -6.68
N LEU B 398 -34.99 35.89 -7.77
CA LEU B 398 -34.06 37.00 -7.97
C LEU B 398 -34.80 38.13 -8.69
N ASN B 399 -35.03 39.23 -7.97
CA ASN B 399 -35.73 40.40 -8.49
C ASN B 399 -35.04 41.65 -7.96
N GLN B 400 -33.81 41.89 -8.41
CA GLN B 400 -33.02 43.02 -7.96
C GLN B 400 -33.36 44.25 -8.80
N GLN B 401 -33.59 45.38 -8.14
CA GLN B 401 -33.98 46.60 -8.81
C GLN B 401 -32.75 47.38 -9.28
N ALA B 402 -32.92 48.12 -10.36
CA ALA B 402 -31.82 48.89 -10.94
C ALA B 402 -31.41 50.04 -10.01
N ASP B 403 -30.15 50.44 -10.15
CA ASP B 403 -29.62 51.57 -9.40
C ASP B 403 -30.27 52.87 -9.88
N ALA B 404 -29.93 53.96 -9.19
CA ALA B 404 -30.29 55.28 -9.69
C ALA B 404 -29.57 55.58 -11.00
N ASP B 405 -28.42 54.96 -11.23
CA ASP B 405 -27.65 55.13 -12.45
C ASP B 405 -27.76 53.96 -13.41
N GLY B 406 -28.56 52.94 -13.07
CA GLY B 406 -28.82 51.81 -13.95
C GLY B 406 -28.16 50.51 -13.55
N LYS B 407 -27.13 50.57 -12.71
CA LYS B 407 -26.39 49.36 -12.36
C LYS B 407 -27.27 48.40 -11.56
N VAL B 408 -27.19 47.12 -11.89
CA VAL B 408 -28.00 46.10 -11.22
C VAL B 408 -27.22 44.80 -11.15
N GLN B 409 -27.32 44.13 -10.00
CA GLN B 409 -26.75 42.81 -9.79
C GLN B 409 -27.33 42.19 -8.53
N ALA B 410 -28.00 41.04 -8.66
CA ALA B 410 -28.62 40.40 -7.50
C ALA B 410 -27.58 39.75 -6.61
N PHE B 411 -26.58 39.10 -7.20
CA PHE B 411 -25.51 38.45 -6.44
C PHE B 411 -24.26 38.40 -7.30
N SER B 412 -23.11 38.38 -6.63
CA SER B 412 -21.84 38.18 -7.34
C SER B 412 -21.77 36.80 -7.96
N SER B 413 -22.36 35.80 -7.31
CA SER B 413 -22.43 34.45 -7.82
C SER B 413 -23.51 33.70 -7.05
N VAL B 414 -24.02 32.63 -7.65
CA VAL B 414 -25.04 31.80 -7.02
C VAL B 414 -24.58 30.35 -7.04
N GLY B 415 -24.95 29.63 -5.99
CA GLY B 415 -24.67 28.20 -5.89
C GLY B 415 -25.90 27.40 -5.52
N ILE B 416 -26.23 26.40 -6.32
CA ILE B 416 -27.41 25.58 -6.11
C ILE B 416 -26.96 24.15 -5.84
N ALA B 417 -27.35 23.61 -4.69
CA ALA B 417 -26.91 22.28 -4.28
C ALA B 417 -28.02 21.62 -3.48
N SER B 418 -27.85 20.31 -3.28
CA SER B 418 -28.70 19.37 -2.53
C SER B 418 -29.87 18.85 -3.35
N GLY B 419 -30.15 19.39 -4.53
CA GLY B 419 -31.27 18.96 -5.34
C GLY B 419 -32.62 19.48 -4.87
N ARG B 420 -32.68 20.11 -3.71
CA ARG B 420 -33.91 20.64 -3.14
C ARG B 420 -34.33 21.99 -3.74
N PRO B 421 -33.45 22.99 -3.83
CA PRO B 421 -33.92 24.36 -4.06
C PRO B 421 -34.19 24.65 -5.53
N THR B 422 -34.77 25.83 -5.76
CA THR B 422 -35.07 26.34 -7.08
C THR B 422 -34.80 27.84 -7.10
N VAL B 423 -34.12 28.32 -8.14
CA VAL B 423 -33.79 29.73 -8.30
C VAL B 423 -34.50 30.24 -9.55
N VAL B 424 -35.23 31.34 -9.39
CA VAL B 424 -36.05 31.91 -10.46
C VAL B 424 -35.46 33.25 -10.87
N LEU B 425 -35.25 33.44 -12.18
CA LEU B 425 -34.74 34.69 -12.72
C LEU B 425 -35.89 35.53 -13.21
N SER B 426 -36.03 36.75 -12.65
CA SER B 426 -37.04 37.67 -13.13
C SER B 426 -36.67 38.20 -14.51
N ASP B 427 -35.53 38.87 -14.61
CA ASP B 427 -34.96 39.31 -15.88
C ASP B 427 -33.58 38.67 -16.06
N SER B 428 -32.93 39.01 -17.16
CA SER B 428 -31.63 38.43 -17.50
C SER B 428 -30.46 39.27 -17.00
N GLN B 429 -30.72 40.27 -16.15
CA GLN B 429 -29.67 41.11 -15.59
C GLN B 429 -29.37 40.78 -14.13
N GLN B 430 -29.95 39.69 -13.61
CA GLN B 430 -29.80 39.41 -12.17
C GLN B 430 -28.40 38.91 -11.84
N VAL B 431 -27.93 37.90 -12.56
CA VAL B 431 -26.64 37.28 -12.29
C VAL B 431 -25.94 37.00 -13.63
N ASN B 432 -24.63 37.19 -13.65
CA ASN B 432 -23.82 36.72 -14.77
C ASN B 432 -23.97 35.21 -14.88
N PRO B 433 -24.49 34.69 -15.99
CA PRO B 433 -24.70 33.23 -16.09
C PRO B 433 -23.42 32.42 -15.88
N ASP B 434 -22.25 32.99 -16.15
CA ASP B 434 -21.00 32.28 -15.95
C ASP B 434 -20.66 32.11 -14.47
N ASN B 435 -21.31 32.84 -13.59
CA ASN B 435 -21.11 32.69 -12.15
C ASN B 435 -22.22 31.87 -11.49
N ILE B 436 -23.07 31.24 -12.29
CA ILE B 436 -24.07 30.31 -11.75
C ILE B 436 -23.40 28.94 -11.59
N SER B 437 -23.60 28.32 -10.44
CA SER B 437 -22.91 27.07 -10.10
C SER B 437 -23.90 26.08 -9.54
N TRP B 438 -23.85 24.85 -10.06
CA TRP B 438 -24.61 23.73 -9.52
C TRP B 438 -23.63 22.82 -8.79
N GLY B 439 -23.90 22.54 -7.52
CA GLY B 439 -23.03 21.76 -6.68
C GLY B 439 -23.54 20.35 -6.45
N TYR B 440 -23.20 19.81 -5.28
CA TYR B 440 -23.61 18.46 -4.90
C TYR B 440 -25.11 18.29 -5.00
N ARG B 441 -25.54 17.41 -5.91
CA ARG B 441 -26.92 17.06 -6.22
C ARG B 441 -27.67 18.18 -6.93
N GLY B 442 -27.06 19.34 -7.14
CA GLY B 442 -27.58 20.35 -8.04
C GLY B 442 -28.91 20.96 -7.60
N GLY B 443 -29.72 21.29 -8.58
CA GLY B 443 -30.98 21.96 -8.34
C GLY B 443 -31.51 22.57 -9.63
N ARG B 444 -32.60 23.33 -9.47
CA ARG B 444 -33.34 23.88 -10.60
C ARG B 444 -33.03 25.35 -10.78
N LEU B 445 -32.63 25.74 -11.99
CA LEU B 445 -32.55 27.13 -12.40
C LEU B 445 -33.74 27.44 -13.30
N GLU B 446 -34.66 28.27 -12.82
CA GLU B 446 -35.88 28.61 -13.55
C GLU B 446 -35.65 29.91 -14.31
N LEU B 447 -35.53 29.80 -15.65
CA LEU B 447 -35.24 30.97 -16.47
C LEU B 447 -36.43 31.93 -16.52
N ASN B 448 -37.65 31.39 -16.56
CA ASN B 448 -38.88 32.19 -16.58
C ASN B 448 -38.89 33.15 -17.76
N GLY B 449 -38.91 32.58 -18.96
CA GLY B 449 -39.06 33.35 -20.17
C GLY B 449 -37.86 34.18 -20.59
N ASN B 450 -36.80 34.21 -19.80
CA ASN B 450 -35.64 35.03 -20.11
C ASN B 450 -34.65 34.26 -20.99
N ASN B 451 -33.77 35.01 -21.64
CA ASN B 451 -32.72 34.45 -22.49
C ASN B 451 -31.37 34.61 -21.79
N LEU B 452 -30.58 33.55 -21.78
CA LEU B 452 -29.28 33.55 -21.13
C LEU B 452 -28.21 33.10 -22.11
N THR B 453 -26.97 33.48 -21.82
CA THR B 453 -25.81 33.11 -22.60
C THR B 453 -24.71 32.63 -21.66
N PHE B 454 -24.27 31.39 -21.84
CA PHE B 454 -23.21 30.80 -21.04
C PHE B 454 -21.93 30.67 -21.86
N THR B 455 -20.79 30.90 -21.21
CA THR B 455 -19.50 30.52 -21.74
C THR B 455 -18.88 29.37 -20.96
N ARG B 456 -19.54 28.92 -19.89
CA ARG B 456 -19.13 27.76 -19.11
C ARG B 456 -20.33 27.29 -18.31
N LEU B 457 -20.42 25.98 -18.11
CA LEU B 457 -21.51 25.36 -17.38
C LEU B 457 -20.94 24.66 -16.15
N GLN B 458 -20.91 25.38 -15.02
CA GLN B 458 -20.42 24.84 -13.76
C GLN B 458 -21.50 23.94 -13.18
N ALA B 459 -21.60 22.73 -13.74
CA ALA B 459 -22.58 21.73 -13.33
C ALA B 459 -21.84 20.54 -12.74
N ALA B 460 -22.15 20.21 -11.49
CA ALA B 460 -21.40 19.16 -10.79
C ALA B 460 -21.85 17.77 -11.21
N ASP B 461 -23.16 17.54 -11.32
CA ASP B 461 -23.66 16.19 -11.57
C ASP B 461 -25.02 16.30 -12.26
N TYR B 462 -25.71 15.16 -12.33
CA TYR B 462 -27.00 15.08 -13.03
C TYR B 462 -28.08 15.90 -12.35
N GLY B 463 -27.90 16.28 -11.09
CA GLY B 463 -28.89 17.10 -10.41
C GLY B 463 -29.03 18.51 -10.94
N ALA B 464 -28.09 18.96 -11.76
CA ALA B 464 -28.16 20.29 -12.34
C ALA B 464 -29.27 20.36 -13.36
N ILE B 465 -30.17 21.33 -13.20
CA ILE B 465 -31.35 21.47 -14.05
C ILE B 465 -31.45 22.91 -14.52
N ILE B 466 -31.61 23.09 -15.83
CA ILE B 466 -31.93 24.39 -16.42
C ILE B 466 -33.28 24.21 -17.11
N THR B 467 -34.31 24.85 -16.56
CA THR B 467 -35.67 24.66 -17.04
C THR B 467 -36.35 26.00 -17.27
N ASN B 468 -37.47 25.95 -17.99
CA ASN B 468 -38.34 27.11 -18.17
C ASN B 468 -39.78 26.63 -18.10
N ASN B 469 -40.52 27.08 -17.07
CA ASN B 469 -41.92 26.75 -16.90
C ASN B 469 -42.85 27.90 -17.26
N SER B 470 -42.33 28.95 -17.89
CA SER B 470 -43.16 30.04 -18.37
C SER B 470 -43.67 29.74 -19.79
N GLU B 471 -44.71 30.47 -20.19
CA GLU B 471 -45.23 30.33 -21.53
C GLU B 471 -44.39 31.08 -22.57
N LYS B 472 -43.54 32.00 -22.12
CA LYS B 472 -42.60 32.65 -23.02
C LYS B 472 -41.38 31.76 -23.23
N LYS B 473 -41.07 31.47 -24.49
CA LYS B 473 -39.98 30.55 -24.81
C LYS B 473 -38.63 31.17 -24.50
N SER B 474 -37.83 30.45 -23.71
CA SER B 474 -36.47 30.87 -23.38
C SER B 474 -35.49 30.37 -24.42
N THR B 475 -34.46 31.17 -24.68
CA THR B 475 -33.44 30.84 -25.68
C THR B 475 -32.08 30.89 -25.01
N VAL B 476 -31.55 29.72 -24.65
CA VAL B 476 -30.23 29.60 -24.03
C VAL B 476 -29.18 29.50 -25.12
N THR B 477 -28.18 30.37 -25.07
CA THR B 477 -27.05 30.35 -25.98
C THR B 477 -25.82 29.82 -25.24
N LEU B 478 -25.30 28.68 -25.69
CA LEU B 478 -24.15 28.04 -25.05
C LEU B 478 -22.90 28.31 -25.90
N ASP B 479 -22.38 29.53 -25.77
CA ASP B 479 -21.12 29.92 -26.41
C ASP B 479 -19.96 29.57 -25.48
N LEU B 480 -19.77 28.27 -25.28
CA LEU B 480 -18.81 27.77 -24.31
C LEU B 480 -17.38 28.07 -24.73
N GLN B 481 -16.58 28.59 -23.79
CA GLN B 481 -15.17 28.81 -23.98
C GLN B 481 -14.41 28.32 -22.75
N THR B 482 -13.31 27.60 -22.97
CA THR B 482 -12.52 27.12 -21.85
C THR B 482 -11.57 28.19 -21.31
N LEU B 483 -11.16 29.13 -22.16
CA LEU B 483 -10.25 30.19 -21.75
C LEU B 483 -10.58 31.41 -22.60
N LYS B 484 -11.27 32.38 -21.99
CA LYS B 484 -11.70 33.57 -22.72
C LYS B 484 -10.50 34.48 -23.00
N ALA B 485 -10.54 35.13 -24.17
CA ALA B 485 -9.41 35.96 -24.61
C ALA B 485 -9.14 37.13 -23.67
N SER B 486 -10.18 37.63 -22.99
CA SER B 486 -10.02 38.78 -22.11
C SER B 486 -9.05 38.51 -20.96
N ASP B 487 -8.83 37.25 -20.60
CA ASP B 487 -8.05 36.89 -19.43
C ASP B 487 -6.59 36.57 -19.73
N ILE B 488 -6.12 36.83 -20.96
CA ILE B 488 -4.75 36.54 -21.32
C ILE B 488 -3.89 37.78 -21.12
N ASN B 489 -2.76 37.60 -20.45
CA ASN B 489 -1.78 38.67 -20.23
C ASN B 489 -0.52 38.35 -21.03
N VAL B 490 -0.10 39.29 -21.87
CA VAL B 490 1.06 39.08 -22.74
C VAL B 490 2.07 40.18 -22.51
N PRO B 491 3.02 40.02 -21.59
CA PRO B 491 4.12 40.99 -21.48
C PRO B 491 5.01 40.89 -22.70
N VAL B 492 5.52 42.04 -23.14
CA VAL B 492 6.35 42.12 -24.33
C VAL B 492 7.81 42.03 -23.90
N ASN B 493 8.38 40.84 -24.03
CA ASN B 493 9.80 40.67 -23.75
C ASN B 493 10.62 41.17 -24.93
N THR B 494 11.93 41.19 -24.75
CA THR B 494 12.86 41.67 -25.76
C THR B 494 13.75 40.52 -26.19
N VAL B 495 14.13 40.51 -27.46
CA VAL B 495 15.07 39.49 -27.91
C VAL B 495 16.42 39.83 -27.31
N SER B 496 16.81 39.08 -26.28
CA SER B 496 18.04 39.37 -25.57
C SER B 496 19.25 38.93 -26.38
N ILE B 497 20.32 39.71 -26.27
CA ILE B 497 21.61 39.36 -26.84
C ILE B 497 22.08 38.11 -26.11
N PHE B 498 23.17 37.51 -26.55
CA PHE B 498 23.66 36.26 -25.97
C PHE B 498 22.59 35.17 -26.05
N GLY B 499 22.79 34.09 -25.30
CA GLY B 499 21.78 33.06 -25.21
C GLY B 499 20.56 33.52 -24.44
N GLY B 500 19.47 32.81 -24.62
CA GLY B 500 18.25 33.11 -23.89
C GLY B 500 17.33 31.92 -23.82
N ARG B 501 16.57 31.83 -22.73
CA ARG B 501 15.64 30.74 -22.49
C ARG B 501 14.28 31.32 -22.09
N GLY B 502 13.33 30.43 -21.87
CA GLY B 502 11.98 30.86 -21.56
C GLY B 502 10.99 29.78 -21.95
N ALA B 503 9.72 30.09 -21.73
CA ALA B 503 8.66 29.15 -22.07
C ALA B 503 7.98 29.55 -23.39
N PRO B 504 7.48 28.58 -24.14
CA PRO B 504 6.85 28.89 -25.42
C PRO B 504 5.59 29.72 -25.25
N GLY B 505 5.16 30.32 -26.37
CA GLY B 505 4.01 31.19 -26.39
C GLY B 505 4.24 32.58 -25.82
N ASP B 506 5.47 32.92 -25.49
CA ASP B 506 5.80 34.25 -24.98
C ASP B 506 6.15 35.17 -26.14
N LEU B 507 5.88 36.46 -25.95
CA LEU B 507 6.11 37.46 -26.97
C LEU B 507 7.52 38.02 -26.87
N TYR B 508 8.19 38.15 -28.01
CA TYR B 508 9.54 38.70 -28.09
C TYR B 508 9.59 39.80 -29.15
N TYR B 509 10.35 40.85 -28.88
CA TYR B 509 10.44 42.02 -29.73
C TYR B 509 11.91 42.34 -29.99
N ASP B 510 12.34 42.20 -31.24
CA ASP B 510 13.73 42.48 -31.61
C ASP B 510 13.91 43.97 -31.86
N SER B 511 14.83 44.59 -31.13
CA SER B 511 15.00 46.05 -31.23
C SER B 511 15.49 46.46 -32.62
N SER B 512 16.39 45.67 -33.22
CA SER B 512 16.99 46.03 -34.50
C SER B 512 15.95 46.05 -35.62
N THR B 513 15.53 44.86 -36.07
CA THR B 513 14.57 44.77 -37.15
C THR B 513 13.20 45.29 -36.77
N LYS B 514 12.93 45.45 -35.48
CA LYS B 514 11.62 45.84 -34.95
C LYS B 514 10.53 44.93 -35.51
N GLN B 515 10.64 43.66 -35.10
CA GLN B 515 9.66 42.63 -35.43
C GLN B 515 9.31 41.85 -34.18
N TYR B 516 8.14 41.21 -34.22
CA TYR B 516 7.65 40.40 -33.13
C TYR B 516 7.72 38.93 -33.51
N PHE B 517 7.96 38.08 -32.51
CA PHE B 517 8.12 36.65 -32.76
C PHE B 517 7.38 35.86 -31.69
N ILE B 518 6.99 34.64 -32.05
CA ILE B 518 6.39 33.69 -31.12
C ILE B 518 7.41 32.59 -30.88
N LEU B 519 7.81 32.41 -29.63
CA LEU B 519 8.80 31.40 -29.30
C LEU B 519 8.18 30.01 -29.31
N LYS B 520 8.90 29.05 -29.87
CA LYS B 520 8.43 27.67 -29.95
C LYS B 520 9.19 26.69 -29.07
N ALA B 521 10.28 27.12 -28.43
CA ALA B 521 11.17 26.20 -27.72
C ALA B 521 11.54 26.80 -26.37
N SER B 522 12.38 26.07 -25.64
CA SER B 522 12.84 26.48 -24.32
C SER B 522 14.10 27.33 -24.37
N SER B 523 14.77 27.44 -25.52
CA SER B 523 16.02 28.18 -25.59
C SER B 523 16.24 28.70 -27.01
N TYR B 524 17.04 29.76 -27.11
CA TYR B 524 17.44 30.31 -28.39
C TYR B 524 18.92 30.69 -28.35
N SER B 525 19.50 30.87 -29.54
CA SER B 525 20.94 31.07 -29.70
C SER B 525 21.29 32.55 -29.63
N PRO B 526 22.58 32.87 -29.54
CA PRO B 526 22.99 34.27 -29.44
C PRO B 526 23.13 34.95 -30.81
N PHE B 527 23.51 36.23 -30.76
CA PHE B 527 23.94 37.02 -31.90
C PHE B 527 22.85 37.25 -32.94
N PHE B 528 21.58 37.15 -32.53
CA PHE B 528 20.43 37.30 -33.41
C PHE B 528 20.45 36.31 -34.58
N SER B 529 21.34 35.32 -34.55
CA SER B 529 21.41 34.35 -35.63
C SER B 529 20.30 33.32 -35.54
N ASP B 530 19.61 33.24 -34.41
CA ASP B 530 18.56 32.26 -34.21
C ASP B 530 17.21 32.68 -34.78
N LEU B 531 17.07 33.94 -35.18
CA LEU B 531 15.80 34.42 -35.72
C LEU B 531 15.47 33.80 -37.07
N ASN B 532 16.48 33.33 -37.80
CA ASN B 532 16.26 32.78 -39.13
C ASN B 532 15.45 31.48 -39.08
N ASN B 533 15.74 30.63 -38.10
CA ASN B 533 15.08 29.33 -38.03
C ASN B 533 13.60 29.50 -37.75
N SER B 534 12.77 28.76 -38.49
CA SER B 534 11.33 28.83 -38.34
C SER B 534 10.78 27.91 -37.27
N SER B 535 11.58 26.96 -36.78
CA SER B 535 11.12 25.99 -35.80
C SER B 535 11.21 26.49 -34.37
N VAL B 536 11.86 27.61 -34.12
CA VAL B 536 11.92 28.21 -32.79
C VAL B 536 11.33 29.61 -32.74
N TRP B 537 10.95 30.18 -33.88
CA TRP B 537 10.33 31.50 -33.91
C TRP B 537 9.19 31.49 -34.92
N GLN B 538 8.18 32.31 -34.65
CA GLN B 538 7.10 32.56 -35.60
C GLN B 538 7.06 34.07 -35.82
N ASN B 539 7.40 34.51 -37.02
CA ASN B 539 7.48 35.94 -37.31
C ASN B 539 6.08 36.52 -37.44
N VAL B 540 5.89 37.71 -36.87
CA VAL B 540 4.62 38.40 -36.93
C VAL B 540 4.85 39.87 -37.28
N GLY B 541 3.78 40.52 -37.71
CA GLY B 541 3.90 41.89 -38.19
C GLY B 541 4.39 42.85 -37.12
N LYS B 542 4.92 43.98 -37.60
CA LYS B 542 5.38 45.04 -36.70
C LYS B 542 4.23 45.74 -36.00
N ASP B 543 3.02 45.62 -36.54
CA ASP B 543 1.81 45.92 -35.77
C ASP B 543 1.74 44.93 -34.62
N ARG B 544 2.26 45.33 -33.45
CA ARG B 544 2.29 44.44 -32.30
C ARG B 544 0.92 43.89 -31.95
N ASN B 545 -0.13 44.71 -32.07
CA ASN B 545 -1.48 44.25 -31.76
C ASN B 545 -1.95 43.21 -32.77
N LYS B 546 -1.60 43.41 -34.06
CA LYS B 546 -1.85 42.38 -35.06
C LYS B 546 -1.13 41.08 -34.73
N ALA B 547 -0.04 41.14 -33.98
CA ALA B 547 0.70 39.93 -33.60
C ALA B 547 0.05 39.23 -32.40
N ILE B 548 -0.41 40.00 -31.42
CA ILE B 548 -0.95 39.42 -30.19
C ILE B 548 -2.16 38.54 -30.48
N ASP B 549 -2.99 38.91 -31.47
CA ASP B 549 -4.15 38.08 -31.79
C ASP B 549 -3.72 36.68 -32.19
N THR B 550 -2.68 36.58 -33.03
CA THR B 550 -2.18 35.26 -33.41
C THR B 550 -1.69 34.48 -32.18
N VAL B 551 -1.04 35.19 -31.25
CA VAL B 551 -0.62 34.55 -30.00
C VAL B 551 -1.83 34.16 -29.17
N LYS B 552 -2.79 35.08 -29.01
CA LYS B 552 -3.96 34.80 -28.18
C LYS B 552 -4.87 33.75 -28.80
N GLN B 553 -4.98 33.71 -30.13
CA GLN B 553 -5.80 32.68 -30.76
C GLN B 553 -5.14 31.30 -30.62
N GLN B 554 -3.81 31.25 -30.70
CA GLN B 554 -3.11 29.97 -30.55
C GLN B 554 -3.25 29.44 -29.13
N LYS B 555 -3.15 30.32 -28.13
CA LYS B 555 -3.29 29.89 -26.74
C LYS B 555 -4.71 29.38 -26.45
N ILE B 556 -5.73 30.09 -26.96
CA ILE B 556 -7.11 29.64 -26.76
C ILE B 556 -7.31 28.26 -27.37
N GLU B 557 -6.74 28.03 -28.56
CA GLU B 557 -6.92 26.76 -29.24
C GLU B 557 -6.29 25.60 -28.45
N ALA B 558 -5.02 25.76 -28.07
CA ALA B 558 -4.34 24.70 -27.32
C ALA B 558 -4.96 24.48 -25.95
N SER B 559 -5.27 25.55 -25.24
CA SER B 559 -5.88 25.43 -23.91
C SER B 559 -7.30 24.90 -23.95
N SER B 560 -7.90 24.80 -25.14
CA SER B 560 -9.25 24.31 -25.28
C SER B 560 -9.28 22.80 -25.14
N GLN B 561 -10.41 22.30 -24.67
CA GLN B 561 -10.66 20.86 -24.57
C GLN B 561 -12.13 20.61 -24.86
N PRO B 562 -12.50 19.37 -25.17
CA PRO B 562 -13.92 19.08 -25.40
C PRO B 562 -14.77 19.46 -24.19
N TYR B 563 -16.00 19.86 -24.47
CA TYR B 563 -16.92 20.33 -23.45
C TYR B 563 -17.87 19.22 -23.03
N MET B 564 -18.27 19.25 -21.76
CA MET B 564 -19.20 18.26 -21.22
C MET B 564 -20.14 18.95 -20.26
N TYR B 565 -21.42 18.56 -20.34
CA TYR B 565 -22.46 19.10 -19.46
C TYR B 565 -23.19 17.93 -18.83
N HIS B 566 -23.10 17.81 -17.51
CA HIS B 566 -23.69 16.69 -16.78
C HIS B 566 -25.15 16.92 -16.41
N GLY B 567 -25.66 18.14 -16.57
CA GLY B 567 -26.97 18.49 -16.08
C GLY B 567 -28.09 18.19 -17.07
N GLN B 568 -29.25 18.80 -16.80
CA GLN B 568 -30.45 18.60 -17.60
C GLN B 568 -30.85 19.90 -18.28
N LEU B 569 -31.41 19.77 -19.48
CA LEU B 569 -32.04 20.88 -20.21
C LEU B 569 -33.50 20.52 -20.41
N ASN B 570 -34.38 21.10 -19.60
CA ASN B 570 -35.80 20.76 -19.60
C ASN B 570 -36.64 22.02 -19.83
N GLY B 571 -37.92 21.79 -20.14
CA GLY B 571 -38.89 22.87 -20.20
C GLY B 571 -39.06 23.46 -21.58
N ASN B 572 -39.60 24.68 -21.59
CA ASN B 572 -39.90 25.40 -22.83
C ASN B 572 -38.70 26.26 -23.19
N MET B 573 -37.72 25.63 -23.82
CA MET B 573 -36.43 26.26 -24.09
C MET B 573 -35.93 25.87 -25.48
N ASP B 574 -35.26 26.82 -26.12
CA ASP B 574 -34.42 26.56 -27.29
C ASP B 574 -32.98 26.76 -26.90
N VAL B 575 -32.12 25.83 -27.30
CA VAL B 575 -30.70 25.86 -26.94
C VAL B 575 -29.89 26.02 -28.23
N ASN B 576 -29.05 27.05 -28.27
CA ASN B 576 -28.23 27.35 -29.45
C ASN B 576 -26.76 27.18 -29.09
N ILE B 577 -26.06 26.35 -29.86
CA ILE B 577 -24.63 26.13 -29.67
C ILE B 577 -23.90 26.57 -30.94
N PRO B 578 -23.17 27.68 -30.91
CA PRO B 578 -22.44 28.10 -32.11
C PRO B 578 -21.15 27.32 -32.29
N GLN B 579 -20.25 27.80 -33.15
CA GLN B 579 -18.95 27.18 -33.27
C GLN B 579 -18.12 27.50 -32.03
N LEU B 580 -17.73 26.46 -31.30
CA LEU B 580 -17.00 26.63 -30.06
C LEU B 580 -15.52 26.77 -30.35
N SER B 581 -14.82 27.54 -29.52
CA SER B 581 -13.41 27.76 -29.70
C SER B 581 -12.62 26.47 -29.50
N GLY B 582 -11.52 26.34 -30.23
CA GLY B 582 -10.69 25.15 -30.11
C GLY B 582 -11.28 23.93 -30.77
N LYS B 583 -11.39 22.85 -29.99
CA LYS B 583 -11.84 21.57 -30.55
C LYS B 583 -13.29 21.60 -31.00
N ASP B 584 -14.12 22.42 -30.34
CA ASP B 584 -15.55 22.53 -30.66
C ASP B 584 -16.24 21.15 -30.63
N VAL B 585 -16.27 20.60 -29.42
CA VAL B 585 -16.97 19.35 -29.16
C VAL B 585 -17.75 19.51 -27.86
N LEU B 586 -19.00 19.06 -27.86
CA LEU B 586 -19.86 19.14 -26.69
C LEU B 586 -20.59 17.81 -26.52
N ALA B 587 -20.43 17.19 -25.36
CA ALA B 587 -21.06 15.92 -25.05
C ALA B 587 -22.00 16.08 -23.85
N LEU B 588 -23.19 15.52 -23.96
CA LEU B 588 -24.19 15.56 -22.91
C LEU B 588 -24.44 14.15 -22.40
N ASP B 589 -24.16 13.92 -21.12
CA ASP B 589 -24.46 12.65 -20.47
C ASP B 589 -25.55 12.80 -19.41
N GLY B 590 -26.40 13.82 -19.56
CA GLY B 590 -27.53 14.03 -18.69
C GLY B 590 -28.84 13.84 -19.43
N SER B 591 -29.89 14.52 -18.98
CA SER B 591 -31.20 14.42 -19.59
C SER B 591 -31.52 15.68 -20.39
N VAL B 592 -32.41 15.51 -21.37
CA VAL B 592 -32.96 16.62 -22.14
C VAL B 592 -34.45 16.36 -22.32
N ASN B 593 -35.28 17.32 -21.90
CA ASN B 593 -36.75 17.18 -21.98
C ASN B 593 -37.31 18.51 -22.49
N LEU B 594 -37.32 18.67 -23.81
CA LEU B 594 -37.82 19.87 -24.48
C LEU B 594 -38.97 19.46 -25.40
N PRO B 595 -40.21 19.47 -24.90
CA PRO B 595 -41.33 18.99 -25.75
C PRO B 595 -41.55 19.85 -26.99
N GLU B 596 -41.58 21.16 -26.86
CA GLU B 596 -41.65 22.07 -28.01
C GLU B 596 -40.33 22.77 -28.27
N GLY B 597 -39.24 22.33 -27.63
CA GLY B 597 -37.97 23.01 -27.77
C GLY B 597 -37.09 22.42 -28.85
N SER B 598 -36.12 23.23 -29.28
CA SER B 598 -35.15 22.82 -30.28
C SER B 598 -33.74 23.01 -29.75
N ILE B 599 -32.80 22.21 -30.25
CA ILE B 599 -31.39 22.34 -29.95
C ILE B 599 -30.65 22.46 -31.28
N THR B 600 -29.78 23.46 -31.38
CA THR B 600 -29.07 23.76 -32.62
C THR B 600 -27.56 23.72 -32.38
N LYS B 601 -26.84 23.10 -33.31
CA LYS B 601 -25.39 23.04 -33.28
C LYS B 601 -24.84 23.57 -34.60
N LYS B 602 -23.86 24.47 -34.51
CA LYS B 602 -23.20 25.05 -35.68
C LYS B 602 -21.78 24.49 -35.75
N SER B 603 -21.52 23.68 -36.78
CA SER B 603 -20.22 23.05 -37.01
C SER B 603 -19.83 22.11 -35.88
N GLY B 604 -18.71 21.40 -36.06
CA GLY B 604 -18.16 20.60 -34.98
C GLY B 604 -18.95 19.33 -34.70
N THR B 605 -18.94 18.94 -33.42
CA THR B 605 -19.48 17.66 -32.98
C THR B 605 -20.35 17.85 -31.75
N LEU B 606 -21.53 17.24 -31.77
CA LEU B 606 -22.43 17.16 -30.62
C LEU B 606 -22.72 15.69 -30.34
N ILE B 607 -22.72 15.31 -29.06
CA ILE B 607 -22.84 13.92 -28.67
C ILE B 607 -23.88 13.79 -27.57
N PHE B 608 -24.89 12.96 -27.80
CA PHE B 608 -25.81 12.51 -26.77
C PHE B 608 -25.43 11.10 -26.35
N GLN B 609 -25.27 10.89 -25.06
CA GLN B 609 -24.78 9.60 -24.57
C GLN B 609 -25.34 9.32 -23.19
N GLY B 610 -25.28 8.05 -22.79
CA GLY B 610 -25.57 7.68 -21.43
C GLY B 610 -24.40 8.01 -20.50
N HIS B 611 -24.69 7.92 -19.20
CA HIS B 611 -23.70 8.29 -18.19
C HIS B 611 -23.13 7.05 -17.51
N PRO B 612 -21.82 6.89 -17.48
CA PRO B 612 -21.25 5.75 -16.75
C PRO B 612 -21.46 5.89 -15.25
N VAL B 613 -21.76 4.77 -14.60
CA VAL B 613 -22.08 4.79 -13.17
C VAL B 613 -20.86 5.21 -12.38
N ILE B 614 -21.05 6.15 -11.46
CA ILE B 614 -19.97 6.67 -10.62
C ILE B 614 -19.85 5.79 -9.38
N HIS B 615 -18.64 5.29 -9.14
CA HIS B 615 -18.33 4.51 -7.95
C HIS B 615 -17.41 5.30 -7.04
N ALA B 616 -17.46 4.98 -5.75
CA ALA B 616 -16.68 5.72 -4.76
C ALA B 616 -15.18 5.52 -4.99
N GLY B 617 -14.44 6.63 -5.02
CA GLY B 617 -12.99 6.57 -5.13
C GLY B 617 -12.48 6.39 -6.55
N THR B 618 -13.28 5.78 -7.42
CA THR B 618 -12.87 5.50 -8.78
C THR B 618 -13.28 6.63 -9.71
N THR B 619 -12.59 6.72 -10.85
CA THR B 619 -12.93 7.63 -11.92
C THR B 619 -13.57 6.85 -13.06
N THR B 620 -14.64 7.41 -13.63
CA THR B 620 -15.36 6.72 -14.69
C THR B 620 -14.47 6.50 -15.91
N SER B 621 -14.76 5.43 -16.63
CA SER B 621 -14.02 5.09 -17.84
C SER B 621 -14.98 4.57 -18.90
N SER B 622 -14.62 4.78 -20.17
CA SER B 622 -15.42 4.27 -21.26
C SER B 622 -15.44 2.75 -21.32
N SER B 623 -14.51 2.07 -20.64
CA SER B 623 -14.44 0.62 -20.63
C SER B 623 -15.41 -0.02 -19.65
N GLN B 624 -16.17 0.77 -18.89
CA GLN B 624 -17.06 0.24 -17.87
C GLN B 624 -18.13 -0.65 -18.49
N SER B 625 -18.70 -1.51 -17.64
CA SER B 625 -19.80 -2.38 -18.03
C SER B 625 -21.16 -1.82 -17.65
N ASP B 626 -21.24 -1.04 -16.57
CA ASP B 626 -22.50 -0.50 -16.06
C ASP B 626 -22.63 0.97 -16.44
N TRP B 627 -23.71 1.31 -17.13
CA TRP B 627 -24.03 2.67 -17.51
C TRP B 627 -25.47 2.99 -17.13
N GLU B 628 -25.75 4.27 -16.90
CA GLU B 628 -27.11 4.73 -16.71
C GLU B 628 -27.71 5.15 -18.05
N THR B 629 -28.96 4.79 -18.28
CA THR B 629 -29.66 5.18 -19.49
C THR B 629 -30.15 6.61 -19.35
N ARG B 630 -29.92 7.43 -20.37
CA ARG B 630 -30.30 8.84 -20.37
C ARG B 630 -31.30 9.09 -21.48
N GLN B 631 -32.32 9.89 -21.16
CA GLN B 631 -33.42 10.17 -22.08
C GLN B 631 -33.24 11.55 -22.69
N PHE B 632 -33.21 11.61 -24.02
CA PHE B 632 -33.11 12.87 -24.76
C PHE B 632 -34.40 13.04 -25.56
N THR B 633 -35.34 13.82 -25.01
CA THR B 633 -36.63 14.07 -25.65
C THR B 633 -36.61 15.48 -26.22
N LEU B 634 -36.65 15.58 -27.55
CA LEU B 634 -36.66 16.85 -28.26
C LEU B 634 -37.86 16.92 -29.19
N GLU B 635 -38.15 18.12 -29.66
CA GLU B 635 -39.06 18.30 -30.78
C GLU B 635 -38.33 18.31 -32.11
N LYS B 636 -37.13 18.91 -32.14
CA LYS B 636 -36.39 19.08 -33.38
C LYS B 636 -34.94 19.38 -33.04
N LEU B 637 -34.01 18.61 -33.61
CA LEU B 637 -32.59 18.83 -33.46
C LEU B 637 -32.03 19.33 -34.80
N LYS B 638 -31.55 20.58 -34.81
CA LYS B 638 -31.04 21.20 -36.01
C LYS B 638 -29.51 21.10 -36.04
N LEU B 639 -28.97 20.55 -37.12
CA LEU B 639 -27.54 20.40 -37.32
C LEU B 639 -27.12 21.20 -38.54
N ASP B 640 -26.08 22.02 -38.39
CA ASP B 640 -25.58 22.88 -39.47
C ASP B 640 -24.11 22.58 -39.69
N ALA B 641 -23.83 21.70 -40.65
CA ALA B 641 -22.47 21.30 -40.99
C ALA B 641 -21.72 20.76 -39.77
N ALA B 642 -22.40 19.89 -39.03
CA ALA B 642 -21.87 19.36 -37.78
C ALA B 642 -21.97 17.84 -37.81
N THR B 643 -21.51 17.22 -36.72
CA THR B 643 -21.55 15.77 -36.57
C THR B 643 -22.26 15.44 -35.27
N PHE B 644 -23.22 14.52 -35.33
CA PHE B 644 -24.03 14.15 -34.18
C PHE B 644 -23.87 12.66 -33.89
N HIS B 645 -23.57 12.35 -32.64
CA HIS B 645 -23.42 10.96 -32.18
C HIS B 645 -24.50 10.66 -31.16
N LEU B 646 -25.28 9.60 -31.41
CA LEU B 646 -26.15 9.00 -30.41
C LEU B 646 -25.46 7.73 -29.93
N SER B 647 -24.78 7.82 -28.79
CA SER B 647 -23.91 6.75 -28.34
C SER B 647 -24.66 5.79 -27.41
N ARG B 648 -23.91 4.92 -26.74
CA ARG B 648 -24.51 3.84 -25.96
C ARG B 648 -25.32 4.40 -24.79
N ASN B 649 -26.35 3.63 -24.39
CA ASN B 649 -27.21 3.96 -23.25
C ASN B 649 -27.86 5.33 -23.42
N GLY B 650 -28.11 5.74 -24.66
CA GLY B 650 -28.84 6.96 -24.92
C GLY B 650 -30.09 6.72 -25.72
N LYS B 651 -31.24 7.08 -25.15
CA LYS B 651 -32.53 6.92 -25.82
C LYS B 651 -33.03 8.29 -26.22
N MET B 652 -33.23 8.49 -27.52
CA MET B 652 -33.60 9.78 -28.09
C MET B 652 -34.96 9.70 -28.75
N GLN B 653 -35.79 10.72 -28.54
CA GLN B 653 -37.10 10.83 -29.16
C GLN B 653 -37.25 12.25 -29.69
N GLY B 654 -37.21 12.40 -31.00
CA GLY B 654 -37.30 13.70 -31.63
C GLY B 654 -36.80 13.67 -33.05
N ASP B 655 -37.21 14.69 -33.81
CA ASP B 655 -36.83 14.79 -35.20
C ASP B 655 -35.45 15.42 -35.35
N ILE B 656 -34.76 15.05 -36.43
CA ILE B 656 -33.42 15.54 -36.72
C ILE B 656 -33.42 16.18 -38.10
N ASN B 657 -32.93 17.42 -38.17
CA ASN B 657 -32.78 18.14 -39.44
C ASN B 657 -31.30 18.43 -39.66
N ALA B 658 -30.70 17.75 -40.63
CA ALA B 658 -29.30 17.92 -40.98
C ALA B 658 -29.19 18.63 -42.31
N THR B 659 -28.17 19.47 -42.43
CA THR B 659 -27.98 20.26 -43.65
C THR B 659 -26.53 20.70 -43.76
N ASN B 660 -26.14 21.06 -44.98
CA ASN B 660 -24.81 21.59 -45.28
C ASN B 660 -23.70 20.59 -44.93
N GLY B 661 -23.91 19.33 -45.32
CA GLY B 661 -22.90 18.31 -45.14
C GLY B 661 -22.77 17.77 -43.74
N SER B 662 -23.85 17.73 -42.97
CA SER B 662 -23.81 17.20 -41.62
C SER B 662 -23.76 15.67 -41.65
N THR B 663 -23.19 15.10 -40.59
CA THR B 663 -23.06 13.65 -40.46
C THR B 663 -23.80 13.21 -39.20
N VAL B 664 -24.82 12.36 -39.37
CA VAL B 664 -25.62 11.84 -38.27
C VAL B 664 -25.29 10.38 -38.09
N ILE B 665 -24.92 10.01 -36.85
CA ILE B 665 -24.53 8.64 -36.52
C ILE B 665 -25.37 8.20 -35.32
N LEU B 666 -26.33 7.31 -35.57
CA LEU B 666 -27.20 6.77 -34.53
C LEU B 666 -26.67 5.39 -34.14
N GLY B 667 -26.07 5.30 -32.95
CA GLY B 667 -25.42 4.08 -32.52
C GLY B 667 -23.91 4.18 -32.62
N SER B 668 -23.39 5.33 -32.23
CA SER B 668 -21.96 5.60 -32.33
C SER B 668 -21.21 4.99 -31.15
N SER B 669 -19.92 4.71 -31.39
CA SER B 669 -19.03 4.24 -30.33
C SER B 669 -18.34 5.39 -29.60
N ARG B 670 -18.30 6.59 -30.20
CA ARG B 670 -17.61 7.71 -29.61
C ARG B 670 -18.35 8.20 -28.36
N VAL B 671 -17.66 8.15 -27.22
CA VAL B 671 -18.20 8.65 -25.95
C VAL B 671 -17.13 9.51 -25.29
N PHE B 672 -17.54 10.21 -24.24
CA PHE B 672 -16.63 11.05 -23.47
C PHE B 672 -16.87 10.82 -21.98
N THR B 673 -15.79 10.76 -21.21
CA THR B 673 -15.84 10.61 -19.77
C THR B 673 -15.20 11.80 -19.09
N ASP B 674 -15.50 11.96 -17.81
CA ASP B 674 -14.97 13.04 -16.99
C ASP B 674 -14.06 12.45 -15.92
N ARG B 675 -12.78 12.87 -15.93
CA ARG B 675 -11.85 12.39 -14.92
C ARG B 675 -12.27 12.82 -13.52
N SER B 676 -12.88 13.99 -13.39
CA SER B 676 -13.33 14.52 -12.10
C SER B 676 -14.84 14.41 -11.94
N ASP B 677 -15.45 13.43 -12.59
CA ASP B 677 -16.89 13.22 -12.44
C ASP B 677 -17.19 12.71 -11.03
N GLY B 678 -18.14 13.36 -10.37
CA GLY B 678 -18.49 13.01 -9.01
C GLY B 678 -17.66 13.65 -7.93
N THR B 679 -16.78 14.59 -8.29
CA THR B 679 -15.94 15.28 -7.33
C THR B 679 -16.31 16.75 -7.13
N GLY B 680 -17.05 17.34 -8.08
CA GLY B 680 -17.37 18.75 -8.02
C GLY B 680 -16.35 19.67 -8.64
N ASN B 681 -15.27 19.13 -9.21
CA ASN B 681 -14.24 19.93 -9.85
C ASN B 681 -14.59 20.18 -11.31
N ALA B 682 -13.78 21.01 -11.96
CA ALA B 682 -13.99 21.33 -13.36
C ALA B 682 -13.88 20.07 -14.22
N VAL B 683 -14.48 20.14 -15.41
CA VAL B 683 -14.56 18.97 -16.29
C VAL B 683 -13.20 18.69 -16.90
N SER B 684 -12.81 17.42 -16.90
CA SER B 684 -11.62 16.95 -17.60
C SER B 684 -12.09 15.98 -18.69
N SER B 685 -12.11 16.46 -19.94
CA SER B 685 -12.66 15.69 -21.04
C SER B 685 -11.69 14.60 -21.49
N VAL B 686 -12.21 13.37 -21.64
CA VAL B 686 -11.45 12.24 -22.15
C VAL B 686 -12.28 11.57 -23.23
N GLU B 687 -11.69 11.40 -24.42
CA GLU B 687 -12.37 10.75 -25.52
C GLU B 687 -12.13 9.25 -25.45
N GLY B 688 -13.21 8.47 -25.60
CA GLY B 688 -13.13 7.03 -25.57
C GLY B 688 -14.05 6.40 -26.60
N SER B 689 -13.92 5.08 -26.72
CA SER B 689 -14.75 4.28 -27.63
C SER B 689 -15.42 3.18 -26.82
N ALA B 690 -16.75 3.20 -26.77
CA ALA B 690 -17.51 2.23 -26.01
C ALA B 690 -18.59 1.61 -26.90
N THR B 691 -18.76 0.30 -26.78
CA THR B 691 -19.75 -0.45 -27.55
C THR B 691 -20.60 -1.27 -26.59
N ALA B 692 -21.91 -1.06 -26.65
CA ALA B 692 -22.83 -1.76 -25.75
C ALA B 692 -23.01 -3.22 -26.19
N THR B 693 -22.96 -4.13 -25.23
CA THR B 693 -23.12 -5.55 -25.52
C THR B 693 -24.59 -5.94 -25.59
N THR B 694 -25.37 -5.61 -24.56
CA THR B 694 -26.76 -6.00 -24.49
C THR B 694 -27.65 -5.03 -25.26
N VAL B 695 -28.89 -5.48 -25.53
CA VAL B 695 -29.86 -4.64 -26.23
C VAL B 695 -30.33 -3.48 -25.36
N GLY B 696 -30.34 -3.67 -24.04
CA GLY B 696 -30.85 -2.64 -23.15
C GLY B 696 -29.92 -1.45 -23.03
N ASP B 697 -28.62 -1.67 -23.22
CA ASP B 697 -27.62 -0.61 -23.19
C ASP B 697 -27.39 0.04 -24.55
N GLN B 698 -27.94 -0.51 -25.63
CA GLN B 698 -27.75 0.08 -26.94
C GLN B 698 -28.63 1.31 -27.13
N SER B 699 -28.15 2.22 -27.98
CA SER B 699 -28.91 3.43 -28.26
C SER B 699 -30.23 3.12 -28.95
N ASP B 700 -31.23 3.95 -28.68
CA ASP B 700 -32.57 3.79 -29.23
C ASP B 700 -33.07 5.14 -29.69
N TYR B 701 -33.50 5.22 -30.95
CA TYR B 701 -33.93 6.47 -31.54
C TYR B 701 -35.35 6.32 -32.09
N SER B 702 -36.13 7.40 -31.99
CA SER B 702 -37.45 7.47 -32.58
C SER B 702 -37.68 8.89 -33.08
N GLY B 703 -37.99 9.03 -34.36
CA GLY B 703 -38.23 10.32 -34.96
C GLY B 703 -37.91 10.30 -36.43
N ASN B 704 -38.12 11.45 -37.07
CA ASN B 704 -37.92 11.61 -38.50
C ASN B 704 -36.62 12.35 -38.76
N VAL B 705 -35.77 11.78 -39.61
CA VAL B 705 -34.48 12.36 -39.95
C VAL B 705 -34.57 12.99 -41.33
N THR B 706 -34.16 14.24 -41.44
CA THR B 706 -34.15 14.98 -42.70
C THR B 706 -32.72 15.34 -43.06
N LEU B 707 -32.31 14.98 -44.27
CA LEU B 707 -30.94 15.19 -44.74
C LEU B 707 -30.95 16.06 -45.99
N GLU B 708 -30.07 17.06 -46.02
CA GLU B 708 -29.98 17.99 -47.13
C GLU B 708 -28.52 18.35 -47.38
N ASN B 709 -28.16 18.50 -48.67
CA ASN B 709 -26.89 19.08 -49.09
C ASN B 709 -25.70 18.24 -48.61
N LYS B 710 -25.58 17.05 -49.22
CA LYS B 710 -24.44 16.16 -49.04
C LYS B 710 -24.30 15.71 -47.58
N SER B 711 -25.43 15.49 -46.91
CA SER B 711 -25.39 15.00 -45.55
C SER B 711 -25.27 13.48 -45.52
N SER B 712 -24.99 12.95 -44.34
CA SER B 712 -24.81 11.53 -44.14
C SER B 712 -25.68 11.04 -42.98
N LEU B 713 -26.05 9.77 -43.03
CA LEU B 713 -26.80 9.13 -41.95
C LEU B 713 -26.34 7.69 -41.82
N GLN B 714 -26.03 7.28 -40.59
CA GLN B 714 -25.62 5.92 -40.31
C GLN B 714 -26.52 5.36 -39.21
N ILE B 715 -27.20 4.26 -39.51
CA ILE B 715 -28.12 3.62 -38.59
C ILE B 715 -27.45 2.33 -38.13
N MET B 716 -26.85 2.36 -36.93
CA MET B 716 -26.10 1.24 -36.41
C MET B 716 -26.80 0.47 -35.30
N GLU B 717 -27.69 1.12 -34.56
CA GLU B 717 -28.44 0.43 -33.51
C GLU B 717 -29.94 0.69 -33.66
N ARG B 718 -30.73 0.32 -32.66
CA ARG B 718 -32.18 0.30 -32.80
C ARG B 718 -32.73 1.63 -33.33
N PHE B 719 -33.61 1.53 -34.31
CA PHE B 719 -34.14 2.69 -35.02
C PHE B 719 -35.62 2.46 -35.28
N THR B 720 -36.43 3.51 -35.08
CA THR B 720 -37.88 3.41 -35.27
C THR B 720 -38.39 4.81 -35.64
N GLY B 721 -38.29 5.14 -36.92
CA GLY B 721 -38.73 6.45 -37.39
C GLY B 721 -38.84 6.57 -38.90
N GLY B 722 -38.52 7.75 -39.44
CA GLY B 722 -38.63 7.99 -40.85
C GLY B 722 -37.41 8.74 -41.37
N ILE B 723 -37.34 8.84 -42.70
CA ILE B 723 -36.21 9.48 -43.38
C ILE B 723 -36.75 10.32 -44.53
N GLU B 724 -36.28 11.56 -44.62
CA GLU B 724 -36.49 12.41 -45.79
C GLU B 724 -35.11 12.86 -46.26
N ALA B 725 -34.54 12.10 -47.18
CA ALA B 725 -33.18 12.34 -47.66
C ALA B 725 -33.23 13.05 -49.01
N TYR B 726 -32.51 14.16 -49.13
CA TYR B 726 -32.43 14.93 -50.36
C TYR B 726 -30.96 15.19 -50.65
N ASP B 727 -30.43 14.54 -51.70
CA ASP B 727 -29.03 14.71 -52.13
C ASP B 727 -28.07 14.29 -51.02
N SER B 728 -28.37 13.18 -50.36
CA SER B 728 -27.59 12.74 -49.21
C SER B 728 -27.37 11.23 -49.30
N THR B 729 -26.74 10.68 -48.26
CA THR B 729 -26.41 9.27 -48.19
C THR B 729 -26.93 8.70 -46.87
N VAL B 730 -27.51 7.50 -46.93
CA VAL B 730 -27.99 6.79 -45.75
C VAL B 730 -27.36 5.41 -45.73
N SER B 731 -26.77 5.03 -44.59
CA SER B 731 -26.20 3.72 -44.39
C SER B 731 -26.87 3.06 -43.20
N VAL B 732 -27.33 1.83 -43.37
CA VAL B 732 -28.02 1.08 -42.33
C VAL B 732 -27.20 -0.16 -42.02
N THR B 733 -26.70 -0.25 -40.79
CA THR B 733 -26.00 -1.43 -40.32
C THR B 733 -26.66 -2.07 -39.11
N SER B 734 -27.74 -1.47 -38.60
CA SER B 734 -28.44 -2.03 -37.45
C SER B 734 -29.13 -3.34 -37.82
N GLN B 735 -29.46 -4.11 -36.79
CA GLN B 735 -30.15 -5.38 -36.96
C GLN B 735 -31.61 -5.32 -36.55
N ASN B 736 -32.07 -4.20 -36.00
CA ASN B 736 -33.48 -3.99 -35.67
C ASN B 736 -33.90 -2.59 -36.11
N ALA B 737 -33.64 -2.26 -37.36
CA ALA B 737 -34.02 -0.98 -37.93
C ALA B 737 -35.42 -1.08 -38.52
N VAL B 738 -36.29 -0.17 -38.11
CA VAL B 738 -37.69 -0.16 -38.54
C VAL B 738 -38.04 1.25 -38.98
N PHE B 739 -38.61 1.37 -40.19
CA PHE B 739 -39.06 2.66 -40.69
C PHE B 739 -40.50 2.87 -40.24
N ASP B 740 -40.69 3.70 -39.22
CA ASP B 740 -42.02 3.98 -38.70
C ASP B 740 -42.82 4.83 -39.68
N ARG B 741 -42.21 5.87 -40.22
CA ARG B 741 -42.85 6.78 -41.14
C ARG B 741 -42.39 6.49 -42.57
N VAL B 742 -42.58 7.45 -43.47
CA VAL B 742 -42.21 7.28 -44.87
C VAL B 742 -40.70 7.37 -45.01
N GLY B 743 -40.13 6.56 -45.89
CA GLY B 743 -38.75 6.68 -46.26
C GLY B 743 -38.59 7.28 -47.64
N SER B 744 -38.14 8.52 -47.72
CA SER B 744 -38.03 9.26 -48.97
C SER B 744 -36.57 9.48 -49.30
N PHE B 745 -36.20 9.23 -50.57
CA PHE B 745 -34.80 9.28 -51.02
C PHE B 745 -34.78 9.96 -52.39
N VAL B 746 -34.78 11.30 -52.38
CA VAL B 746 -34.68 12.07 -53.60
C VAL B 746 -33.21 12.27 -53.92
N ASN B 747 -32.73 11.58 -54.97
CA ASN B 747 -31.33 11.61 -55.37
C ASN B 747 -30.42 11.24 -54.20
N SER B 748 -30.80 10.17 -53.51
CA SER B 748 -30.09 9.72 -52.32
C SER B 748 -29.90 8.20 -52.38
N SER B 749 -28.87 7.73 -51.68
CA SER B 749 -28.49 6.32 -51.71
C SER B 749 -28.79 5.70 -50.35
N LEU B 750 -29.69 4.72 -50.34
CA LEU B 750 -29.97 3.90 -49.16
C LEU B 750 -29.21 2.59 -49.28
N THR B 751 -28.30 2.34 -48.35
CA THR B 751 -27.44 1.16 -48.39
C THR B 751 -27.59 0.37 -47.11
N LEU B 752 -27.98 -0.90 -47.24
CA LEU B 752 -28.05 -1.81 -46.10
C LEU B 752 -26.71 -2.53 -46.00
N GLY B 753 -25.98 -2.25 -44.91
CA GLY B 753 -24.68 -2.85 -44.71
C GLY B 753 -24.76 -4.36 -44.53
N LYS B 754 -23.58 -4.96 -44.44
CA LYS B 754 -23.50 -6.41 -44.27
C LYS B 754 -24.17 -6.83 -42.97
N GLY B 755 -25.08 -7.79 -43.05
CA GLY B 755 -25.78 -8.27 -41.88
C GLY B 755 -26.92 -7.38 -41.43
N ALA B 756 -27.15 -6.24 -42.08
CA ALA B 756 -28.18 -5.33 -41.64
C ALA B 756 -29.57 -5.93 -41.84
N LYS B 757 -30.54 -5.43 -41.06
CA LYS B 757 -31.93 -5.87 -41.16
C LYS B 757 -32.81 -4.64 -41.03
N LEU B 758 -33.66 -4.41 -42.03
CA LEU B 758 -34.51 -3.24 -42.09
C LEU B 758 -35.92 -3.68 -42.47
N THR B 759 -36.92 -3.15 -41.76
CA THR B 759 -38.33 -3.42 -42.05
C THR B 759 -39.04 -2.07 -42.15
N ALA B 760 -39.52 -1.76 -43.36
CA ALA B 760 -40.20 -0.49 -43.61
C ALA B 760 -41.71 -0.75 -43.62
N GLN B 761 -42.40 -0.18 -42.65
CA GLN B 761 -43.84 -0.36 -42.51
C GLN B 761 -44.66 0.73 -43.17
N SER B 762 -44.02 1.72 -43.79
CA SER B 762 -44.76 2.83 -44.37
C SER B 762 -44.22 3.22 -45.75
N GLY B 763 -43.72 2.24 -46.51
CA GLY B 763 -43.35 2.48 -47.89
C GLY B 763 -42.04 3.20 -48.09
N ILE B 764 -41.36 2.91 -49.20
CA ILE B 764 -40.11 3.56 -49.57
C ILE B 764 -40.28 4.22 -50.92
N PHE B 765 -39.76 5.44 -51.06
CA PHE B 765 -39.73 6.15 -52.33
C PHE B 765 -38.30 6.62 -52.58
N SER B 766 -37.74 6.22 -53.72
CA SER B 766 -36.39 6.61 -54.09
C SER B 766 -36.31 6.87 -55.58
N THR B 767 -35.75 8.02 -55.96
CA THR B 767 -35.48 8.27 -57.37
C THR B 767 -34.39 7.34 -57.89
N GLY B 768 -33.51 6.88 -57.01
CA GLY B 768 -32.46 5.93 -57.34
C GLY B 768 -32.83 4.51 -56.97
N ALA B 769 -31.82 3.75 -56.57
CA ALA B 769 -31.99 2.35 -56.22
C ALA B 769 -31.54 2.10 -54.78
N VAL B 770 -31.96 0.96 -54.24
CA VAL B 770 -31.62 0.54 -52.89
C VAL B 770 -30.62 -0.61 -52.99
N ASP B 771 -29.57 -0.55 -52.17
CA ASP B 771 -28.51 -1.53 -52.18
C ASP B 771 -28.59 -2.39 -50.93
N VAL B 772 -28.83 -3.69 -51.12
CA VAL B 772 -28.86 -4.67 -50.04
C VAL B 772 -27.61 -5.51 -50.16
N LYS B 773 -26.71 -5.40 -49.20
CA LYS B 773 -25.40 -6.05 -49.26
C LYS B 773 -25.50 -7.50 -48.76
N GLU B 774 -24.34 -8.10 -48.49
CA GLU B 774 -24.29 -9.49 -48.07
C GLU B 774 -24.98 -9.69 -46.72
N ASN B 775 -25.69 -10.81 -46.59
CA ASN B 775 -26.33 -11.23 -45.35
C ASN B 775 -27.31 -10.19 -44.81
N ALA B 776 -27.83 -9.31 -45.67
CA ALA B 776 -28.73 -8.25 -45.24
C ALA B 776 -30.15 -8.58 -45.64
N SER B 777 -31.09 -8.22 -44.76
CA SER B 777 -32.50 -8.54 -44.95
C SER B 777 -33.30 -7.24 -45.03
N LEU B 778 -34.04 -7.06 -46.13
CA LEU B 778 -34.94 -5.94 -46.31
C LEU B 778 -36.37 -6.46 -46.39
N THR B 779 -37.29 -5.77 -45.70
CA THR B 779 -38.67 -6.22 -45.63
C THR B 779 -39.60 -5.03 -45.78
N LEU B 780 -40.58 -5.17 -46.67
CA LEU B 780 -41.59 -4.14 -46.90
C LEU B 780 -42.95 -4.62 -46.40
N THR B 781 -43.68 -3.73 -45.75
CA THR B 781 -44.90 -4.10 -45.05
C THR B 781 -45.84 -2.89 -45.06
N GLY B 782 -47.14 -3.17 -45.15
CA GLY B 782 -48.13 -2.13 -45.02
C GLY B 782 -48.20 -1.61 -43.59
N MET B 783 -48.74 -0.40 -43.44
CA MET B 783 -48.80 0.23 -42.13
C MET B 783 -49.67 -0.59 -41.19
N PRO B 784 -49.11 -1.12 -40.08
CA PRO B 784 -49.91 -1.93 -39.17
C PRO B 784 -51.06 -1.12 -38.58
N SER B 785 -52.22 -1.75 -38.48
CA SER B 785 -53.37 -1.07 -37.87
C SER B 785 -53.12 -0.88 -36.38
N ALA B 786 -53.28 0.36 -35.92
CA ALA B 786 -53.15 0.62 -34.49
C ALA B 786 -54.35 0.09 -33.73
N GLN B 787 -55.56 0.22 -34.29
CA GLN B 787 -56.77 -0.18 -33.60
C GLN B 787 -56.96 -1.70 -33.60
N LYS B 788 -56.85 -2.33 -34.77
CA LYS B 788 -57.14 -3.75 -34.93
C LYS B 788 -55.82 -4.54 -34.91
N GLN B 789 -55.76 -5.54 -34.04
CA GLN B 789 -54.56 -6.35 -33.92
C GLN B 789 -54.45 -7.29 -35.11
N GLY B 790 -53.28 -7.29 -35.76
CA GLY B 790 -53.04 -8.16 -36.89
C GLY B 790 -53.51 -7.63 -38.22
N TYR B 791 -54.21 -6.49 -38.25
CA TYR B 791 -54.67 -5.91 -39.50
C TYR B 791 -53.64 -4.90 -40.02
N TYR B 792 -53.47 -4.88 -41.33
CA TYR B 792 -52.52 -3.98 -41.98
C TYR B 792 -53.25 -3.10 -42.99
N SER B 793 -52.49 -2.20 -43.62
CA SER B 793 -53.04 -1.27 -44.59
C SER B 793 -52.08 -1.13 -45.76
N PRO B 794 -52.52 -1.39 -46.98
CA PRO B 794 -51.60 -1.42 -48.12
C PRO B 794 -50.88 -0.09 -48.31
N VAL B 795 -49.61 -0.17 -48.72
CA VAL B 795 -48.77 1.00 -48.94
C VAL B 795 -47.92 0.75 -50.17
N ILE B 796 -47.87 1.72 -51.07
CA ILE B 796 -47.13 1.60 -52.32
C ILE B 796 -45.69 2.06 -52.09
N SER B 797 -44.75 1.37 -52.74
CA SER B 797 -43.34 1.74 -52.71
C SER B 797 -42.82 1.80 -54.14
N THR B 798 -42.17 2.91 -54.48
CA THR B 798 -41.62 3.12 -55.81
C THR B 798 -40.10 3.25 -55.70
N THR B 799 -39.39 2.43 -56.48
CA THR B 799 -37.94 2.45 -56.47
C THR B 799 -37.44 2.16 -57.89
N GLU B 800 -36.32 2.76 -58.24
CA GLU B 800 -35.69 2.52 -59.55
C GLU B 800 -34.60 1.45 -59.41
N GLY B 801 -35.01 0.30 -58.88
CA GLY B 801 -34.11 -0.84 -58.75
C GLY B 801 -33.83 -1.27 -57.33
N ILE B 802 -33.71 -2.58 -57.12
CA ILE B 802 -33.32 -3.15 -55.84
C ILE B 802 -32.24 -4.19 -56.11
N ASN B 803 -31.08 -4.00 -55.49
CA ASN B 803 -29.90 -4.84 -55.74
C ASN B 803 -29.68 -5.76 -54.54
N LEU B 804 -29.67 -7.05 -54.80
CA LEU B 804 -29.44 -8.07 -53.77
C LEU B 804 -28.10 -8.73 -54.00
N GLU B 805 -27.30 -8.83 -52.94
CA GLU B 805 -26.02 -9.53 -53.01
C GLU B 805 -26.21 -10.98 -52.57
N ASP B 806 -25.11 -11.73 -52.55
CA ASP B 806 -25.17 -13.13 -52.13
C ASP B 806 -25.63 -13.23 -50.69
N ASN B 807 -26.56 -14.15 -50.43
CA ASN B 807 -27.15 -14.45 -49.13
C ASN B 807 -28.07 -13.34 -48.63
N ALA B 808 -28.31 -12.29 -49.42
CA ALA B 808 -29.24 -11.26 -49.02
C ALA B 808 -30.68 -11.76 -49.16
N SER B 809 -31.60 -11.06 -48.50
CA SER B 809 -33.00 -11.46 -48.49
C SER B 809 -33.88 -10.22 -48.58
N PHE B 810 -34.70 -10.14 -49.62
CA PHE B 810 -35.67 -9.07 -49.77
C PHE B 810 -37.07 -9.69 -49.73
N SER B 811 -37.95 -9.11 -48.91
CA SER B 811 -39.28 -9.66 -48.72
C SER B 811 -40.33 -8.56 -48.78
N VAL B 812 -41.44 -8.86 -49.44
CA VAL B 812 -42.63 -8.03 -49.41
C VAL B 812 -43.79 -8.90 -48.92
N LYS B 813 -44.46 -8.45 -47.87
CA LYS B 813 -45.53 -9.25 -47.27
C LYS B 813 -46.42 -8.35 -46.44
N ASN B 814 -47.64 -8.85 -46.19
CA ASN B 814 -48.63 -8.19 -45.35
C ASN B 814 -48.95 -6.79 -45.87
N MET B 815 -49.67 -6.79 -47.00
CA MET B 815 -50.18 -5.56 -47.63
C MET B 815 -49.04 -4.68 -48.12
N GLY B 816 -47.99 -5.30 -48.66
CA GLY B 816 -46.88 -4.58 -49.25
C GLY B 816 -47.01 -4.51 -50.77
N TYR B 817 -46.70 -3.35 -51.32
CA TYR B 817 -46.72 -3.11 -52.76
C TYR B 817 -45.45 -2.41 -53.18
N LEU B 818 -44.80 -2.93 -54.22
CA LEU B 818 -43.53 -2.40 -54.70
C LEU B 818 -43.53 -2.35 -56.21
N SER B 819 -43.25 -1.17 -56.76
CA SER B 819 -43.03 -1.00 -58.20
C SER B 819 -41.54 -0.76 -58.38
N SER B 820 -40.79 -1.84 -58.58
CA SER B 820 -39.34 -1.76 -58.71
C SER B 820 -38.82 -3.11 -59.20
N ASP B 821 -37.90 -3.07 -60.16
CA ASP B 821 -37.24 -4.29 -60.61
C ASP B 821 -36.12 -4.67 -59.66
N ILE B 822 -35.82 -5.97 -59.61
CA ILE B 822 -34.87 -6.53 -58.66
C ILE B 822 -33.77 -7.24 -59.45
N HIS B 823 -32.52 -7.06 -58.99
CA HIS B 823 -31.36 -7.65 -59.65
C HIS B 823 -30.51 -8.37 -58.62
N ALA B 824 -30.14 -9.61 -58.93
CA ALA B 824 -29.24 -10.39 -58.09
C ALA B 824 -28.02 -10.93 -58.82
N GLY B 825 -28.02 -10.95 -60.15
CA GLY B 825 -26.88 -11.48 -60.89
C GLY B 825 -26.69 -12.97 -60.62
N THR B 826 -25.43 -13.38 -60.58
CA THR B 826 -25.07 -14.77 -60.33
C THR B 826 -25.20 -15.16 -58.87
N THR B 827 -25.57 -14.23 -57.99
CA THR B 827 -25.56 -14.50 -56.56
C THR B 827 -26.85 -15.19 -56.13
N ALA B 828 -26.80 -15.79 -54.95
CA ALA B 828 -27.91 -16.59 -54.42
C ALA B 828 -28.75 -15.72 -53.49
N ALA B 829 -29.60 -14.88 -54.09
CA ALA B 829 -30.52 -14.06 -53.34
C ALA B 829 -31.79 -14.84 -53.03
N THR B 830 -32.70 -14.21 -52.28
CA THR B 830 -33.96 -14.86 -51.92
C THR B 830 -35.04 -13.80 -51.81
N ILE B 831 -35.97 -13.81 -52.76
CA ILE B 831 -37.12 -12.90 -52.76
C ILE B 831 -38.32 -13.65 -52.20
N ASN B 832 -38.94 -13.11 -51.16
CA ASN B 832 -40.10 -13.72 -50.52
C ASN B 832 -41.31 -12.81 -50.71
N LEU B 833 -42.37 -13.36 -51.29
CA LEU B 833 -43.60 -12.62 -51.54
C LEU B 833 -44.74 -13.28 -50.76
N GLY B 834 -45.36 -12.51 -49.86
CA GLY B 834 -46.41 -13.02 -49.01
C GLY B 834 -45.90 -13.58 -47.69
N ASP B 835 -46.83 -13.75 -46.77
CA ASP B 835 -46.53 -14.21 -45.41
C ASP B 835 -46.78 -15.71 -45.29
N SER B 836 -45.77 -16.42 -44.78
CA SER B 836 -45.88 -17.87 -44.62
C SER B 836 -46.73 -18.25 -43.41
N ASP B 837 -46.62 -17.51 -42.32
CA ASP B 837 -47.28 -17.87 -41.08
C ASP B 837 -48.80 -17.92 -41.24
N ALA B 838 -49.41 -18.85 -40.51
CA ALA B 838 -50.85 -18.83 -40.34
C ALA B 838 -51.26 -17.63 -39.48
N ASP B 839 -52.54 -17.26 -39.58
CA ASP B 839 -53.02 -16.00 -39.03
C ASP B 839 -52.20 -14.84 -39.59
N ALA B 840 -52.09 -14.80 -40.91
CA ALA B 840 -51.32 -13.78 -41.59
C ALA B 840 -52.05 -12.43 -41.51
N GLY B 841 -51.43 -11.41 -42.08
CA GLY B 841 -51.99 -10.07 -42.01
C GLY B 841 -53.32 -9.97 -42.75
N LYS B 842 -54.25 -9.25 -42.15
CA LYS B 842 -55.53 -8.92 -42.74
C LYS B 842 -55.58 -7.42 -43.03
N THR B 843 -56.70 -6.97 -43.61
CA THR B 843 -56.87 -5.56 -43.91
C THR B 843 -58.34 -5.26 -44.08
N ASP B 844 -58.69 -4.00 -43.84
CA ASP B 844 -60.03 -3.48 -44.11
C ASP B 844 -60.03 -2.43 -45.22
N SER B 845 -58.86 -2.06 -45.73
CA SER B 845 -58.77 -1.05 -46.76
C SER B 845 -59.40 -1.53 -48.07
N PRO B 846 -60.03 -0.63 -48.83
CA PRO B 846 -60.55 -1.02 -50.15
C PRO B 846 -59.47 -1.35 -51.16
N LEU B 847 -58.20 -1.09 -50.85
CA LEU B 847 -57.10 -1.46 -51.74
C LEU B 847 -56.89 -2.97 -51.81
N PHE B 848 -57.55 -3.74 -50.94
CA PHE B 848 -57.43 -5.19 -51.01
C PHE B 848 -57.91 -5.71 -52.35
N SER B 849 -59.08 -5.25 -52.80
CA SER B 849 -59.63 -5.66 -54.08
C SER B 849 -59.14 -4.81 -55.25
N SER B 850 -58.81 -3.54 -55.02
CA SER B 850 -58.46 -2.66 -56.12
C SER B 850 -57.02 -2.84 -56.57
N LEU B 851 -56.07 -2.72 -55.65
CA LEU B 851 -54.66 -2.83 -55.97
C LEU B 851 -54.05 -4.16 -55.56
N MET B 852 -54.38 -4.64 -54.35
CA MET B 852 -53.80 -5.89 -53.87
C MET B 852 -54.39 -7.11 -54.57
N LYS B 853 -55.59 -6.96 -55.16
CA LYS B 853 -56.27 -8.03 -55.88
C LYS B 853 -56.62 -9.21 -54.98
N GLY B 854 -56.65 -9.01 -53.67
CA GLY B 854 -56.94 -10.08 -52.75
C GLY B 854 -55.74 -10.85 -52.24
N TYR B 855 -54.53 -10.42 -52.57
CA TYR B 855 -53.32 -11.15 -52.19
C TYR B 855 -52.63 -10.47 -51.02
N ASN B 856 -51.67 -11.20 -50.44
CA ASN B 856 -50.98 -10.74 -49.23
C ASN B 856 -49.80 -9.84 -49.53
N ALA B 857 -49.37 -9.75 -50.79
CA ALA B 857 -48.27 -8.90 -51.22
C ALA B 857 -48.29 -8.84 -52.73
N VAL B 858 -47.80 -7.73 -53.29
CA VAL B 858 -47.80 -7.51 -54.72
C VAL B 858 -46.43 -6.99 -55.15
N LEU B 859 -45.94 -7.51 -56.27
CA LEU B 859 -44.68 -7.08 -56.86
C LEU B 859 -44.90 -6.84 -58.35
N ARG B 860 -44.49 -5.67 -58.83
CA ARG B 860 -44.68 -5.31 -60.23
C ARG B 860 -43.36 -5.20 -60.99
N GLY B 861 -42.25 -5.59 -60.36
CA GLY B 861 -40.96 -5.62 -61.00
C GLY B 861 -40.71 -6.93 -61.71
N SER B 862 -39.43 -7.21 -61.97
CA SER B 862 -39.02 -8.46 -62.57
C SER B 862 -37.81 -8.99 -61.82
N ILE B 863 -37.77 -10.31 -61.63
CA ILE B 863 -36.72 -10.97 -60.87
C ILE B 863 -35.64 -11.44 -61.82
N THR B 864 -34.40 -11.05 -61.55
CA THR B 864 -33.25 -11.42 -62.38
C THR B 864 -32.24 -12.13 -61.48
N GLY B 865 -32.52 -13.39 -61.18
CA GLY B 865 -31.63 -14.19 -60.35
C GLY B 865 -31.70 -15.67 -60.67
N ALA B 866 -30.91 -16.10 -61.66
CA ALA B 866 -30.95 -17.50 -62.11
C ALA B 866 -30.59 -18.48 -61.00
N GLN B 867 -29.91 -18.03 -59.95
CA GLN B 867 -29.53 -18.86 -58.83
C GLN B 867 -30.21 -18.40 -57.54
N SER B 868 -31.47 -18.00 -57.64
CA SER B 868 -32.20 -17.44 -56.51
C SER B 868 -33.57 -18.10 -56.39
N THR B 869 -34.08 -18.15 -55.16
CA THR B 869 -35.35 -18.79 -54.85
C THR B 869 -36.40 -17.73 -54.58
N VAL B 870 -37.60 -17.93 -55.13
CA VAL B 870 -38.73 -17.04 -54.94
C VAL B 870 -39.86 -17.83 -54.31
N ASN B 871 -40.32 -17.38 -53.14
CA ASN B 871 -41.41 -18.03 -52.42
C ASN B 871 -42.63 -17.12 -52.43
N MET B 872 -43.73 -17.63 -52.97
CA MET B 872 -44.99 -16.90 -53.05
C MET B 872 -46.06 -17.66 -52.29
N ILE B 873 -46.72 -16.99 -51.35
CA ILE B 873 -47.77 -17.58 -50.53
C ILE B 873 -48.91 -16.58 -50.51
N ASN B 874 -49.96 -16.84 -51.30
CA ASN B 874 -51.09 -15.92 -51.45
C ASN B 874 -50.62 -14.54 -51.91
N ALA B 875 -49.66 -14.52 -52.83
CA ALA B 875 -49.04 -13.30 -53.29
C ALA B 875 -49.34 -13.08 -54.78
N LEU B 876 -49.19 -11.83 -55.21
CA LEU B 876 -49.39 -11.43 -56.59
C LEU B 876 -48.09 -10.87 -57.15
N TRP B 877 -47.73 -11.29 -58.35
CA TRP B 877 -46.46 -10.88 -58.97
C TRP B 877 -46.72 -10.52 -60.43
N TYR B 878 -46.76 -9.22 -60.71
CA TYR B 878 -46.77 -8.73 -62.09
C TYR B 878 -45.33 -8.76 -62.60
N SER B 879 -45.06 -9.60 -63.60
CA SER B 879 -43.71 -9.74 -64.16
C SER B 879 -43.62 -8.89 -65.42
N ASP B 880 -43.34 -7.60 -65.22
CA ASP B 880 -43.32 -6.65 -66.33
C ASP B 880 -42.44 -7.13 -67.48
N GLY B 881 -41.28 -7.67 -67.16
CA GLY B 881 -40.37 -8.12 -68.20
C GLY B 881 -39.98 -9.58 -68.06
N LYS B 882 -38.95 -10.00 -68.80
CA LYS B 882 -38.47 -11.36 -68.72
C LYS B 882 -37.80 -11.61 -67.38
N SER B 883 -38.14 -12.73 -66.74
CA SER B 883 -37.66 -13.04 -65.40
C SER B 883 -36.96 -14.40 -65.39
N GLU B 884 -35.96 -14.51 -64.54
CA GLU B 884 -35.22 -15.76 -64.34
C GLU B 884 -35.09 -16.01 -62.85
N ALA B 885 -35.34 -17.26 -62.44
CA ALA B 885 -35.23 -17.64 -61.05
C ALA B 885 -34.77 -19.10 -60.97
N GLY B 886 -34.01 -19.41 -59.92
CA GLY B 886 -33.59 -20.77 -59.68
C GLY B 886 -34.76 -21.68 -59.38
N ALA B 887 -35.54 -21.32 -58.37
CA ALA B 887 -36.74 -22.08 -58.00
C ALA B 887 -37.87 -21.11 -57.72
N LEU B 888 -39.10 -21.62 -57.83
CA LEU B 888 -40.30 -20.84 -57.54
C LEU B 888 -41.30 -21.77 -56.87
N LYS B 889 -41.51 -21.57 -55.56
CA LYS B 889 -42.45 -22.36 -54.78
C LYS B 889 -43.61 -21.43 -54.43
N ALA B 890 -44.70 -21.54 -55.17
CA ALA B 890 -45.87 -20.69 -54.99
C ALA B 890 -47.06 -21.52 -54.52
N LYS B 891 -47.80 -20.98 -53.55
CA LYS B 891 -48.98 -21.63 -53.01
C LYS B 891 -50.13 -20.63 -52.99
N GLY B 892 -51.21 -20.96 -53.70
CA GLY B 892 -52.38 -20.10 -53.74
C GLY B 892 -52.11 -18.69 -54.21
N SER B 893 -51.26 -18.54 -55.23
CA SER B 893 -50.81 -17.24 -55.69
C SER B 893 -51.34 -16.96 -57.10
N ARG B 894 -50.93 -15.82 -57.65
CA ARG B 894 -51.25 -15.44 -59.01
C ARG B 894 -50.07 -14.73 -59.65
N ILE B 895 -49.92 -14.93 -60.95
CA ILE B 895 -48.91 -14.27 -61.77
C ILE B 895 -49.59 -13.83 -63.07
N GLU B 896 -49.44 -12.56 -63.42
CA GLU B 896 -50.02 -12.04 -64.65
C GLU B 896 -48.97 -11.85 -65.75
N LEU B 897 -47.73 -12.26 -65.49
CA LEU B 897 -46.62 -12.32 -66.46
C LEU B 897 -46.40 -10.97 -67.16
N GLY B 898 -46.36 -10.93 -68.48
CA GLY B 898 -45.70 -9.89 -69.25
C GLY B 898 -46.46 -8.58 -69.41
N ASP B 899 -45.80 -7.66 -70.13
CA ASP B 899 -46.36 -6.37 -70.52
C ASP B 899 -47.22 -6.56 -71.77
N GLY B 900 -47.66 -5.45 -72.36
CA GLY B 900 -48.44 -5.48 -73.59
C GLY B 900 -47.59 -5.47 -74.84
N LYS B 901 -47.99 -6.31 -75.81
CA LYS B 901 -47.38 -6.42 -77.13
C LYS B 901 -45.97 -7.00 -77.02
N HIS B 902 -45.10 -6.38 -76.25
CA HIS B 902 -43.81 -7.01 -75.98
C HIS B 902 -44.07 -8.25 -75.12
N PHE B 903 -43.48 -9.37 -75.53
CA PHE B 903 -43.74 -10.65 -74.88
C PHE B 903 -42.57 -11.01 -73.99
N ALA B 904 -42.87 -11.43 -72.77
CA ALA B 904 -41.86 -11.73 -71.76
C ALA B 904 -41.77 -13.25 -71.57
N THR B 905 -40.91 -13.65 -70.65
CA THR B 905 -40.68 -15.05 -70.35
C THR B 905 -40.47 -15.22 -68.86
N LEU B 906 -40.82 -16.39 -68.35
CA LEU B 906 -40.58 -16.75 -66.96
C LEU B 906 -39.85 -18.08 -66.96
N GLN B 907 -38.56 -18.04 -66.65
CA GLN B 907 -37.68 -19.20 -66.74
C GLN B 907 -37.30 -19.61 -65.32
N VAL B 908 -37.73 -20.80 -64.92
CA VAL B 908 -37.40 -21.36 -63.61
C VAL B 908 -36.87 -22.77 -63.83
N LYS B 909 -35.78 -23.10 -63.12
CA LYS B 909 -35.28 -24.47 -63.17
C LYS B 909 -36.21 -25.42 -62.43
N GLU B 910 -36.75 -24.98 -61.30
CA GLU B 910 -37.63 -25.78 -60.47
C GLU B 910 -38.90 -25.00 -60.20
N LEU B 911 -40.06 -25.60 -60.45
CA LEU B 911 -41.34 -24.99 -60.17
C LEU B 911 -42.18 -25.94 -59.35
N SER B 912 -42.79 -25.41 -58.28
CA SER B 912 -43.65 -26.20 -57.39
C SER B 912 -44.81 -25.28 -57.01
N ALA B 913 -45.79 -25.19 -57.92
CA ALA B 913 -46.93 -24.29 -57.77
C ALA B 913 -48.14 -25.09 -57.32
N ASP B 914 -48.70 -24.70 -56.18
CA ASP B 914 -49.91 -25.33 -55.63
C ASP B 914 -50.99 -24.25 -55.56
N ASN B 915 -52.11 -24.49 -56.25
CA ASN B 915 -53.25 -23.58 -56.30
C ASN B 915 -52.91 -22.24 -56.94
N THR B 916 -51.75 -22.12 -57.57
CA THR B 916 -51.34 -20.87 -58.18
C THR B 916 -52.06 -20.65 -59.50
N THR B 917 -52.11 -19.40 -59.94
CA THR B 917 -52.79 -19.01 -61.17
C THR B 917 -51.81 -18.25 -62.07
N PHE B 918 -51.78 -18.62 -63.35
CA PHE B 918 -50.92 -17.99 -64.33
C PHE B 918 -51.77 -17.33 -65.41
N LEU B 919 -51.28 -16.21 -65.92
CA LEU B 919 -52.03 -15.41 -66.90
C LEU B 919 -51.09 -14.99 -68.02
N MET B 920 -51.52 -15.22 -69.27
CA MET B 920 -50.76 -14.85 -70.44
C MET B 920 -51.63 -14.04 -71.38
N HIS B 921 -50.96 -13.29 -72.28
CA HIS B 921 -51.62 -12.58 -73.35
C HIS B 921 -51.20 -13.19 -74.68
N THR B 922 -52.05 -13.06 -75.69
CA THR B 922 -51.73 -13.62 -77.00
C THR B 922 -52.25 -12.70 -78.09
N ASN B 923 -51.47 -12.57 -79.16
CA ASN B 923 -51.94 -11.96 -80.40
C ASN B 923 -52.39 -13.00 -81.41
N ASN B 924 -52.68 -14.21 -80.95
CA ASN B 924 -53.12 -15.40 -81.68
C ASN B 924 -51.96 -16.08 -82.38
N SER B 925 -50.76 -15.50 -82.36
CA SER B 925 -49.57 -16.11 -82.94
C SER B 925 -48.36 -16.12 -82.03
N ARG B 926 -48.34 -15.34 -80.95
CA ARG B 926 -47.22 -15.29 -80.03
C ARG B 926 -47.75 -14.90 -78.66
N ALA B 927 -47.10 -15.39 -77.60
CA ALA B 927 -47.63 -15.22 -76.26
C ALA B 927 -46.49 -15.19 -75.25
N ASP B 928 -46.83 -14.74 -74.03
CA ASP B 928 -45.92 -14.86 -72.90
C ASP B 928 -45.82 -16.32 -72.49
N GLN B 929 -44.60 -16.75 -72.18
CA GLN B 929 -44.32 -18.17 -71.97
C GLN B 929 -43.78 -18.42 -70.57
N LEU B 930 -44.20 -19.54 -69.98
CA LEU B 930 -43.62 -20.07 -68.75
C LEU B 930 -42.73 -21.24 -69.11
N ASN B 931 -41.50 -21.25 -68.61
CA ASN B 931 -40.49 -22.20 -69.03
C ASN B 931 -39.88 -22.86 -67.80
N VAL B 932 -40.08 -24.17 -67.67
CA VAL B 932 -39.49 -24.98 -66.61
C VAL B 932 -38.42 -25.88 -67.22
N THR B 933 -37.28 -25.96 -66.55
CA THR B 933 -36.10 -26.62 -67.12
C THR B 933 -35.71 -27.91 -66.43
N ASP B 934 -35.71 -27.95 -65.10
CA ASP B 934 -35.19 -29.11 -64.37
C ASP B 934 -36.26 -29.93 -63.67
N LYS B 935 -37.29 -29.30 -63.10
CA LYS B 935 -38.25 -30.05 -62.31
C LYS B 935 -39.53 -29.22 -62.14
N LEU B 936 -40.67 -29.90 -62.23
CA LEU B 936 -41.98 -29.28 -62.06
C LEU B 936 -42.82 -30.12 -61.11
N SER B 937 -43.64 -29.44 -60.32
CA SER B 937 -44.48 -30.11 -59.33
C SER B 937 -45.75 -29.29 -59.13
N GLY B 938 -46.64 -29.80 -58.27
CA GLY B 938 -47.87 -29.12 -57.94
C GLY B 938 -49.04 -29.60 -58.77
N SER B 939 -50.23 -29.22 -58.31
CA SER B 939 -51.48 -29.55 -58.98
C SER B 939 -52.49 -28.46 -58.70
N ASN B 940 -53.57 -28.46 -59.48
CA ASN B 940 -54.70 -27.54 -59.31
C ASN B 940 -54.30 -26.10 -59.63
N ASN B 941 -53.51 -25.92 -60.69
CA ASN B 941 -53.13 -24.60 -61.17
C ASN B 941 -54.04 -24.19 -62.32
N SER B 942 -54.43 -22.92 -62.33
CA SER B 942 -55.31 -22.38 -63.36
C SER B 942 -54.52 -21.45 -64.28
N VAL B 943 -54.90 -21.46 -65.55
CA VAL B 943 -54.25 -20.65 -66.57
C VAL B 943 -55.32 -19.81 -67.27
N LEU B 944 -55.08 -18.50 -67.34
CA LEU B 944 -55.99 -17.57 -67.99
C LEU B 944 -55.26 -16.91 -69.15
N VAL B 945 -55.99 -16.64 -70.22
CA VAL B 945 -55.44 -16.01 -71.42
C VAL B 945 -56.19 -14.71 -71.69
N ASP B 946 -55.45 -13.67 -72.07
CA ASP B 946 -56.01 -12.38 -72.44
C ASP B 946 -55.70 -12.13 -73.90
N PHE B 947 -56.72 -12.20 -74.75
CA PHE B 947 -56.55 -12.08 -76.19
C PHE B 947 -56.55 -10.60 -76.56
N LEU B 948 -55.40 -10.10 -77.02
CA LEU B 948 -55.33 -8.72 -77.50
C LEU B 948 -56.23 -8.52 -78.71
N ASN B 949 -55.99 -9.29 -79.76
CA ASN B 949 -56.92 -9.37 -80.87
C ASN B 949 -58.06 -10.32 -80.52
N LYS B 950 -59.05 -10.38 -81.41
CA LYS B 950 -60.16 -11.30 -81.18
C LYS B 950 -59.67 -12.73 -81.30
N PRO B 951 -60.15 -13.64 -80.44
CA PRO B 951 -59.58 -15.00 -80.42
C PRO B 951 -59.87 -15.76 -81.70
N ALA B 952 -58.82 -16.37 -82.25
CA ALA B 952 -58.97 -17.19 -83.46
C ALA B 952 -59.59 -18.53 -83.11
N SER B 953 -60.24 -19.13 -84.11
CA SER B 953 -60.83 -20.46 -83.92
C SER B 953 -59.77 -21.52 -83.69
N GLU B 954 -58.65 -21.43 -84.42
CA GLU B 954 -57.59 -22.42 -84.32
C GLU B 954 -56.24 -21.72 -84.26
N MET B 955 -55.42 -22.07 -83.25
CA MET B 955 -54.08 -21.54 -83.11
C MET B 955 -53.17 -22.63 -82.56
N SER B 956 -51.86 -22.34 -82.57
CA SER B 956 -50.85 -23.26 -82.02
C SER B 956 -49.75 -22.40 -81.38
N VAL B 957 -50.02 -21.90 -80.17
CA VAL B 957 -49.07 -21.10 -79.42
C VAL B 957 -48.71 -21.85 -78.14
N THR B 958 -47.42 -22.02 -77.89
CA THR B 958 -46.96 -22.73 -76.70
C THR B 958 -46.95 -21.80 -75.51
N LEU B 959 -47.76 -22.11 -74.50
CA LEU B 959 -47.86 -21.28 -73.30
C LEU B 959 -46.87 -21.71 -72.22
N ILE B 960 -46.78 -23.00 -71.93
CA ILE B 960 -45.96 -23.52 -70.84
C ILE B 960 -45.14 -24.70 -71.36
N THR B 961 -43.90 -24.80 -70.88
CA THR B 961 -43.05 -25.95 -71.14
C THR B 961 -42.54 -26.50 -69.82
N ALA B 962 -42.66 -27.81 -69.65
CA ALA B 962 -42.29 -28.50 -68.42
C ALA B 962 -41.34 -29.65 -68.76
N PRO B 963 -40.62 -30.18 -67.77
CA PRO B 963 -39.70 -31.29 -68.04
C PRO B 963 -40.42 -32.50 -68.63
N LYS B 964 -39.60 -33.46 -69.07
CA LYS B 964 -40.12 -34.70 -69.64
C LYS B 964 -40.96 -35.45 -68.62
N GLY B 965 -42.05 -36.06 -69.09
CA GLY B 965 -42.88 -36.84 -68.20
C GLY B 965 -43.66 -36.04 -67.19
N SER B 966 -43.80 -34.73 -67.41
CA SER B 966 -44.53 -33.91 -66.46
C SER B 966 -46.03 -34.19 -66.53
N ASP B 967 -46.68 -34.06 -65.37
CA ASP B 967 -48.12 -34.25 -65.29
C ASP B 967 -48.83 -33.23 -66.18
N GLU B 968 -49.80 -33.70 -66.95
CA GLU B 968 -50.54 -32.82 -67.85
C GLU B 968 -51.71 -32.13 -67.18
N LYS B 969 -52.05 -32.50 -65.95
CA LYS B 969 -53.14 -31.87 -65.21
C LYS B 969 -52.64 -30.84 -64.20
N THR B 970 -51.36 -30.50 -64.24
CA THR B 970 -50.86 -29.44 -63.37
C THR B 970 -51.55 -28.11 -63.67
N PHE B 971 -51.70 -27.79 -64.95
CA PHE B 971 -52.32 -26.54 -65.39
C PHE B 971 -53.63 -26.84 -66.10
N THR B 972 -54.67 -26.08 -65.74
CA THR B 972 -55.99 -26.23 -66.32
C THR B 972 -56.50 -24.86 -66.74
N ALA B 973 -57.19 -24.81 -67.89
CA ALA B 973 -57.71 -23.55 -68.38
C ALA B 973 -58.73 -22.95 -67.41
N GLY B 974 -58.83 -21.63 -67.42
CA GLY B 974 -59.72 -20.92 -66.53
C GLY B 974 -60.60 -19.94 -67.28
N THR B 975 -61.86 -19.87 -66.86
CA THR B 975 -62.82 -18.98 -67.49
C THR B 975 -62.58 -17.53 -67.09
N GLN B 976 -62.70 -16.63 -68.06
CA GLN B 976 -62.57 -15.19 -67.83
C GLN B 976 -63.76 -14.48 -68.45
N GLN B 977 -64.41 -13.62 -67.67
CA GLN B 977 -65.60 -12.92 -68.14
C GLN B 977 -65.20 -11.78 -69.07
N ILE B 978 -65.65 -11.85 -70.32
CA ILE B 978 -65.29 -10.86 -71.33
C ILE B 978 -66.56 -10.49 -72.11
N GLY B 979 -66.91 -9.21 -72.09
CA GLY B 979 -67.98 -8.69 -72.91
C GLY B 979 -69.37 -9.25 -72.63
N PHE B 980 -69.80 -9.17 -71.37
CA PHE B 980 -71.11 -9.66 -70.92
C PHE B 980 -71.27 -11.16 -71.18
N SER B 981 -70.17 -11.85 -71.48
CA SER B 981 -70.18 -13.28 -71.73
C SER B 981 -68.95 -13.90 -71.12
N ASN B 982 -68.91 -15.22 -71.08
CA ASN B 982 -67.80 -15.97 -70.51
C ASN B 982 -66.96 -16.55 -71.62
N VAL B 983 -65.69 -16.13 -71.69
CA VAL B 983 -64.73 -16.66 -72.64
C VAL B 983 -63.77 -17.55 -71.88
N THR B 984 -63.37 -18.66 -72.50
CA THR B 984 -62.50 -19.61 -71.82
C THR B 984 -61.52 -20.21 -72.82
N PRO B 985 -60.22 -20.03 -72.62
CA PRO B 985 -59.25 -20.67 -73.51
C PRO B 985 -59.29 -22.18 -73.34
N VAL B 986 -58.81 -22.87 -74.37
CA VAL B 986 -58.66 -24.32 -74.33
C VAL B 986 -57.19 -24.65 -74.56
N ILE B 987 -56.60 -25.41 -73.64
CA ILE B 987 -55.20 -25.76 -73.68
C ILE B 987 -55.09 -27.26 -73.94
N SER B 988 -54.48 -27.62 -75.06
CA SER B 988 -54.15 -28.99 -75.37
C SER B 988 -52.70 -29.26 -74.97
N THR B 989 -52.42 -30.49 -74.56
CA THR B 989 -51.12 -30.88 -74.05
C THR B 989 -50.46 -31.84 -75.02
N GLU B 990 -49.19 -31.56 -75.35
CA GLU B 990 -48.42 -32.37 -76.29
C GLU B 990 -47.20 -32.90 -75.56
N LYS B 991 -47.12 -34.21 -75.39
CA LYS B 991 -45.91 -34.82 -74.86
C LYS B 991 -44.87 -34.95 -75.97
N THR B 992 -43.61 -34.66 -75.63
CA THR B 992 -42.54 -34.67 -76.60
C THR B 992 -41.36 -35.41 -75.97
N ASP B 993 -40.35 -35.72 -76.79
CA ASP B 993 -39.20 -36.44 -76.30
C ASP B 993 -38.25 -35.57 -75.49
N ASP B 994 -38.49 -34.27 -75.42
CA ASP B 994 -37.67 -33.35 -74.64
C ASP B 994 -38.43 -32.73 -73.47
N ALA B 995 -39.62 -32.18 -73.73
CA ALA B 995 -40.33 -31.44 -72.70
C ALA B 995 -41.82 -31.52 -72.96
N THR B 996 -42.59 -31.58 -71.87
CA THR B 996 -44.05 -31.50 -71.95
C THR B 996 -44.49 -30.06 -72.09
N LYS B 997 -45.53 -29.83 -72.90
CA LYS B 997 -45.94 -28.49 -73.26
C LYS B 997 -47.45 -28.33 -73.14
N TRP B 998 -47.87 -27.11 -72.80
CA TRP B 998 -49.26 -26.69 -72.82
C TRP B 998 -49.44 -25.70 -73.97
N VAL B 999 -50.41 -25.98 -74.85
CA VAL B 999 -50.58 -25.23 -76.09
C VAL B 999 -52.01 -24.70 -76.16
N LEU B 1000 -52.15 -23.41 -76.44
CA LEU B 1000 -53.46 -22.82 -76.66
C LEU B 1000 -53.90 -23.09 -78.10
N THR B 1001 -55.15 -23.53 -78.26
CA THR B 1001 -55.66 -23.94 -79.57
C THR B 1001 -56.98 -23.27 -79.97
N GLY B 1002 -57.74 -22.71 -79.03
CA GLY B 1002 -59.02 -22.12 -79.35
C GLY B 1002 -59.67 -21.47 -78.15
N TYR B 1003 -60.98 -21.58 -78.01
CA TYR B 1003 -61.68 -20.95 -76.89
C TYR B 1003 -63.07 -21.56 -76.76
N GLN B 1004 -63.82 -21.04 -75.78
CA GLN B 1004 -65.22 -21.38 -75.57
C GLN B 1004 -65.98 -20.08 -75.32
N THR B 1005 -67.31 -20.15 -75.36
CA THR B 1005 -68.12 -18.96 -75.20
C THR B 1005 -69.49 -19.37 -74.68
N THR B 1006 -70.12 -18.45 -73.94
CA THR B 1006 -71.45 -18.65 -73.37
C THR B 1006 -71.89 -17.40 -72.61
#